data_1FTZ
#
_entry.id   1FTZ
#
_cell.length_a   1.000
_cell.length_b   1.000
_cell.length_c   1.000
_cell.angle_alpha   90.00
_cell.angle_beta   90.00
_cell.angle_gamma   90.00
#
_symmetry.space_group_name_H-M   'P 1'
#
_entity_poly.entity_id   1
_entity_poly.type   'polypeptide(L)'
_entity_poly.pdbx_seq_one_letter_code
;MDSKRTRQTYTRYQTLELEKEFHFNRYITRRRRIDIANALSLSERQIKIWFQNRRMKSKKDRTLDSSPEH
;
_entity_poly.pdbx_strand_id   A
#
# COMPACT_ATOMS: atom_id res chain seq x y z
N MET A 1 -2.43 -17.55 -22.37
CA MET A 1 -3.67 -16.87 -22.74
C MET A 1 -3.48 -15.38 -22.47
N ASP A 2 -4.55 -14.58 -22.50
CA ASP A 2 -4.49 -13.20 -22.07
C ASP A 2 -4.18 -13.13 -20.57
N SER A 3 -3.72 -11.97 -20.09
CA SER A 3 -3.49 -11.68 -18.69
C SER A 3 -3.45 -10.16 -18.52
N LYS A 4 -3.25 -9.68 -17.29
CA LYS A 4 -3.22 -8.28 -16.89
C LYS A 4 -3.30 -8.11 -15.37
N ARG A 5 -3.81 -9.13 -14.64
CA ARG A 5 -3.86 -9.22 -13.19
C ARG A 5 -4.08 -7.88 -12.47
N THR A 6 -5.35 -7.52 -12.25
CA THR A 6 -5.79 -6.57 -11.24
C THR A 6 -5.03 -5.25 -11.27
N ARG A 7 -5.58 -4.29 -12.01
CA ARG A 7 -5.08 -2.93 -12.07
C ARG A 7 -5.43 -2.17 -10.79
N GLN A 8 -6.62 -2.48 -10.26
CA GLN A 8 -7.21 -2.04 -9.00
C GLN A 8 -7.46 -3.30 -8.17
N THR A 9 -8.01 -3.15 -6.97
CA THR A 9 -8.42 -4.19 -6.06
C THR A 9 -7.26 -4.95 -5.39
N TYR A 10 -7.52 -5.44 -4.18
CA TYR A 10 -6.52 -5.94 -3.26
C TYR A 10 -7.09 -7.14 -2.51
N THR A 11 -6.20 -7.92 -1.90
CA THR A 11 -6.49 -9.12 -1.13
C THR A 11 -5.67 -9.07 0.15
N ARG A 12 -5.93 -9.98 1.10
CA ARG A 12 -5.08 -10.13 2.27
C ARG A 12 -3.64 -10.38 1.82
N TYR A 13 -3.44 -11.33 0.91
CA TYR A 13 -2.13 -11.64 0.33
C TYR A 13 -1.53 -10.37 -0.27
N GLN A 14 -2.26 -9.74 -1.21
CA GLN A 14 -1.74 -8.58 -1.92
C GLN A 14 -1.29 -7.52 -0.93
N THR A 15 -2.17 -7.17 0.01
CA THR A 15 -1.91 -6.22 1.06
C THR A 15 -0.72 -6.67 1.91
N LEU A 16 -0.55 -7.96 2.21
CA LEU A 16 0.62 -8.44 2.93
C LEU A 16 1.88 -8.12 2.12
N GLU A 17 1.91 -8.47 0.83
CA GLU A 17 3.08 -8.21 0.01
C GLU A 17 3.40 -6.72 0.00
N LEU A 18 2.37 -5.89 -0.17
CA LEU A 18 2.46 -4.44 -0.08
C LEU A 18 3.04 -4.00 1.28
N GLU A 19 2.52 -4.54 2.38
CA GLU A 19 2.97 -4.22 3.74
C GLU A 19 4.46 -4.53 3.92
N LYS A 20 4.90 -5.73 3.51
CA LYS A 20 6.31 -6.09 3.63
C LYS A 20 7.23 -5.34 2.66
N GLU A 21 6.68 -4.58 1.71
CA GLU A 21 7.45 -3.58 0.99
C GLU A 21 7.41 -2.27 1.76
N PHE A 22 6.26 -1.95 2.31
CA PHE A 22 6.02 -0.66 2.95
C PHE A 22 6.94 -0.48 4.15
N HIS A 23 7.08 -1.53 4.99
CA HIS A 23 8.04 -1.45 6.09
C HIS A 23 9.49 -1.38 5.59
N PHE A 24 9.74 -1.76 4.33
CA PHE A 24 11.06 -1.68 3.70
C PHE A 24 11.29 -0.22 3.28
N ASN A 25 10.34 0.32 2.52
CA ASN A 25 10.45 1.59 1.81
C ASN A 25 9.09 2.29 1.81
N ARG A 26 8.81 3.08 2.84
CA ARG A 26 7.54 3.81 2.97
C ARG A 26 7.28 4.71 1.75
N TYR A 27 8.34 5.09 1.05
CA TYR A 27 8.34 5.58 -0.32
C TYR A 27 9.22 4.62 -1.12
N ILE A 28 8.64 3.80 -2.00
CA ILE A 28 9.40 2.85 -2.80
C ILE A 28 10.18 3.59 -3.88
N THR A 29 11.25 2.96 -4.34
CA THR A 29 11.94 3.41 -5.54
C THR A 29 11.01 3.18 -6.72
N ARG A 30 11.04 4.01 -7.76
CA ARG A 30 10.13 3.76 -8.87
C ARG A 30 10.42 2.39 -9.49
N ARG A 31 11.70 2.01 -9.60
CA ARG A 31 12.09 0.68 -10.05
C ARG A 31 11.36 -0.39 -9.23
N ARG A 32 11.49 -0.35 -7.90
CA ARG A 32 10.88 -1.39 -7.07
C ARG A 32 9.36 -1.31 -7.19
N ARG A 33 8.79 -0.11 -7.20
CA ARG A 33 7.35 0.05 -7.28
C ARG A 33 6.84 -0.53 -8.61
N ILE A 34 7.55 -0.30 -9.71
CA ILE A 34 7.23 -0.92 -11.01
C ILE A 34 7.36 -2.44 -10.89
N ASP A 35 8.47 -2.93 -10.34
CA ASP A 35 8.74 -4.35 -10.18
C ASP A 35 7.57 -5.00 -9.44
N ILE A 36 7.33 -4.59 -8.20
CA ILE A 36 6.20 -5.02 -7.42
C ILE A 36 4.91 -4.86 -8.23
N ALA A 37 4.64 -3.68 -8.78
CA ALA A 37 3.44 -3.44 -9.56
C ALA A 37 3.30 -4.43 -10.72
N ASN A 38 4.41 -4.95 -11.23
CA ASN A 38 4.42 -5.95 -12.30
C ASN A 38 4.16 -7.34 -11.71
N ALA A 39 5.04 -7.81 -10.84
CA ALA A 39 5.04 -9.18 -10.33
C ALA A 39 3.88 -9.44 -9.36
N LEU A 40 3.69 -8.50 -8.43
CA LEU A 40 2.59 -8.53 -7.46
C LEU A 40 1.30 -8.40 -8.28
N SER A 41 1.33 -7.48 -9.25
CA SER A 41 0.27 -7.11 -10.16
C SER A 41 -0.80 -6.26 -9.47
N LEU A 42 -0.44 -5.01 -9.19
CA LEU A 42 -1.34 -3.93 -8.81
C LEU A 42 -0.68 -2.65 -9.25
N SER A 43 -1.45 -1.71 -9.78
CA SER A 43 -0.87 -0.67 -10.63
C SER A 43 0.02 0.31 -9.86
N GLU A 44 0.97 0.92 -10.59
CA GLU A 44 1.81 2.01 -10.09
C GLU A 44 0.97 3.09 -9.41
N ARG A 45 -0.15 3.45 -10.06
CA ARG A 45 -1.13 4.39 -9.56
C ARG A 45 -1.63 3.91 -8.19
N GLN A 46 -2.02 2.63 -8.13
CA GLN A 46 -2.65 2.08 -6.97
C GLN A 46 -1.66 2.17 -5.82
N ILE A 47 -0.46 1.62 -6.03
CA ILE A 47 0.56 1.54 -5.00
C ILE A 47 0.95 2.94 -4.54
N LYS A 48 1.06 3.92 -5.46
CA LYS A 48 1.24 5.29 -4.99
C LYS A 48 0.16 5.63 -3.96
N ILE A 49 -1.12 5.53 -4.33
CA ILE A 49 -2.22 5.91 -3.45
C ILE A 49 -2.22 5.09 -2.14
N TRP A 50 -1.99 3.77 -2.20
CA TRP A 50 -1.92 2.89 -1.05
C TRP A 50 -0.81 3.38 -0.11
N PHE A 51 0.40 3.59 -0.61
CA PHE A 51 1.54 4.03 0.19
C PHE A 51 1.32 5.45 0.72
N GLN A 52 0.73 6.32 -0.10
CA GLN A 52 0.39 7.69 0.26
C GLN A 52 -0.61 7.68 1.43
N ASN A 53 -1.62 6.81 1.36
CA ASN A 53 -2.62 6.62 2.39
C ASN A 53 -1.93 6.13 3.65
N ARG A 54 -1.15 5.07 3.50
CA ARG A 54 -0.63 4.24 4.58
C ARG A 54 -0.02 5.08 5.70
N ARG A 55 0.77 6.07 5.30
CA ARG A 55 1.34 7.12 6.17
C ARG A 55 0.44 7.43 7.36
N MET A 56 -0.84 7.68 7.10
CA MET A 56 -1.80 8.16 8.06
C MET A 56 -2.97 7.17 8.15
N LYS A 57 -2.71 5.85 8.07
CA LYS A 57 -3.81 4.90 8.18
C LYS A 57 -4.19 4.60 9.64
N SER A 58 -4.30 5.68 10.40
CA SER A 58 -4.99 5.86 11.68
C SER A 58 -4.95 4.64 12.57
N LYS A 59 -3.75 4.09 12.65
CA LYS A 59 -3.32 3.02 13.53
C LYS A 59 -1.82 2.88 13.29
N LYS A 60 -1.41 2.76 12.02
CA LYS A 60 0.01 2.85 11.67
C LYS A 60 0.39 4.32 11.48
N ASP A 61 -0.04 5.18 12.42
CA ASP A 61 -0.11 6.62 12.26
C ASP A 61 0.20 7.30 13.60
N ARG A 62 -0.77 7.27 14.51
CA ARG A 62 -0.83 8.20 15.64
C ARG A 62 -0.03 7.68 16.82
N THR A 63 1.29 7.60 16.66
CA THR A 63 2.16 7.34 17.80
C THR A 63 2.22 8.59 18.70
N LEU A 64 1.13 8.79 19.45
CA LEU A 64 0.90 9.93 20.33
C LEU A 64 2.10 10.15 21.25
N ASP A 65 2.88 11.21 21.01
CA ASP A 65 4.10 11.54 21.72
C ASP A 65 4.99 10.29 21.80
N SER A 66 5.10 9.65 20.64
CA SER A 66 5.82 8.43 20.39
C SER A 66 5.40 7.22 21.24
N SER A 67 4.22 7.25 21.86
CA SER A 67 3.72 6.09 22.59
C SER A 67 3.17 5.06 21.60
N PRO A 68 3.22 3.77 21.92
CA PRO A 68 2.64 2.73 21.09
C PRO A 68 1.11 2.73 21.27
N GLU A 69 0.42 3.66 20.60
CA GLU A 69 -1.05 3.69 20.60
C GLU A 69 -1.65 2.35 20.13
N HIS A 70 -0.89 1.61 19.32
CA HIS A 70 -1.16 0.26 18.84
C HIS A 70 -2.60 0.11 18.35
N MET A 1 -23.53 2.42 6.52
CA MET A 1 -22.41 3.09 7.20
C MET A 1 -21.11 2.41 6.77
N ASP A 2 -20.92 1.17 7.22
CA ASP A 2 -19.92 0.28 6.64
C ASP A 2 -20.32 -0.06 5.20
N SER A 3 -19.33 -0.55 4.47
CA SER A 3 -19.39 -1.25 3.20
C SER A 3 -20.25 -2.51 3.32
N LYS A 4 -21.57 -2.31 3.44
CA LYS A 4 -22.60 -3.34 3.44
C LYS A 4 -22.64 -4.06 2.07
N ARG A 5 -21.64 -4.90 1.81
CA ARG A 5 -21.26 -5.48 0.52
C ARG A 5 -20.28 -4.50 -0.16
N THR A 6 -19.60 -4.96 -1.21
CA THR A 6 -18.60 -4.25 -1.98
C THR A 6 -17.50 -3.68 -1.09
N ARG A 7 -16.42 -4.44 -0.93
CA ARG A 7 -15.18 -3.99 -0.33
C ARG A 7 -14.27 -3.48 -1.44
N GLN A 8 -13.21 -2.74 -1.09
CA GLN A 8 -12.21 -2.31 -2.05
C GLN A 8 -11.46 -3.53 -2.57
N THR A 9 -10.74 -3.34 -3.68
CA THR A 9 -9.95 -4.36 -4.34
C THR A 9 -8.66 -4.66 -3.55
N TYR A 10 -7.86 -5.60 -4.07
CA TYR A 10 -6.62 -6.15 -3.60
C TYR A 10 -6.81 -7.29 -2.61
N THR A 11 -5.90 -8.27 -2.66
CA THR A 11 -6.01 -9.49 -1.89
C THR A 11 -5.37 -9.32 -0.51
N ARG A 12 -5.66 -10.25 0.41
CA ARG A 12 -5.03 -10.25 1.73
C ARG A 12 -3.53 -10.48 1.55
N TYR A 13 -3.16 -11.48 0.74
CA TYR A 13 -1.78 -11.71 0.31
C TYR A 13 -1.16 -10.40 -0.18
N GLN A 14 -1.84 -9.75 -1.14
CA GLN A 14 -1.37 -8.53 -1.75
C GLN A 14 -1.05 -7.49 -0.69
N THR A 15 -2.03 -7.25 0.18
CA THR A 15 -1.91 -6.29 1.26
C THR A 15 -0.74 -6.67 2.16
N LEU A 16 -0.58 -7.93 2.54
CA LEU A 16 0.54 -8.39 3.36
C LEU A 16 1.86 -8.02 2.67
N GLU A 17 1.98 -8.37 1.40
CA GLU A 17 3.16 -8.11 0.60
C GLU A 17 3.49 -6.62 0.64
N LEU A 18 2.48 -5.81 0.32
CA LEU A 18 2.53 -4.35 0.35
C LEU A 18 2.87 -3.79 1.74
N GLU A 19 2.35 -4.42 2.80
CA GLU A 19 2.46 -3.94 4.16
C GLU A 19 3.94 -4.10 4.53
N LYS A 20 4.49 -5.30 4.27
CA LYS A 20 5.91 -5.59 4.42
C LYS A 20 6.73 -4.59 3.59
N GLU A 21 6.36 -4.39 2.33
CA GLU A 21 7.04 -3.46 1.43
C GLU A 21 7.07 -2.06 2.08
N PHE A 22 5.98 -1.63 2.73
CA PHE A 22 5.99 -0.32 3.39
C PHE A 22 7.03 -0.29 4.52
N HIS A 23 7.14 -1.39 5.27
CA HIS A 23 8.22 -1.52 6.25
C HIS A 23 9.59 -1.41 5.56
N PHE A 24 9.69 -1.91 4.32
CA PHE A 24 10.89 -1.76 3.49
C PHE A 24 11.12 -0.27 3.17
N ASN A 25 10.10 0.41 2.65
CA ASN A 25 10.21 1.68 1.95
C ASN A 25 9.00 2.56 2.30
N ARG A 26 9.19 3.75 2.85
CA ARG A 26 8.09 4.68 3.05
C ARG A 26 7.48 5.12 1.71
N TYR A 27 8.30 5.16 0.66
CA TYR A 27 7.90 5.29 -0.73
C TYR A 27 8.85 4.40 -1.54
N ILE A 28 8.31 3.46 -2.32
CA ILE A 28 9.16 2.57 -3.10
C ILE A 28 9.86 3.34 -4.21
N THR A 29 11.03 2.84 -4.59
CA THR A 29 11.76 3.34 -5.75
C THR A 29 10.91 3.10 -6.98
N ARG A 30 10.90 3.98 -7.97
CA ARG A 30 10.06 3.76 -9.14
C ARG A 30 10.35 2.38 -9.76
N ARG A 31 11.63 1.97 -9.85
CA ARG A 31 11.95 0.68 -10.45
C ARG A 31 11.36 -0.46 -9.62
N ARG A 32 11.60 -0.47 -8.30
CA ARG A 32 11.01 -1.49 -7.44
C ARG A 32 9.48 -1.46 -7.57
N ARG A 33 8.91 -0.26 -7.59
CA ARG A 33 7.47 -0.09 -7.63
C ARG A 33 6.90 -0.64 -8.95
N ILE A 34 7.60 -0.42 -10.08
CA ILE A 34 7.25 -1.05 -11.36
C ILE A 34 7.32 -2.56 -11.23
N ASP A 35 8.41 -3.09 -10.68
CA ASP A 35 8.65 -4.52 -10.49
C ASP A 35 7.45 -5.10 -9.75
N ILE A 36 7.27 -4.63 -8.52
CA ILE A 36 6.23 -5.06 -7.62
C ILE A 36 4.86 -4.88 -8.28
N ALA A 37 4.55 -3.70 -8.83
CA ALA A 37 3.30 -3.50 -9.56
C ALA A 37 3.10 -4.63 -10.55
N ASN A 38 4.14 -4.94 -11.32
CA ASN A 38 4.07 -5.95 -12.37
C ASN A 38 3.78 -7.33 -11.79
N ALA A 39 4.64 -7.80 -10.89
CA ALA A 39 4.56 -9.16 -10.34
C ALA A 39 3.40 -9.31 -9.34
N LEU A 40 3.38 -8.42 -8.35
CA LEU A 40 2.44 -8.40 -7.23
C LEU A 40 1.02 -8.16 -7.77
N SER A 41 0.94 -7.56 -8.96
CA SER A 41 -0.24 -7.42 -9.79
C SER A 41 -1.11 -6.27 -9.29
N LEU A 42 -0.51 -5.08 -9.27
CA LEU A 42 -1.14 -3.80 -8.94
C LEU A 42 -0.57 -2.74 -9.91
N SER A 43 -0.92 -1.45 -9.82
CA SER A 43 -0.32 -0.43 -10.68
C SER A 43 0.57 0.51 -9.88
N GLU A 44 1.50 1.17 -10.57
CA GLU A 44 2.38 2.20 -10.01
C GLU A 44 1.50 3.26 -9.34
N ARG A 45 0.52 3.77 -10.11
CA ARG A 45 -0.50 4.69 -9.65
C ARG A 45 -1.16 4.21 -8.35
N GLN A 46 -1.81 3.05 -8.39
CA GLN A 46 -2.56 2.56 -7.24
C GLN A 46 -1.63 2.43 -6.04
N ILE A 47 -0.46 1.82 -6.24
CA ILE A 47 0.55 1.70 -5.20
C ILE A 47 0.88 3.09 -4.64
N LYS A 48 1.10 4.10 -5.48
CA LYS A 48 1.39 5.45 -4.99
C LYS A 48 0.29 5.87 -3.99
N ILE A 49 -0.98 5.77 -4.39
CA ILE A 49 -2.12 6.09 -3.52
C ILE A 49 -2.09 5.23 -2.25
N TRP A 50 -1.78 3.93 -2.37
CA TRP A 50 -1.70 3.03 -1.23
C TRP A 50 -0.62 3.49 -0.26
N PHE A 51 0.60 3.82 -0.72
CA PHE A 51 1.70 4.27 0.12
C PHE A 51 1.40 5.65 0.70
N GLN A 52 0.60 6.46 0.00
CA GLN A 52 0.05 7.68 0.56
C GLN A 52 -0.86 7.35 1.75
N ASN A 53 -1.71 6.34 1.60
CA ASN A 53 -2.77 6.00 2.54
C ASN A 53 -2.17 5.35 3.79
N ARG A 54 -1.25 4.41 3.58
CA ARG A 54 -0.63 3.55 4.59
C ARG A 54 -0.12 4.38 5.77
N ARG A 55 0.79 5.32 5.51
CA ARG A 55 1.31 6.31 6.45
C ARG A 55 1.38 5.88 7.93
N MET A 56 1.82 4.64 8.17
CA MET A 56 1.79 3.97 9.47
C MET A 56 0.55 4.35 10.27
N LYS A 57 -0.61 4.09 9.67
CA LYS A 57 -1.93 4.52 10.13
C LYS A 57 -2.41 3.76 11.38
N SER A 58 -1.49 3.24 12.21
CA SER A 58 -1.71 2.55 13.48
C SER A 58 -3.00 1.73 13.49
N LYS A 59 -3.13 0.92 12.44
CA LYS A 59 -4.23 -0.01 12.20
C LYS A 59 -3.81 -0.94 11.06
N LYS A 60 -3.07 -0.38 10.11
CA LYS A 60 -2.21 -1.12 9.21
C LYS A 60 -0.78 -0.72 9.57
N ASP A 61 -0.39 -0.98 10.83
CA ASP A 61 0.94 -0.77 11.40
C ASP A 61 0.88 -1.34 12.82
N ARG A 62 -0.13 -0.90 13.57
CA ARG A 62 -0.62 -1.63 14.73
C ARG A 62 -1.58 -2.66 14.12
N THR A 63 -2.11 -3.58 14.94
CA THR A 63 -3.12 -4.56 14.57
C THR A 63 -2.71 -5.38 13.34
N LEU A 64 -1.66 -6.19 13.48
CA LEU A 64 -1.43 -7.29 12.57
C LEU A 64 -2.51 -8.35 12.81
N ASP A 65 -2.94 -9.06 11.77
CA ASP A 65 -3.80 -10.21 11.85
C ASP A 65 -2.91 -11.44 12.05
N SER A 66 -3.14 -12.52 11.32
CA SER A 66 -2.21 -13.63 11.17
C SER A 66 -1.99 -13.78 9.67
N SER A 67 -0.76 -13.57 9.20
CA SER A 67 -0.51 -13.25 7.80
C SER A 67 0.91 -13.54 7.29
N PRO A 68 1.94 -12.81 7.72
CA PRO A 68 3.32 -12.96 7.25
C PRO A 68 3.93 -14.26 7.78
N GLU A 69 3.44 -15.40 7.27
CA GLU A 69 3.61 -16.74 7.79
C GLU A 69 3.36 -16.76 9.30
N HIS A 70 2.11 -17.08 9.65
CA HIS A 70 1.47 -16.81 10.90
C HIS A 70 1.34 -15.30 11.17
N MET A 1 -15.22 16.87 -6.23
CA MET A 1 -15.52 16.60 -7.64
C MET A 1 -14.19 16.49 -8.36
N ASP A 2 -13.66 15.25 -8.42
CA ASP A 2 -12.24 15.00 -8.63
C ASP A 2 -12.03 13.52 -8.96
N SER A 3 -13.00 12.92 -9.66
CA SER A 3 -13.15 11.49 -9.84
C SER A 3 -11.87 10.78 -10.29
N LYS A 4 -11.27 9.98 -9.40
CA LYS A 4 -10.25 9.01 -9.75
C LYS A 4 -10.91 7.89 -10.58
N ARG A 5 -11.17 8.18 -11.86
CA ARG A 5 -11.83 7.30 -12.80
C ARG A 5 -10.92 6.14 -13.24
N THR A 6 -10.47 5.33 -12.27
CA THR A 6 -9.56 4.23 -12.45
C THR A 6 -9.84 3.23 -11.33
N ARG A 7 -10.68 2.23 -11.60
CA ARG A 7 -11.05 1.21 -10.64
C ARG A 7 -10.13 0.01 -10.83
N GLN A 8 -9.51 -0.45 -9.75
CA GLN A 8 -8.66 -1.63 -9.71
C GLN A 8 -8.81 -2.20 -8.30
N THR A 9 -8.55 -3.50 -8.11
CA THR A 9 -8.80 -4.23 -6.88
C THR A 9 -7.48 -4.41 -6.09
N TYR A 10 -7.57 -5.10 -4.95
CA TYR A 10 -6.46 -5.52 -4.11
C TYR A 10 -6.77 -6.96 -3.69
N THR A 11 -5.83 -7.59 -2.98
CA THR A 11 -6.01 -8.90 -2.36
C THR A 11 -5.42 -8.85 -0.95
N ARG A 12 -5.79 -9.84 -0.11
CA ARG A 12 -5.22 -9.99 1.21
C ARG A 12 -3.70 -10.12 1.08
N TYR A 13 -3.25 -11.09 0.27
CA TYR A 13 -1.84 -11.28 -0.03
C TYR A 13 -1.21 -9.96 -0.45
N GLN A 14 -1.76 -9.32 -1.48
CA GLN A 14 -1.19 -8.14 -2.05
C GLN A 14 -1.02 -7.06 -0.97
N THR A 15 -2.09 -6.75 -0.24
CA THR A 15 -2.06 -5.87 0.91
C THR A 15 -0.95 -6.26 1.90
N LEU A 16 -0.88 -7.54 2.30
CA LEU A 16 0.10 -8.01 3.27
C LEU A 16 1.51 -7.72 2.75
N GLU A 17 1.79 -8.09 1.51
CA GLU A 17 3.11 -7.94 0.96
C GLU A 17 3.44 -6.46 0.80
N LEU A 18 2.45 -5.65 0.44
CA LEU A 18 2.57 -4.20 0.41
C LEU A 18 2.86 -3.62 1.79
N GLU A 19 2.27 -4.19 2.84
CA GLU A 19 2.61 -3.84 4.21
C GLU A 19 4.09 -4.13 4.48
N LYS A 20 4.55 -5.34 4.13
CA LYS A 20 5.97 -5.68 4.20
C LYS A 20 6.79 -4.64 3.42
N GLU A 21 6.33 -4.30 2.21
CA GLU A 21 7.01 -3.31 1.40
C GLU A 21 7.07 -1.95 2.10
N PHE A 22 6.01 -1.55 2.78
CA PHE A 22 5.97 -0.23 3.42
C PHE A 22 7.04 -0.17 4.50
N HIS A 23 7.21 -1.27 5.24
CA HIS A 23 8.30 -1.39 6.21
C HIS A 23 9.68 -1.43 5.54
N PHE A 24 9.78 -1.70 4.23
CA PHE A 24 11.00 -1.58 3.46
C PHE A 24 11.20 -0.11 3.09
N ASN A 25 10.19 0.49 2.45
CA ASN A 25 10.28 1.75 1.75
C ASN A 25 9.03 2.61 2.02
N ARG A 26 9.22 3.79 2.62
CA ARG A 26 8.14 4.77 2.76
C ARG A 26 7.60 5.19 1.38
N TYR A 27 8.49 5.24 0.38
CA TYR A 27 8.20 5.36 -1.04
C TYR A 27 9.24 4.50 -1.76
N ILE A 28 8.81 3.48 -2.51
CA ILE A 28 9.73 2.62 -3.26
C ILE A 28 10.46 3.39 -4.37
N THR A 29 11.55 2.80 -4.85
CA THR A 29 12.18 3.25 -6.09
C THR A 29 11.18 3.03 -7.21
N ARG A 30 11.16 3.88 -8.24
CA ARG A 30 10.23 3.69 -9.34
C ARG A 30 10.43 2.33 -10.00
N ARG A 31 11.69 1.94 -10.24
CA ARG A 31 11.99 0.65 -10.84
C ARG A 31 11.40 -0.47 -9.99
N ARG A 32 11.68 -0.47 -8.68
CA ARG A 32 11.17 -1.51 -7.80
C ARG A 32 9.63 -1.45 -7.81
N ARG A 33 9.06 -0.25 -7.77
CA ARG A 33 7.63 -0.11 -7.70
C ARG A 33 6.96 -0.66 -8.96
N ILE A 34 7.48 -0.36 -10.15
CA ILE A 34 6.95 -0.94 -11.37
C ILE A 34 7.10 -2.46 -11.33
N ASP A 35 8.27 -2.95 -10.93
CA ASP A 35 8.56 -4.38 -10.81
C ASP A 35 7.49 -5.04 -9.94
N ILE A 36 7.44 -4.62 -8.68
CA ILE A 36 6.52 -5.10 -7.67
C ILE A 36 5.08 -4.98 -8.19
N ALA A 37 4.67 -3.80 -8.64
CA ALA A 37 3.35 -3.61 -9.26
C ALA A 37 3.10 -4.73 -10.27
N ASN A 38 4.07 -4.97 -11.14
CA ASN A 38 3.91 -5.94 -12.23
C ASN A 38 3.72 -7.35 -11.69
N ALA A 39 4.67 -7.82 -10.86
CA ALA A 39 4.69 -9.19 -10.37
C ALA A 39 3.63 -9.44 -9.30
N LEU A 40 3.59 -8.55 -8.31
CA LEU A 40 2.70 -8.58 -7.15
C LEU A 40 1.27 -8.34 -7.61
N SER A 41 1.09 -7.59 -8.70
CA SER A 41 -0.12 -7.50 -9.51
C SER A 41 -1.06 -6.39 -9.02
N LEU A 42 -0.50 -5.19 -8.79
CA LEU A 42 -1.23 -3.97 -8.52
C LEU A 42 -0.71 -2.90 -9.50
N SER A 43 -1.16 -1.63 -9.47
CA SER A 43 -0.54 -0.62 -10.34
C SER A 43 0.44 0.23 -9.55
N GLU A 44 1.39 0.83 -10.27
CA GLU A 44 2.37 1.76 -9.70
C GLU A 44 1.63 2.87 -8.96
N ARG A 45 0.61 3.44 -9.62
CA ARG A 45 -0.26 4.44 -9.10
C ARG A 45 -1.00 3.91 -7.86
N GLN A 46 -1.68 2.77 -7.98
CA GLN A 46 -2.48 2.27 -6.88
C GLN A 46 -1.60 1.99 -5.66
N ILE A 47 -0.39 1.46 -5.87
CA ILE A 47 0.60 1.27 -4.81
C ILE A 47 0.91 2.63 -4.16
N LYS A 48 1.22 3.65 -4.96
CA LYS A 48 1.47 5.00 -4.44
C LYS A 48 0.33 5.45 -3.52
N ILE A 49 -0.92 5.33 -3.96
CA ILE A 49 -2.08 5.68 -3.13
C ILE A 49 -2.17 4.78 -1.90
N TRP A 50 -1.97 3.46 -2.04
CA TRP A 50 -2.04 2.50 -0.94
C TRP A 50 -1.08 2.92 0.17
N PHE A 51 0.18 3.19 -0.20
CA PHE A 51 1.15 3.68 0.76
C PHE A 51 0.68 5.02 1.32
N GLN A 52 0.26 5.93 0.45
CA GLN A 52 -0.18 7.25 0.88
C GLN A 52 -1.26 7.15 1.96
N ASN A 53 -2.17 6.18 1.81
CA ASN A 53 -3.11 5.80 2.84
C ASN A 53 -2.33 5.34 4.08
N ARG A 54 -1.60 4.22 3.97
CA ARG A 54 -0.93 3.57 5.11
C ARG A 54 -0.07 4.53 5.93
N ARG A 55 0.59 5.50 5.29
CA ARG A 55 1.33 6.56 5.95
C ARG A 55 0.48 7.23 7.02
N MET A 56 -0.77 7.60 6.71
CA MET A 56 -1.70 8.29 7.60
C MET A 56 -3.13 7.85 7.30
N LYS A 57 -3.56 6.68 7.83
CA LYS A 57 -4.81 6.06 7.39
C LYS A 57 -6.04 6.46 8.20
N SER A 58 -6.58 5.58 9.04
CA SER A 58 -7.59 5.95 10.02
C SER A 58 -7.19 5.36 11.36
N LYS A 59 -6.03 5.84 11.79
CA LYS A 59 -5.54 5.78 13.15
C LYS A 59 -4.61 6.97 13.35
N LYS A 60 -3.84 7.36 12.33
CA LYS A 60 -3.02 8.54 12.36
C LYS A 60 -3.79 9.66 11.66
N ASP A 61 -5.00 9.92 12.19
CA ASP A 61 -6.07 10.60 11.46
C ASP A 61 -7.03 11.25 12.47
N ARG A 62 -7.81 10.43 13.19
CA ARG A 62 -8.89 10.88 14.06
C ARG A 62 -10.00 11.52 13.20
N THR A 63 -10.46 10.75 12.21
CA THR A 63 -11.33 11.15 11.12
C THR A 63 -10.84 12.39 10.37
N LEU A 64 -11.66 12.83 9.40
CA LEU A 64 -11.30 13.88 8.47
C LEU A 64 -11.18 15.22 9.20
N ASP A 65 -10.12 15.97 8.89
CA ASP A 65 -9.87 17.33 9.30
C ASP A 65 -10.57 18.25 8.30
N SER A 66 -9.90 19.30 7.82
CA SER A 66 -10.27 19.99 6.61
C SER A 66 -8.99 20.35 5.86
N SER A 67 -8.07 19.39 5.76
CA SER A 67 -6.65 19.56 5.49
C SER A 67 -5.95 19.98 6.79
N PRO A 68 -4.67 19.60 7.00
CA PRO A 68 -3.89 20.09 8.12
C PRO A 68 -3.47 21.53 7.85
N GLU A 69 -2.84 22.17 8.84
CA GLU A 69 -2.39 23.55 8.74
C GLU A 69 -1.20 23.68 7.78
N HIS A 70 -0.45 22.59 7.63
CA HIS A 70 0.68 22.45 6.73
C HIS A 70 0.91 20.94 6.61
N MET A 1 -12.12 10.20 -17.95
CA MET A 1 -11.18 9.18 -18.46
C MET A 1 -11.51 7.86 -17.78
N ASP A 2 -11.02 6.74 -18.30
CA ASP A 2 -11.32 5.42 -17.75
C ASP A 2 -10.66 5.25 -16.38
N SER A 3 -11.20 4.36 -15.55
CA SER A 3 -10.62 3.98 -14.28
C SER A 3 -9.57 2.89 -14.55
N LYS A 4 -8.55 3.22 -15.35
CA LYS A 4 -7.47 2.35 -15.83
C LYS A 4 -7.93 0.97 -16.32
N ARG A 5 -9.14 0.84 -16.85
CA ARG A 5 -9.75 -0.45 -17.12
C ARG A 5 -9.79 -1.31 -15.84
N THR A 6 -10.38 -0.71 -14.80
CA THR A 6 -10.57 -1.18 -13.45
C THR A 6 -9.34 -0.99 -12.57
N ARG A 7 -9.38 0.01 -11.68
CA ARG A 7 -8.53 0.07 -10.52
C ARG A 7 -8.66 -1.21 -9.70
N GLN A 8 -7.57 -1.72 -9.13
CA GLN A 8 -7.57 -2.98 -8.41
C GLN A 8 -8.18 -2.77 -7.03
N THR A 9 -8.90 -3.77 -6.53
CA THR A 9 -9.16 -3.91 -5.12
C THR A 9 -8.04 -4.80 -4.57
N TYR A 10 -7.43 -4.40 -3.45
CA TYR A 10 -6.32 -5.15 -2.88
C TYR A 10 -6.85 -6.42 -2.22
N THR A 11 -6.08 -7.51 -2.31
CA THR A 11 -6.36 -8.73 -1.58
C THR A 11 -5.71 -8.66 -0.19
N ARG A 12 -6.06 -9.61 0.69
CA ARG A 12 -5.40 -9.77 1.99
C ARG A 12 -3.91 -10.03 1.75
N TYR A 13 -3.60 -11.00 0.90
CA TYR A 13 -2.23 -11.30 0.48
C TYR A 13 -1.56 -10.01 0.02
N GLN A 14 -2.18 -9.35 -0.97
CA GLN A 14 -1.62 -8.16 -1.58
C GLN A 14 -1.30 -7.12 -0.51
N THR A 15 -2.28 -6.76 0.31
CA THR A 15 -2.11 -5.81 1.39
C THR A 15 -0.98 -6.25 2.32
N LEU A 16 -0.84 -7.54 2.64
CA LEU A 16 0.28 -8.03 3.43
C LEU A 16 1.58 -7.70 2.71
N GLU A 17 1.69 -8.05 1.42
CA GLU A 17 2.92 -7.77 0.69
C GLU A 17 3.19 -6.27 0.64
N LEU A 18 2.16 -5.45 0.44
CA LEU A 18 2.26 -4.00 0.44
C LEU A 18 2.72 -3.46 1.81
N GLU A 19 2.27 -4.05 2.91
CA GLU A 19 2.79 -3.73 4.23
C GLU A 19 4.30 -4.05 4.28
N LYS A 20 4.69 -5.26 3.89
CA LYS A 20 6.11 -5.60 3.75
C LYS A 20 6.84 -4.60 2.82
N GLU A 21 6.15 -4.11 1.79
CA GLU A 21 6.66 -3.13 0.85
C GLU A 21 6.92 -1.80 1.56
N PHE A 22 6.03 -1.42 2.48
CA PHE A 22 6.18 -0.19 3.26
C PHE A 22 7.45 -0.36 4.10
N HIS A 23 7.58 -1.51 4.76
CA HIS A 23 8.80 -1.87 5.47
C HIS A 23 10.01 -1.88 4.52
N PHE A 24 9.84 -2.26 3.25
CA PHE A 24 10.91 -2.27 2.25
C PHE A 24 11.39 -0.84 2.02
N ASN A 25 10.47 0.06 1.64
CA ASN A 25 10.71 1.49 1.51
C ASN A 25 9.38 2.19 1.74
N ARG A 26 9.38 3.28 2.51
CA ARG A 26 8.16 4.04 2.76
C ARG A 26 7.48 4.49 1.46
N TYR A 27 8.24 4.74 0.41
CA TYR A 27 7.70 4.82 -0.95
C TYR A 27 8.77 4.24 -1.88
N ILE A 28 8.49 3.14 -2.59
CA ILE A 28 9.51 2.55 -3.44
C ILE A 28 9.96 3.43 -4.60
N THR A 29 11.22 3.23 -4.98
CA THR A 29 11.82 3.75 -6.19
C THR A 29 11.01 3.27 -7.38
N ARG A 30 10.88 4.12 -8.40
CA ARG A 30 9.96 3.82 -9.47
C ARG A 30 10.32 2.50 -10.16
N ARG A 31 11.62 2.22 -10.34
CA ARG A 31 12.01 0.97 -10.99
C ARG A 31 11.50 -0.21 -10.17
N ARG A 32 11.73 -0.18 -8.85
CA ARG A 32 11.34 -1.30 -8.01
C ARG A 32 9.82 -1.37 -7.93
N ARG A 33 9.17 -0.22 -7.98
CA ARG A 33 7.73 -0.16 -7.82
C ARG A 33 7.01 -0.63 -9.07
N ILE A 34 7.53 -0.33 -10.27
CA ILE A 34 7.10 -0.98 -11.50
C ILE A 34 7.28 -2.50 -11.34
N ASP A 35 8.47 -2.93 -10.93
CA ASP A 35 8.87 -4.32 -10.78
C ASP A 35 7.86 -5.06 -9.90
N ILE A 36 7.76 -4.66 -8.64
CA ILE A 36 6.82 -5.20 -7.70
C ILE A 36 5.39 -5.07 -8.24
N ALA A 37 4.97 -3.91 -8.75
CA ALA A 37 3.65 -3.79 -9.33
C ALA A 37 3.41 -4.88 -10.38
N ASN A 38 4.45 -5.20 -11.16
CA ASN A 38 4.33 -6.20 -12.20
C ASN A 38 4.05 -7.58 -11.60
N ALA A 39 4.86 -7.99 -10.62
CA ALA A 39 4.78 -9.30 -9.99
C ALA A 39 3.57 -9.41 -9.04
N LEU A 40 3.53 -8.50 -8.08
CA LEU A 40 2.56 -8.36 -6.99
C LEU A 40 1.18 -8.07 -7.58
N SER A 41 1.16 -7.57 -8.82
CA SER A 41 0.01 -7.46 -9.69
C SER A 41 -0.85 -6.28 -9.27
N LEU A 42 -0.26 -5.09 -9.34
CA LEU A 42 -0.88 -3.81 -9.03
C LEU A 42 -0.36 -2.76 -10.02
N SER A 43 -0.23 -1.49 -9.63
CA SER A 43 0.36 -0.47 -10.48
C SER A 43 1.14 0.55 -9.65
N GLU A 44 2.21 1.08 -10.24
CA GLU A 44 3.19 1.97 -9.61
C GLU A 44 2.53 3.12 -8.84
N ARG A 45 1.56 3.77 -9.47
CA ARG A 45 0.79 4.85 -8.88
C ARG A 45 -0.16 4.30 -7.81
N GLN A 46 -0.86 3.20 -8.10
CA GLN A 46 -1.80 2.62 -7.16
C GLN A 46 -1.10 2.24 -5.86
N ILE A 47 0.11 1.69 -5.94
CA ILE A 47 0.95 1.43 -4.79
C ILE A 47 1.16 2.73 -4.00
N LYS A 48 1.49 3.84 -4.67
CA LYS A 48 1.60 5.13 -3.99
C LYS A 48 0.31 5.43 -3.23
N ILE A 49 -0.86 5.28 -3.88
CA ILE A 49 -2.13 5.55 -3.22
C ILE A 49 -2.32 4.62 -2.01
N TRP A 50 -2.09 3.32 -2.15
CA TRP A 50 -2.21 2.38 -1.03
C TRP A 50 -1.36 2.86 0.15
N PHE A 51 -0.09 3.16 -0.15
CA PHE A 51 0.86 3.66 0.83
C PHE A 51 0.31 4.91 1.52
N GLN A 52 -0.16 5.86 0.70
CA GLN A 52 -0.75 7.11 1.14
C GLN A 52 -1.93 6.83 2.09
N ASN A 53 -2.78 5.88 1.73
CA ASN A 53 -3.85 5.35 2.55
C ASN A 53 -3.31 4.92 3.91
N ARG A 54 -2.39 3.95 3.89
CA ARG A 54 -1.86 3.30 5.08
C ARG A 54 -1.28 4.32 6.05
N ARG A 55 -0.46 5.26 5.56
CA ARG A 55 0.13 6.28 6.42
C ARG A 55 -0.84 7.40 6.78
N MET A 56 -2.13 7.29 6.48
CA MET A 56 -3.15 8.25 6.82
C MET A 56 -4.45 7.50 7.15
N LYS A 57 -4.37 6.27 7.69
CA LYS A 57 -5.51 5.37 7.69
C LYS A 57 -6.48 5.60 8.86
N SER A 58 -6.82 6.87 9.11
CA SER A 58 -7.61 7.30 10.25
C SER A 58 -6.98 6.79 11.54
N LYS A 59 -5.65 6.78 11.60
CA LYS A 59 -4.86 6.26 12.71
C LYS A 59 -3.54 7.00 12.79
N LYS A 60 -2.93 7.31 11.64
CA LYS A 60 -1.91 8.31 11.52
C LYS A 60 -2.52 9.55 10.88
N ASP A 61 -3.65 9.96 11.48
CA ASP A 61 -4.59 10.93 10.95
C ASP A 61 -5.57 11.25 12.08
N ARG A 62 -6.67 10.50 12.17
CA ARG A 62 -7.64 10.58 13.26
C ARG A 62 -7.24 9.67 14.40
N THR A 63 -7.95 9.83 15.51
CA THR A 63 -7.76 9.11 16.75
C THR A 63 -8.98 9.35 17.64
N LEU A 64 -9.20 8.45 18.60
CA LEU A 64 -10.00 8.69 19.81
C LEU A 64 -9.27 8.17 21.06
N ASP A 65 -8.05 7.65 20.92
CA ASP A 65 -7.13 7.20 21.96
C ASP A 65 -5.80 6.80 21.32
N SER A 66 -5.00 7.79 20.93
CA SER A 66 -3.74 7.59 20.21
C SER A 66 -3.88 6.63 19.00
N SER A 67 -5.07 6.57 18.41
CA SER A 67 -5.60 5.55 17.50
C SER A 67 -7.13 5.64 17.61
N PRO A 68 -7.89 5.15 16.62
CA PRO A 68 -9.29 4.82 16.78
C PRO A 68 -9.36 3.43 17.44
N GLU A 69 -10.41 2.65 17.18
CA GLU A 69 -10.39 1.22 17.37
C GLU A 69 -9.76 0.66 16.09
N HIS A 70 -8.89 -0.32 16.26
CA HIS A 70 -7.84 -0.78 15.37
C HIS A 70 -6.61 0.12 15.54
N MET A 1 -21.05 -22.13 2.79
CA MET A 1 -20.82 -20.67 2.83
C MET A 1 -21.62 -20.08 1.68
N ASP A 2 -22.07 -18.84 1.78
CA ASP A 2 -22.82 -18.12 0.78
C ASP A 2 -22.43 -16.65 0.86
N SER A 3 -22.76 -15.88 -0.18
CA SER A 3 -22.71 -14.42 -0.16
C SER A 3 -21.26 -13.94 0.07
N LYS A 4 -21.14 -12.68 0.51
CA LYS A 4 -19.87 -12.05 0.90
C LYS A 4 -18.85 -12.14 -0.23
N ARG A 5 -19.31 -12.07 -1.48
CA ARG A 5 -18.49 -12.26 -2.66
C ARG A 5 -17.66 -11.00 -2.91
N THR A 6 -16.58 -10.85 -2.14
CA THR A 6 -15.48 -9.94 -2.38
C THR A 6 -15.92 -8.50 -2.65
N ARG A 7 -15.94 -7.68 -1.58
CA ARG A 7 -16.27 -6.25 -1.65
C ARG A 7 -15.56 -5.54 -2.80
N GLN A 8 -14.31 -5.93 -3.08
CA GLN A 8 -13.45 -5.29 -4.04
C GLN A 8 -12.32 -6.24 -4.40
N THR A 9 -11.37 -5.74 -5.17
CA THR A 9 -10.13 -6.38 -5.55
C THR A 9 -9.17 -6.41 -4.36
N TYR A 10 -7.94 -6.87 -4.62
CA TYR A 10 -6.85 -7.16 -3.73
C TYR A 10 -7.04 -8.56 -3.12
N THR A 11 -6.03 -8.99 -2.35
CA THR A 11 -5.97 -10.28 -1.69
C THR A 11 -5.20 -10.11 -0.38
N ARG A 12 -5.28 -11.11 0.49
CA ARG A 12 -4.47 -11.16 1.70
C ARG A 12 -3.00 -11.07 1.30
N TYR A 13 -2.56 -11.93 0.36
CA TYR A 13 -1.21 -11.89 -0.19
C TYR A 13 -0.86 -10.49 -0.65
N GLN A 14 -1.69 -9.90 -1.51
CA GLN A 14 -1.38 -8.63 -2.12
C GLN A 14 -1.15 -7.59 -1.04
N THR A 15 -2.11 -7.48 -0.13
CA THR A 15 -2.01 -6.62 1.04
C THR A 15 -0.70 -6.90 1.78
N LEU A 16 -0.37 -8.17 2.06
CA LEU A 16 0.84 -8.54 2.75
C LEU A 16 2.06 -8.01 2.02
N GLU A 17 2.17 -8.18 0.69
CA GLU A 17 3.34 -7.69 0.01
C GLU A 17 3.40 -6.16 0.11
N LEU A 18 2.27 -5.48 -0.09
CA LEU A 18 2.20 -4.03 0.08
C LEU A 18 2.68 -3.60 1.47
N GLU A 19 2.22 -4.27 2.51
CA GLU A 19 2.61 -4.00 3.89
C GLU A 19 4.11 -4.27 4.09
N LYS A 20 4.61 -5.41 3.61
CA LYS A 20 6.03 -5.74 3.63
C LYS A 20 6.83 -4.60 3.00
N GLU A 21 6.41 -4.17 1.81
CA GLU A 21 7.02 -3.09 1.07
C GLU A 21 6.99 -1.79 1.88
N PHE A 22 5.90 -1.55 2.60
CA PHE A 22 5.81 -0.41 3.50
C PHE A 22 6.84 -0.52 4.63
N HIS A 23 6.99 -1.73 5.20
CA HIS A 23 8.04 -1.99 6.18
C HIS A 23 9.42 -1.82 5.55
N PHE A 24 9.55 -2.11 4.24
CA PHE A 24 10.79 -1.93 3.50
C PHE A 24 11.12 -0.44 3.46
N ASN A 25 10.14 0.41 3.13
CA ASN A 25 10.36 1.83 2.90
C ASN A 25 9.03 2.58 2.90
N ARG A 26 9.07 3.88 3.23
CA ARG A 26 7.89 4.75 3.19
C ARG A 26 7.63 5.27 1.77
N TYR A 27 8.64 5.24 0.89
CA TYR A 27 8.56 5.54 -0.53
C TYR A 27 9.42 4.48 -1.25
N ILE A 28 8.85 3.76 -2.21
CA ILE A 28 9.61 2.74 -2.96
C ILE A 28 10.42 3.43 -4.06
N THR A 29 11.50 2.75 -4.45
CA THR A 29 12.27 3.14 -5.63
C THR A 29 11.38 2.89 -6.83
N ARG A 30 11.46 3.67 -7.91
CA ARG A 30 10.57 3.39 -9.03
C ARG A 30 10.87 2.01 -9.63
N ARG A 31 12.14 1.62 -9.66
CA ARG A 31 12.57 0.30 -10.09
C ARG A 31 11.75 -0.75 -9.33
N ARG A 32 11.78 -0.71 -7.99
CA ARG A 32 11.01 -1.65 -7.19
C ARG A 32 9.52 -1.42 -7.40
N ARG A 33 9.05 -0.18 -7.51
CA ARG A 33 7.62 0.09 -7.53
C ARG A 33 6.98 -0.51 -8.78
N ILE A 34 7.62 -0.35 -9.95
CA ILE A 34 7.15 -1.00 -11.16
C ILE A 34 7.21 -2.53 -11.00
N ASP A 35 8.33 -3.02 -10.49
CA ASP A 35 8.61 -4.44 -10.28
C ASP A 35 7.48 -5.06 -9.44
N ILE A 36 7.33 -4.57 -8.22
CA ILE A 36 6.28 -4.88 -7.29
C ILE A 36 4.96 -4.79 -8.03
N ALA A 37 4.55 -3.61 -8.50
CA ALA A 37 3.25 -3.43 -9.14
C ALA A 37 2.98 -4.53 -10.16
N ASN A 38 4.01 -4.81 -10.97
CA ASN A 38 3.94 -5.78 -12.04
C ASN A 38 3.71 -7.18 -11.47
N ALA A 39 4.55 -7.60 -10.53
CA ALA A 39 4.46 -8.90 -9.90
C ALA A 39 3.18 -9.05 -9.06
N LEU A 40 2.73 -7.96 -8.44
CA LEU A 40 1.77 -8.00 -7.35
C LEU A 40 0.39 -8.13 -7.99
N SER A 41 0.26 -7.62 -9.22
CA SER A 41 -0.95 -7.54 -10.01
C SER A 41 -1.77 -6.33 -9.54
N LEU A 42 -1.09 -5.19 -9.34
CA LEU A 42 -1.73 -4.00 -8.80
C LEU A 42 -0.91 -2.80 -9.23
N SER A 43 -1.58 -1.71 -9.57
CA SER A 43 -0.97 -0.68 -10.40
C SER A 43 -0.01 0.22 -9.63
N GLU A 44 0.94 0.81 -10.36
CA GLU A 44 1.83 1.82 -9.79
C GLU A 44 0.98 2.98 -9.26
N ARG A 45 -0.06 3.36 -10.01
CA ARG A 45 -1.07 4.33 -9.58
C ARG A 45 -1.63 3.93 -8.20
N GLN A 46 -2.20 2.73 -8.10
CA GLN A 46 -2.78 2.23 -6.87
C GLN A 46 -1.77 2.30 -5.73
N ILE A 47 -0.56 1.78 -5.96
CA ILE A 47 0.50 1.76 -4.97
C ILE A 47 0.87 3.18 -4.53
N LYS A 48 1.07 4.08 -5.49
CA LYS A 48 1.39 5.47 -5.23
C LYS A 48 0.41 6.05 -4.22
N ILE A 49 -0.90 5.89 -4.46
CA ILE A 49 -1.88 6.30 -3.46
C ILE A 49 -1.69 5.49 -2.18
N TRP A 50 -1.71 4.16 -2.24
CA TRP A 50 -1.71 3.31 -1.04
C TRP A 50 -0.63 3.78 -0.06
N PHE A 51 0.60 3.97 -0.53
CA PHE A 51 1.72 4.43 0.30
C PHE A 51 1.49 5.85 0.83
N GLN A 52 0.93 6.73 -0.01
CA GLN A 52 0.61 8.10 0.33
C GLN A 52 -0.42 8.17 1.46
N ASN A 53 -1.42 7.30 1.35
CA ASN A 53 -2.51 7.10 2.30
C ASN A 53 -1.97 6.52 3.60
N ARG A 54 -1.36 5.35 3.48
CA ARG A 54 -0.98 4.46 4.56
C ARG A 54 -0.29 5.22 5.69
N ARG A 55 0.77 5.95 5.32
CA ARG A 55 1.63 6.67 6.25
C ARG A 55 0.88 7.64 7.16
N MET A 56 -0.35 8.02 6.82
CA MET A 56 -1.13 8.99 7.58
C MET A 56 -2.61 8.59 7.64
N LYS A 57 -2.91 7.29 7.63
CA LYS A 57 -4.29 6.81 7.52
C LYS A 57 -5.05 6.87 8.86
N SER A 58 -4.93 7.99 9.58
CA SER A 58 -5.67 8.36 10.78
C SER A 58 -6.01 7.19 11.71
N LYS A 59 -5.01 6.34 11.94
CA LYS A 59 -5.09 5.13 12.74
C LYS A 59 -3.66 4.60 12.78
N LYS A 60 -3.05 4.45 11.61
CA LYS A 60 -1.60 4.37 11.48
C LYS A 60 -1.04 5.81 11.51
N ASP A 61 -1.48 6.57 12.51
CA ASP A 61 -1.21 7.98 12.74
C ASP A 61 -1.62 8.22 14.19
N ARG A 62 -2.84 8.72 14.44
CA ARG A 62 -3.37 9.04 15.76
C ARG A 62 -2.48 10.10 16.42
N THR A 63 -2.91 11.37 16.35
CA THR A 63 -2.09 12.52 16.73
C THR A 63 -1.78 12.55 18.24
N LEU A 64 -0.81 11.72 18.65
CA LEU A 64 -0.31 11.56 20.00
C LEU A 64 1.05 10.86 19.89
N ASP A 65 1.90 10.92 20.91
CA ASP A 65 3.13 10.19 21.00
C ASP A 65 3.51 10.33 22.46
N SER A 66 3.63 9.19 23.14
CA SER A 66 3.55 9.14 24.56
C SER A 66 2.33 9.90 25.12
N SER A 67 2.51 10.71 26.16
CA SER A 67 1.46 11.41 26.89
C SER A 67 1.86 12.67 27.67
N PRO A 68 2.92 12.64 28.49
CA PRO A 68 3.15 13.66 29.50
C PRO A 68 3.80 14.90 28.87
N GLU A 69 2.97 15.68 28.16
CA GLU A 69 3.37 16.94 27.54
C GLU A 69 3.94 17.92 28.57
N HIS A 70 3.52 17.77 29.83
CA HIS A 70 3.82 18.58 31.01
C HIS A 70 2.75 19.67 31.13
N MET A 1 -3.11 12.86 -15.47
CA MET A 1 -3.97 11.87 -16.13
C MET A 1 -5.02 11.39 -15.13
N ASP A 2 -6.00 10.61 -15.60
CA ASP A 2 -7.08 10.11 -14.76
C ASP A 2 -6.52 9.22 -13.64
N SER A 3 -6.78 9.58 -12.39
CA SER A 3 -6.38 8.79 -11.23
C SER A 3 -7.23 7.52 -11.05
N LYS A 4 -8.14 7.19 -11.96
CA LYS A 4 -8.65 5.85 -12.11
C LYS A 4 -7.44 4.92 -12.30
N ARG A 5 -6.78 5.04 -13.46
CA ARG A 5 -5.51 4.38 -13.82
C ARG A 5 -5.39 3.01 -13.18
N THR A 6 -6.17 2.07 -13.71
CA THR A 6 -6.32 0.71 -13.25
C THR A 6 -6.49 0.64 -11.72
N ARG A 7 -7.74 0.63 -11.25
CA ARG A 7 -8.06 0.47 -9.85
C ARG A 7 -8.57 -0.95 -9.61
N GLN A 8 -7.63 -1.89 -9.68
CA GLN A 8 -7.80 -3.29 -9.34
C GLN A 8 -8.12 -3.44 -7.85
N THR A 9 -8.30 -4.69 -7.41
CA THR A 9 -8.63 -5.08 -6.06
C THR A 9 -7.45 -4.93 -5.11
N TYR A 10 -7.72 -5.13 -3.83
CA TYR A 10 -6.75 -5.46 -2.81
C TYR A 10 -7.26 -6.75 -2.19
N THR A 11 -6.35 -7.63 -1.79
CA THR A 11 -6.60 -8.82 -1.01
C THR A 11 -5.70 -8.79 0.21
N ARG A 12 -5.89 -9.67 1.19
CA ARG A 12 -4.97 -9.75 2.31
C ARG A 12 -3.58 -10.04 1.75
N TYR A 13 -3.45 -11.06 0.87
CA TYR A 13 -2.17 -11.37 0.23
C TYR A 13 -1.57 -10.11 -0.40
N GLN A 14 -2.32 -9.47 -1.29
CA GLN A 14 -1.85 -8.30 -2.03
C GLN A 14 -1.36 -7.26 -1.02
N THR A 15 -2.25 -6.84 -0.12
CA THR A 15 -1.95 -5.94 0.97
C THR A 15 -0.76 -6.40 1.82
N LEU A 16 -0.52 -7.70 2.02
CA LEU A 16 0.62 -8.22 2.78
C LEU A 16 1.91 -7.92 1.99
N GLU A 17 1.89 -8.22 0.70
CA GLU A 17 3.04 -8.00 -0.15
C GLU A 17 3.37 -6.49 -0.19
N LEU A 18 2.33 -5.67 -0.25
CA LEU A 18 2.43 -4.21 -0.14
C LEU A 18 3.01 -3.79 1.23
N GLU A 19 2.45 -4.32 2.33
CA GLU A 19 2.91 -4.18 3.70
C GLU A 19 4.44 -4.34 3.81
N LYS A 20 4.99 -5.48 3.37
CA LYS A 20 6.42 -5.72 3.55
C LYS A 20 7.25 -4.67 2.79
N GLU A 21 6.89 -4.37 1.54
CA GLU A 21 7.59 -3.36 0.75
C GLU A 21 7.53 -2.00 1.46
N PHE A 22 6.39 -1.71 2.08
CA PHE A 22 6.25 -0.47 2.85
C PHE A 22 7.22 -0.46 4.02
N HIS A 23 7.30 -1.57 4.76
CA HIS A 23 8.31 -1.71 5.80
C HIS A 23 9.72 -1.56 5.21
N PHE A 24 9.93 -2.02 3.96
CA PHE A 24 11.19 -1.89 3.25
C PHE A 24 11.52 -0.42 3.02
N ASN A 25 10.57 0.34 2.45
CA ASN A 25 10.73 1.76 2.17
C ASN A 25 9.38 2.39 1.82
N ARG A 26 8.86 3.25 2.72
CA ARG A 26 7.53 3.85 2.66
C ARG A 26 7.39 4.79 1.44
N TYR A 27 8.50 5.11 0.78
CA TYR A 27 8.57 5.74 -0.53
C TYR A 27 9.43 4.82 -1.39
N ILE A 28 8.79 3.93 -2.17
CA ILE A 28 9.55 2.91 -2.89
C ILE A 28 10.40 3.53 -3.98
N THR A 29 11.51 2.88 -4.28
CA THR A 29 12.32 3.24 -5.44
C THR A 29 11.48 3.02 -6.69
N ARG A 30 11.69 3.80 -7.75
CA ARG A 30 10.92 3.61 -8.98
C ARG A 30 11.04 2.16 -9.45
N ARG A 31 12.27 1.63 -9.51
CA ARG A 31 12.47 0.24 -9.90
C ARG A 31 11.61 -0.66 -9.03
N ARG A 32 11.80 -0.56 -7.71
CA ARG A 32 11.12 -1.42 -6.76
C ARG A 32 9.60 -1.29 -6.91
N ARG A 33 9.11 -0.09 -7.20
CA ARG A 33 7.68 0.17 -7.31
C ARG A 33 7.11 -0.46 -8.60
N ILE A 34 7.72 -0.23 -9.78
CA ILE A 34 7.24 -0.88 -11.01
C ILE A 34 7.35 -2.40 -10.85
N ASP A 35 8.46 -2.85 -10.26
CA ASP A 35 8.75 -4.25 -9.99
C ASP A 35 7.56 -4.82 -9.23
N ILE A 36 7.31 -4.30 -8.03
CA ILE A 36 6.24 -4.77 -7.19
C ILE A 36 4.91 -4.68 -7.93
N ALA A 37 4.57 -3.52 -8.49
CA ALA A 37 3.35 -3.34 -9.25
C ALA A 37 3.19 -4.46 -10.28
N ASN A 38 4.30 -4.86 -10.90
CA ASN A 38 4.30 -5.93 -11.88
C ASN A 38 4.10 -7.28 -11.19
N ALA A 39 5.09 -7.73 -10.43
CA ALA A 39 5.16 -9.08 -9.87
C ALA A 39 3.98 -9.40 -8.94
N LEU A 40 3.55 -8.40 -8.17
CA LEU A 40 2.48 -8.49 -7.19
C LEU A 40 1.12 -8.44 -7.90
N SER A 41 1.11 -8.03 -9.16
CA SER A 41 -0.09 -7.76 -9.93
C SER A 41 -0.91 -6.68 -9.24
N LEU A 42 -0.46 -5.43 -9.33
CA LEU A 42 -1.25 -4.25 -8.99
C LEU A 42 -0.94 -3.19 -10.05
N SER A 43 -0.97 -1.89 -9.75
CA SER A 43 -0.53 -0.88 -10.70
C SER A 43 -0.07 0.38 -9.96
N GLU A 44 0.65 1.26 -10.66
CA GLU A 44 1.51 2.27 -10.07
C GLU A 44 0.72 3.37 -9.35
N ARG A 45 -0.33 3.90 -9.99
CA ARG A 45 -1.19 4.90 -9.33
C ARG A 45 -1.84 4.26 -8.10
N GLN A 46 -2.28 3.00 -8.26
CA GLN A 46 -2.92 2.24 -7.20
C GLN A 46 -1.96 2.12 -6.01
N ILE A 47 -0.72 1.69 -6.27
CA ILE A 47 0.33 1.63 -5.28
C ILE A 47 0.61 3.01 -4.70
N LYS A 48 0.70 4.05 -5.52
CA LYS A 48 0.92 5.40 -5.02
C LYS A 48 -0.15 5.70 -3.96
N ILE A 49 -1.43 5.47 -4.30
CA ILE A 49 -2.54 5.68 -3.39
C ILE A 49 -2.42 4.80 -2.14
N TRP A 50 -2.11 3.50 -2.29
CA TRP A 50 -1.96 2.59 -1.16
C TRP A 50 -0.87 3.11 -0.22
N PHE A 51 0.32 3.43 -0.74
CA PHE A 51 1.46 3.93 0.05
C PHE A 51 1.17 5.30 0.64
N GLN A 52 0.42 6.13 -0.08
CA GLN A 52 -0.07 7.41 0.42
C GLN A 52 -0.97 7.18 1.64
N ASN A 53 -1.91 6.24 1.53
CA ASN A 53 -2.92 5.93 2.52
C ASN A 53 -2.24 5.29 3.74
N ARG A 54 -1.34 4.35 3.44
CA ARG A 54 -0.68 3.43 4.35
C ARG A 54 -0.09 4.12 5.57
N ARG A 55 0.48 5.29 5.32
CA ARG A 55 1.04 6.16 6.36
C ARG A 55 0.04 6.38 7.52
N MET A 56 -1.26 6.33 7.25
CA MET A 56 -2.32 6.28 8.25
C MET A 56 -3.23 5.06 8.03
N LYS A 57 -2.61 3.88 7.85
CA LYS A 57 -3.26 2.59 8.06
C LYS A 57 -2.48 1.94 9.22
N SER A 58 -1.66 0.93 8.92
CA SER A 58 -0.89 0.20 9.92
C SER A 58 0.41 0.96 10.18
N LYS A 59 0.22 2.20 10.65
CA LYS A 59 1.20 3.02 11.31
C LYS A 59 0.50 4.07 12.21
N LYS A 60 -0.79 4.36 11.99
CA LYS A 60 -1.62 5.02 13.00
C LYS A 60 -2.25 3.93 13.88
N ASP A 61 -1.45 2.95 14.29
CA ASP A 61 -1.82 1.76 15.03
C ASP A 61 -1.33 1.89 16.47
N ARG A 62 0.00 1.94 16.65
CA ARG A 62 0.64 2.20 17.93
C ARG A 62 1.86 3.09 17.70
N THR A 63 2.25 3.87 18.70
CA THR A 63 3.35 4.82 18.62
C THR A 63 4.67 4.10 18.38
N LEU A 64 5.67 4.82 17.87
CA LEU A 64 7.05 4.36 17.89
C LEU A 64 7.41 3.99 19.34
N ASP A 65 8.21 2.94 19.51
CA ASP A 65 8.51 2.32 20.79
C ASP A 65 9.88 1.65 20.65
N SER A 66 10.44 1.12 21.73
CA SER A 66 11.69 0.35 21.71
C SER A 66 11.80 -0.49 22.97
N SER A 67 13.01 -0.97 23.25
CA SER A 67 13.44 -1.92 24.27
C SER A 67 14.26 -3.02 23.59
N PRO A 68 13.63 -3.93 22.84
CA PRO A 68 14.30 -4.81 21.90
C PRO A 68 14.74 -3.98 20.68
N GLU A 69 15.64 -3.01 20.89
CA GLU A 69 16.20 -2.22 19.81
C GLU A 69 17.09 -3.10 18.92
N HIS A 70 17.62 -4.17 19.52
CA HIS A 70 18.12 -5.36 18.86
C HIS A 70 17.70 -6.50 19.79
N MET A 1 -2.17 -5.06 -26.04
CA MET A 1 -1.02 -4.32 -25.50
C MET A 1 -1.34 -3.99 -24.04
N ASP A 2 -2.19 -2.98 -23.85
CA ASP A 2 -2.99 -2.75 -22.65
C ASP A 2 -2.28 -3.09 -21.34
N SER A 3 -1.01 -2.72 -21.22
CA SER A 3 -0.13 -3.11 -20.13
C SER A 3 -0.34 -2.20 -18.91
N LYS A 4 -1.59 -2.03 -18.50
CA LYS A 4 -2.00 -0.97 -17.59
C LYS A 4 -3.43 -1.21 -17.08
N ARG A 5 -3.72 -2.43 -16.64
CA ARG A 5 -4.99 -2.79 -16.01
C ARG A 5 -4.73 -3.79 -14.89
N THR A 6 -5.26 -3.48 -13.70
CA THR A 6 -5.11 -4.23 -12.47
C THR A 6 -6.36 -3.87 -11.67
N ARG A 7 -7.30 -4.79 -11.57
CA ARG A 7 -8.64 -4.58 -11.07
C ARG A 7 -8.62 -3.89 -9.71
N GLN A 8 -9.67 -3.10 -9.43
CA GLN A 8 -9.82 -2.44 -8.14
C GLN A 8 -10.00 -3.49 -7.04
N THR A 9 -9.78 -3.07 -5.78
CA THR A 9 -9.67 -3.90 -4.61
C THR A 9 -8.48 -4.86 -4.65
N TYR A 10 -7.76 -4.96 -3.54
CA TYR A 10 -6.42 -5.52 -3.47
C TYR A 10 -6.47 -6.76 -2.57
N THR A 11 -5.71 -7.79 -2.91
CA THR A 11 -5.73 -9.03 -2.15
C THR A 11 -5.10 -8.86 -0.75
N ARG A 12 -5.37 -9.83 0.12
CA ARG A 12 -4.69 -9.95 1.39
C ARG A 12 -3.18 -10.00 1.16
N TYR A 13 -2.72 -10.84 0.22
CA TYR A 13 -1.31 -10.95 -0.09
C TYR A 13 -0.79 -9.62 -0.63
N GLN A 14 -1.51 -8.99 -1.56
CA GLN A 14 -1.11 -7.70 -2.12
C GLN A 14 -0.87 -6.71 -0.97
N THR A 15 -1.86 -6.60 -0.08
CA THR A 15 -1.77 -5.72 1.09
C THR A 15 -0.59 -6.11 2.00
N LEU A 16 -0.37 -7.40 2.28
CA LEU A 16 0.74 -7.83 3.12
C LEU A 16 2.08 -7.47 2.46
N GLU A 17 2.23 -7.78 1.18
CA GLU A 17 3.39 -7.43 0.38
C GLU A 17 3.61 -5.93 0.50
N LEU A 18 2.56 -5.14 0.31
CA LEU A 18 2.60 -3.69 0.37
C LEU A 18 3.02 -3.20 1.77
N GLU A 19 2.50 -3.80 2.85
CA GLU A 19 2.90 -3.43 4.20
C GLU A 19 4.37 -3.79 4.47
N LYS A 20 4.83 -4.99 4.10
CA LYS A 20 6.25 -5.30 4.26
C LYS A 20 7.09 -4.40 3.35
N GLU A 21 6.57 -4.01 2.18
CA GLU A 21 7.19 -3.01 1.32
C GLU A 21 7.32 -1.68 2.05
N PHE A 22 6.32 -1.35 2.86
CA PHE A 22 6.34 -0.14 3.69
C PHE A 22 7.49 -0.29 4.68
N HIS A 23 7.63 -1.46 5.30
CA HIS A 23 8.79 -1.76 6.14
C HIS A 23 10.10 -1.66 5.35
N PHE A 24 10.09 -2.04 4.06
CA PHE A 24 11.24 -1.94 3.16
C PHE A 24 11.62 -0.47 2.98
N ASN A 25 10.62 0.39 2.75
CA ASN A 25 10.80 1.80 2.45
C ASN A 25 9.44 2.50 2.49
N ARG A 26 9.42 3.77 2.90
CA ARG A 26 8.17 4.51 2.99
C ARG A 26 7.58 4.78 1.59
N TYR A 27 8.43 4.91 0.57
CA TYR A 27 8.07 4.99 -0.83
C TYR A 27 9.17 4.27 -1.62
N ILE A 28 8.79 3.55 -2.68
CA ILE A 28 9.66 2.58 -3.34
C ILE A 28 10.51 3.21 -4.44
N THR A 29 11.57 2.50 -4.82
CA THR A 29 12.31 2.78 -6.03
C THR A 29 11.37 2.50 -7.19
N ARG A 30 11.46 3.24 -8.31
CA ARG A 30 10.56 2.97 -9.40
C ARG A 30 10.80 1.58 -9.97
N ARG A 31 12.06 1.12 -10.02
CA ARG A 31 12.36 -0.25 -10.42
C ARG A 31 11.58 -1.25 -9.55
N ARG A 32 11.66 -1.13 -8.23
CA ARG A 32 10.96 -2.07 -7.37
C ARG A 32 9.46 -1.92 -7.57
N ARG A 33 8.97 -0.67 -7.60
CA ARG A 33 7.54 -0.41 -7.73
C ARG A 33 7.00 -1.02 -9.04
N ILE A 34 7.75 -0.91 -10.14
CA ILE A 34 7.42 -1.57 -11.41
C ILE A 34 7.45 -3.09 -11.24
N ASP A 35 8.49 -3.63 -10.61
CA ASP A 35 8.64 -5.07 -10.37
C ASP A 35 7.36 -5.57 -9.68
N ILE A 36 7.15 -5.06 -8.47
CA ILE A 36 5.92 -5.21 -7.70
C ILE A 36 4.70 -5.10 -8.60
N ALA A 37 4.41 -3.94 -9.17
CA ALA A 37 3.29 -3.76 -10.07
C ALA A 37 3.19 -4.90 -11.09
N ASN A 38 4.32 -5.32 -11.64
CA ASN A 38 4.37 -6.32 -12.69
C ASN A 38 4.00 -7.71 -12.15
N ALA A 39 4.54 -8.11 -11.00
CA ALA A 39 4.37 -9.47 -10.48
C ALA A 39 3.16 -9.53 -9.54
N LEU A 40 3.16 -8.60 -8.59
CA LEU A 40 2.20 -8.41 -7.52
C LEU A 40 0.86 -7.93 -8.10
N SER A 41 0.89 -7.49 -9.36
CA SER A 41 -0.27 -7.29 -10.19
C SER A 41 -1.13 -6.13 -9.66
N LEU A 42 -0.48 -5.08 -9.16
CA LEU A 42 -1.07 -3.77 -8.94
C LEU A 42 -0.33 -2.74 -9.81
N SER A 43 -0.47 -1.43 -9.57
CA SER A 43 0.03 -0.40 -10.45
C SER A 43 0.55 0.80 -9.66
N GLU A 44 1.56 1.51 -10.18
CA GLU A 44 2.27 2.56 -9.43
C GLU A 44 1.32 3.56 -8.77
N ARG A 45 0.34 4.08 -9.51
CA ARG A 45 -0.67 4.99 -9.00
C ARG A 45 -1.42 4.36 -7.82
N GLN A 46 -1.85 3.11 -8.01
CA GLN A 46 -2.64 2.37 -7.05
C GLN A 46 -1.84 2.26 -5.76
N ILE A 47 -0.58 1.86 -5.91
CA ILE A 47 0.36 1.65 -4.83
C ILE A 47 0.66 2.97 -4.12
N LYS A 48 0.92 4.03 -4.88
CA LYS A 48 1.11 5.37 -4.33
C LYS A 48 -0.07 5.71 -3.43
N ILE A 49 -1.29 5.58 -3.96
CA ILE A 49 -2.52 5.86 -3.23
C ILE A 49 -2.63 4.94 -2.00
N TRP A 50 -2.40 3.64 -2.13
CA TRP A 50 -2.44 2.72 -1.01
C TRP A 50 -1.49 3.19 0.10
N PHE A 51 -0.24 3.48 -0.25
CA PHE A 51 0.76 3.95 0.71
C PHE A 51 0.24 5.19 1.41
N GLN A 52 -0.25 6.15 0.64
CA GLN A 52 -0.89 7.36 1.16
C GLN A 52 -1.95 6.98 2.20
N ASN A 53 -2.88 6.11 1.80
CA ASN A 53 -3.95 5.57 2.63
C ASN A 53 -3.42 5.03 3.96
N ARG A 54 -2.32 4.27 3.85
CA ARG A 54 -1.72 3.51 4.92
C ARG A 54 -0.97 4.42 5.89
N ARG A 55 -0.36 5.52 5.39
CA ARG A 55 0.45 6.44 6.20
C ARG A 55 -0.09 6.60 7.61
N MET A 56 -1.33 7.08 7.71
CA MET A 56 -2.07 7.18 8.94
C MET A 56 -3.35 6.36 8.78
N LYS A 57 -3.20 5.05 8.68
CA LYS A 57 -4.34 4.15 8.77
C LYS A 57 -5.02 4.27 10.15
N SER A 58 -4.29 4.76 11.16
CA SER A 58 -4.77 4.89 12.52
C SER A 58 -5.20 3.55 13.12
N LYS A 59 -4.39 2.54 12.77
CA LYS A 59 -4.29 1.30 13.50
C LYS A 59 -2.91 0.70 13.23
N LYS A 60 -2.44 0.73 11.99
CA LYS A 60 -1.01 0.53 11.70
C LYS A 60 -0.29 1.87 11.96
N ASP A 61 -0.58 2.45 13.13
CA ASP A 61 -0.44 3.84 13.52
C ASP A 61 -1.05 3.91 14.94
N ARG A 62 -2.07 4.74 15.17
CA ARG A 62 -2.68 4.99 16.48
C ARG A 62 -3.01 3.69 17.20
N THR A 63 -2.52 3.57 18.43
CA THR A 63 -2.68 2.40 19.28
C THR A 63 -2.79 2.91 20.72
N LEU A 64 -3.68 2.30 21.50
CA LEU A 64 -3.93 2.58 22.90
C LEU A 64 -4.73 1.37 23.41
N ASP A 65 -5.29 1.46 24.62
CA ASP A 65 -6.29 0.53 25.11
C ASP A 65 -7.60 1.31 25.22
N SER A 66 -8.72 0.60 25.39
CA SER A 66 -9.93 1.17 25.93
C SER A 66 -10.74 0.05 26.57
N SER A 67 -10.21 -0.58 27.64
CA SER A 67 -10.91 -1.64 28.36
C SER A 67 -10.63 -1.61 29.88
N PRO A 68 -9.56 -2.25 30.39
CA PRO A 68 -9.25 -2.30 31.81
C PRO A 68 -8.78 -0.94 32.34
N GLU A 69 -9.72 0.02 32.46
CA GLU A 69 -9.54 1.21 33.26
C GLU A 69 -9.59 0.76 34.73
N HIS A 70 -8.51 0.09 35.16
CA HIS A 70 -8.43 -0.76 36.32
C HIS A 70 -9.51 -1.86 36.25
N MET A 1 -13.28 -8.35 0.12
CA MET A 1 -14.39 -9.32 0.02
C MET A 1 -15.73 -8.57 0.15
N ASP A 2 -15.89 -7.59 -0.73
CA ASP A 2 -16.80 -6.48 -0.55
C ASP A 2 -18.19 -6.83 -1.08
N SER A 3 -18.81 -7.79 -0.40
CA SER A 3 -20.22 -8.09 -0.53
C SER A 3 -21.01 -7.11 0.32
N LYS A 4 -20.90 -5.81 0.00
CA LYS A 4 -21.50 -4.74 0.79
C LYS A 4 -22.05 -3.65 -0.14
N ARG A 5 -21.18 -3.08 -0.97
CA ARG A 5 -21.32 -1.89 -1.78
C ARG A 5 -19.89 -1.54 -2.18
N THR A 6 -19.69 -1.00 -3.40
CA THR A 6 -18.47 -0.40 -3.89
C THR A 6 -17.24 -1.24 -3.54
N ARG A 7 -16.86 -2.11 -4.47
CA ARG A 7 -15.88 -3.13 -4.24
C ARG A 7 -14.51 -2.64 -4.72
N GLN A 8 -13.71 -2.15 -3.78
CA GLN A 8 -12.32 -1.77 -4.01
C GLN A 8 -11.49 -3.03 -4.34
N THR A 9 -10.33 -2.83 -4.94
CA THR A 9 -9.31 -3.82 -5.21
C THR A 9 -8.58 -4.21 -3.90
N TYR A 10 -7.54 -5.03 -4.06
CA TYR A 10 -6.64 -5.58 -3.09
C TYR A 10 -7.17 -6.89 -2.52
N THR A 11 -6.29 -7.64 -1.86
CA THR A 11 -6.57 -8.90 -1.20
C THR A 11 -5.81 -8.94 0.12
N ARG A 12 -6.10 -9.93 0.95
CA ARG A 12 -5.31 -10.21 2.15
C ARG A 12 -3.85 -10.36 1.75
N TYR A 13 -3.57 -11.28 0.82
CA TYR A 13 -2.23 -11.49 0.29
C TYR A 13 -1.64 -10.16 -0.18
N GLN A 14 -2.36 -9.46 -1.08
CA GLN A 14 -1.85 -8.23 -1.68
C GLN A 14 -1.42 -7.24 -0.60
N THR A 15 -2.33 -6.97 0.34
CA THR A 15 -2.06 -6.07 1.45
C THR A 15 -0.87 -6.58 2.27
N LEU A 16 -0.77 -7.88 2.57
CA LEU A 16 0.35 -8.42 3.33
C LEU A 16 1.66 -8.15 2.57
N GLU A 17 1.67 -8.41 1.26
CA GLU A 17 2.81 -8.16 0.39
C GLU A 17 3.22 -6.70 0.55
N LEU A 18 2.25 -5.81 0.33
CA LEU A 18 2.40 -4.36 0.41
C LEU A 18 2.84 -3.88 1.81
N GLU A 19 2.40 -4.56 2.87
CA GLU A 19 2.72 -4.19 4.23
C GLU A 19 4.22 -4.47 4.45
N LYS A 20 4.68 -5.69 4.15
CA LYS A 20 6.10 -6.05 4.24
C LYS A 20 6.90 -5.51 3.05
N GLU A 21 6.74 -4.21 2.82
CA GLU A 21 7.20 -3.39 1.72
C GLU A 21 7.25 -1.95 2.26
N PHE A 22 6.25 -1.61 3.08
CA PHE A 22 6.20 -0.32 3.76
C PHE A 22 7.39 -0.22 4.71
N HIS A 23 7.83 -1.33 5.32
CA HIS A 23 9.09 -1.31 6.06
C HIS A 23 10.29 -1.09 5.12
N PHE A 24 10.21 -1.55 3.87
CA PHE A 24 11.27 -1.50 2.88
C PHE A 24 11.60 -0.05 2.53
N ASN A 25 10.62 0.69 1.99
CA ASN A 25 10.76 2.10 1.63
C ASN A 25 9.41 2.63 1.15
N ARG A 26 8.77 3.48 1.96
CA ARG A 26 7.37 3.87 1.75
C ARG A 26 7.18 4.50 0.37
N TYR A 27 7.93 5.56 0.09
CA TYR A 27 8.03 6.06 -1.28
C TYR A 27 8.99 5.13 -2.02
N ILE A 28 8.45 4.08 -2.62
CA ILE A 28 9.29 3.03 -3.19
C ILE A 28 10.14 3.58 -4.33
N THR A 29 11.31 2.96 -4.51
CA THR A 29 12.18 3.27 -5.62
C THR A 29 11.38 3.04 -6.90
N ARG A 30 11.57 3.85 -7.95
CA ARG A 30 10.78 3.67 -9.14
C ARG A 30 10.94 2.23 -9.67
N ARG A 31 12.18 1.73 -9.70
CA ARG A 31 12.42 0.38 -10.21
C ARG A 31 11.66 -0.64 -9.35
N ARG A 32 11.77 -0.55 -8.02
CA ARG A 32 11.05 -1.46 -7.15
C ARG A 32 9.56 -1.33 -7.39
N ARG A 33 9.06 -0.10 -7.50
CA ARG A 33 7.64 0.14 -7.63
C ARG A 33 7.13 -0.48 -8.94
N ILE A 34 7.87 -0.33 -10.05
CA ILE A 34 7.56 -1.01 -11.31
C ILE A 34 7.58 -2.53 -11.12
N ASP A 35 8.65 -3.05 -10.50
CA ASP A 35 8.85 -4.47 -10.26
C ASP A 35 7.61 -5.01 -9.55
N ILE A 36 7.37 -4.50 -8.35
CA ILE A 36 6.24 -4.85 -7.53
C ILE A 36 4.94 -4.68 -8.30
N ALA A 37 4.69 -3.50 -8.89
CA ALA A 37 3.49 -3.27 -9.68
C ALA A 37 3.27 -4.42 -10.66
N ASN A 38 4.36 -4.86 -11.29
CA ASN A 38 4.32 -5.95 -12.25
C ASN A 38 4.02 -7.28 -11.52
N ALA A 39 4.97 -7.78 -10.73
CA ALA A 39 4.93 -9.10 -10.13
C ALA A 39 3.73 -9.30 -9.19
N LEU A 40 3.37 -8.23 -8.47
CA LEU A 40 2.31 -8.19 -7.47
C LEU A 40 0.95 -7.93 -8.17
N SER A 41 0.97 -7.62 -9.48
CA SER A 41 -0.19 -7.27 -10.27
C SER A 41 -1.03 -6.15 -9.65
N LEU A 42 -0.45 -4.95 -9.52
CA LEU A 42 -1.20 -3.74 -9.22
C LEU A 42 -0.52 -2.57 -9.91
N SER A 43 -1.23 -1.46 -10.17
CA SER A 43 -0.61 -0.36 -10.91
C SER A 43 0.22 0.52 -9.97
N GLU A 44 1.30 1.09 -10.47
CA GLU A 44 2.25 1.90 -9.69
C GLU A 44 1.56 3.11 -9.07
N ARG A 45 0.66 3.74 -9.83
CA ARG A 45 -0.17 4.84 -9.35
C ARG A 45 -1.03 4.37 -8.17
N GLN A 46 -1.76 3.27 -8.37
CA GLN A 46 -2.66 2.70 -7.38
C GLN A 46 -1.88 2.32 -6.12
N ILE A 47 -0.70 1.72 -6.31
CA ILE A 47 0.28 1.46 -5.29
C ILE A 47 0.67 2.77 -4.58
N LYS A 48 1.04 3.81 -5.32
CA LYS A 48 1.41 5.08 -4.73
C LYS A 48 0.30 5.52 -3.75
N ILE A 49 -0.96 5.46 -4.21
CA ILE A 49 -2.11 5.74 -3.38
C ILE A 49 -2.12 4.82 -2.14
N TRP A 50 -1.94 3.51 -2.30
CA TRP A 50 -1.89 2.60 -1.14
C TRP A 50 -0.83 3.06 -0.13
N PHE A 51 0.38 3.37 -0.59
CA PHE A 51 1.48 3.79 0.28
C PHE A 51 1.25 5.20 0.84
N GLN A 52 0.37 5.98 0.22
CA GLN A 52 -0.20 7.18 0.84
C GLN A 52 -1.11 6.75 1.99
N ASN A 53 -2.10 5.90 1.68
CA ASN A 53 -3.08 5.35 2.59
C ASN A 53 -2.45 4.82 3.88
N ARG A 54 -1.48 3.91 3.71
CA ARG A 54 -0.79 3.17 4.76
C ARG A 54 -0.42 4.08 5.93
N ARG A 55 0.24 5.22 5.64
CA ARG A 55 0.62 6.16 6.70
C ARG A 55 -0.55 6.52 7.62
N MET A 56 -1.77 6.67 7.08
CA MET A 56 -2.91 7.19 7.82
C MET A 56 -4.16 6.35 7.56
N LYS A 57 -4.06 5.02 7.56
CA LYS A 57 -5.22 4.14 7.34
C LYS A 57 -6.08 4.02 8.61
N SER A 58 -6.37 5.14 9.25
CA SER A 58 -7.29 5.29 10.36
C SER A 58 -6.83 4.47 11.57
N LYS A 59 -5.94 5.02 12.39
CA LYS A 59 -5.21 4.28 13.41
C LYS A 59 -4.38 3.14 12.81
N LYS A 60 -4.08 3.26 11.51
CA LYS A 60 -3.69 2.21 10.60
C LYS A 60 -4.55 0.95 10.81
N ASP A 61 -5.82 1.13 11.16
CA ASP A 61 -6.63 0.09 11.79
C ASP A 61 -8.07 0.56 11.91
N ARG A 62 -8.33 1.40 12.91
CA ARG A 62 -9.68 1.84 13.26
C ARG A 62 -9.55 3.10 14.12
N THR A 63 -9.92 4.27 13.57
CA THR A 63 -9.79 5.54 14.27
C THR A 63 -11.01 5.82 15.16
N LEU A 64 -11.05 7.03 15.71
CA LEU A 64 -12.19 7.66 16.35
C LEU A 64 -12.86 8.52 15.29
N ASP A 65 -14.02 8.08 14.80
CA ASP A 65 -14.84 8.65 13.75
C ASP A 65 -16.06 9.39 14.32
N SER A 66 -16.05 9.66 15.63
CA SER A 66 -17.14 10.26 16.37
C SER A 66 -18.41 9.41 16.28
N SER A 67 -19.59 10.05 16.32
CA SER A 67 -20.89 9.39 16.27
C SER A 67 -21.97 10.49 16.21
N PRO A 68 -22.24 11.07 15.04
CA PRO A 68 -23.30 12.06 14.88
C PRO A 68 -24.67 11.36 14.86
N GLU A 69 -25.73 12.14 14.86
CA GLU A 69 -27.11 11.67 14.76
C GLU A 69 -27.84 12.65 13.81
N HIS A 70 -29.06 13.12 14.14
CA HIS A 70 -29.64 14.24 13.41
C HIS A 70 -28.95 15.54 13.81
N MET A 1 -25.18 0.50 -7.03
CA MET A 1 -24.69 1.05 -8.30
C MET A 1 -23.57 2.04 -8.00
N ASP A 2 -22.51 1.55 -7.36
CA ASP A 2 -21.60 2.41 -6.60
C ASP A 2 -20.14 2.20 -7.02
N SER A 3 -19.91 2.04 -8.32
CA SER A 3 -18.59 2.08 -8.91
C SER A 3 -18.07 3.53 -8.93
N LYS A 4 -17.83 4.11 -7.74
CA LYS A 4 -17.48 5.51 -7.58
C LYS A 4 -16.03 5.77 -8.00
N ARG A 5 -15.72 5.56 -9.28
CA ARG A 5 -14.43 5.44 -9.91
C ARG A 5 -13.53 4.42 -9.20
N THR A 6 -12.26 4.36 -9.60
CA THR A 6 -11.25 3.42 -9.15
C THR A 6 -11.77 1.98 -9.08
N ARG A 7 -11.56 1.24 -10.17
CA ARG A 7 -11.98 -0.16 -10.28
C ARG A 7 -11.01 -1.08 -9.57
N GLN A 8 -9.70 -0.79 -9.68
CA GLN A 8 -8.69 -1.78 -9.38
C GLN A 8 -8.65 -2.16 -7.90
N THR A 9 -8.16 -3.36 -7.66
CA THR A 9 -8.32 -4.11 -6.44
C THR A 9 -7.18 -3.94 -5.44
N TYR A 10 -7.44 -4.39 -4.22
CA TYR A 10 -6.51 -4.76 -3.19
C TYR A 10 -7.02 -6.07 -2.63
N THR A 11 -6.15 -6.83 -1.97
CA THR A 11 -6.45 -8.13 -1.41
C THR A 11 -5.69 -8.26 -0.08
N ARG A 12 -6.00 -9.29 0.70
CA ARG A 12 -5.24 -9.62 1.89
C ARG A 12 -3.78 -9.86 1.49
N TYR A 13 -3.56 -10.77 0.54
CA TYR A 13 -2.25 -11.07 -0.03
C TYR A 13 -1.56 -9.78 -0.45
N GLN A 14 -2.22 -8.97 -1.29
CA GLN A 14 -1.67 -7.72 -1.75
C GLN A 14 -1.24 -6.85 -0.56
N THR A 15 -2.18 -6.46 0.30
CA THR A 15 -1.89 -5.68 1.49
C THR A 15 -0.70 -6.26 2.26
N LEU A 16 -0.62 -7.58 2.45
CA LEU A 16 0.53 -8.20 3.10
C LEU A 16 1.81 -7.88 2.32
N GLU A 17 1.83 -8.17 1.02
CA GLU A 17 3.01 -7.95 0.20
C GLU A 17 3.46 -6.49 0.30
N LEU A 18 2.48 -5.61 0.17
CA LEU A 18 2.57 -4.18 0.23
C LEU A 18 3.01 -3.69 1.61
N GLU A 19 2.64 -4.38 2.70
CA GLU A 19 3.06 -4.04 4.04
C GLU A 19 4.54 -4.39 4.20
N LYS A 20 4.96 -5.57 3.71
CA LYS A 20 6.38 -5.93 3.66
C LYS A 20 7.15 -4.82 2.91
N GLU A 21 6.64 -4.46 1.74
CA GLU A 21 7.18 -3.37 0.93
C GLU A 21 7.13 -2.02 1.67
N PHE A 22 6.10 -1.82 2.49
CA PHE A 22 5.98 -0.62 3.30
C PHE A 22 7.14 -0.55 4.31
N HIS A 23 7.36 -1.64 5.04
CA HIS A 23 8.54 -1.80 5.88
C HIS A 23 9.81 -1.59 5.07
N PHE A 24 9.83 -2.04 3.81
CA PHE A 24 10.98 -1.92 2.93
C PHE A 24 11.28 -0.43 2.67
N ASN A 25 10.35 0.29 2.05
CA ASN A 25 10.51 1.69 1.69
C ASN A 25 9.14 2.36 1.60
N ARG A 26 8.80 3.19 2.60
CA ARG A 26 7.47 3.83 2.72
C ARG A 26 7.20 4.79 1.54
N TYR A 27 8.20 5.04 0.70
CA TYR A 27 8.11 5.68 -0.59
C TYR A 27 8.99 4.83 -1.52
N ILE A 28 8.43 3.82 -2.19
CA ILE A 28 9.24 2.88 -2.99
C ILE A 28 9.84 3.61 -4.19
N THR A 29 11.02 3.15 -4.61
CA THR A 29 11.70 3.65 -5.80
C THR A 29 10.85 3.33 -7.02
N ARG A 30 10.87 4.13 -8.10
CA ARG A 30 10.07 3.78 -9.26
C ARG A 30 10.40 2.37 -9.74
N ARG A 31 11.68 2.05 -9.86
CA ARG A 31 12.10 0.74 -10.33
C ARG A 31 11.48 -0.35 -9.46
N ARG A 32 11.63 -0.25 -8.13
CA ARG A 32 11.06 -1.24 -7.23
C ARG A 32 9.54 -1.23 -7.36
N ARG A 33 8.91 -0.07 -7.35
CA ARG A 33 7.47 0.07 -7.34
C ARG A 33 6.86 -0.57 -8.61
N ILE A 34 7.46 -0.33 -9.78
CA ILE A 34 7.04 -0.97 -11.03
C ILE A 34 7.34 -2.46 -10.98
N ASP A 35 8.52 -2.85 -10.53
CA ASP A 35 8.92 -4.26 -10.42
C ASP A 35 7.87 -5.00 -9.58
N ILE A 36 7.76 -4.60 -8.33
CA ILE A 36 6.78 -5.07 -7.37
C ILE A 36 5.41 -5.08 -8.04
N ALA A 37 4.91 -3.92 -8.47
CA ALA A 37 3.60 -3.84 -9.11
C ALA A 37 3.45 -4.90 -10.20
N ASN A 38 4.49 -5.11 -11.01
CA ASN A 38 4.43 -6.09 -12.08
C ASN A 38 4.25 -7.49 -11.48
N ALA A 39 5.16 -7.87 -10.59
CA ALA A 39 5.14 -9.17 -9.94
C ALA A 39 3.86 -9.41 -9.13
N LEU A 40 3.29 -8.33 -8.58
CA LEU A 40 2.18 -8.39 -7.63
C LEU A 40 0.87 -8.37 -8.44
N SER A 41 0.97 -8.22 -9.77
CA SER A 41 -0.15 -8.09 -10.71
C SER A 41 -1.00 -6.86 -10.42
N LEU A 42 -0.35 -5.72 -10.14
CA LEU A 42 -0.98 -4.44 -9.86
C LEU A 42 -0.31 -3.29 -10.63
N SER A 43 -0.27 -2.07 -10.08
CA SER A 43 0.27 -0.90 -10.78
C SER A 43 0.81 0.15 -9.80
N GLU A 44 1.73 0.99 -10.30
CA GLU A 44 2.38 2.04 -9.55
C GLU A 44 1.34 2.96 -8.92
N ARG A 45 0.32 3.36 -9.70
CA ARG A 45 -0.77 4.22 -9.26
C ARG A 45 -1.46 3.64 -8.03
N GLN A 46 -1.89 2.38 -8.13
CA GLN A 46 -2.61 1.69 -7.07
C GLN A 46 -1.76 1.68 -5.80
N ILE A 47 -0.51 1.26 -5.93
CA ILE A 47 0.45 1.27 -4.84
C ILE A 47 0.61 2.68 -4.27
N LYS A 48 0.74 3.69 -5.13
CA LYS A 48 0.94 5.08 -4.71
C LYS A 48 -0.15 5.46 -3.71
N ILE A 49 -1.43 5.24 -4.04
CA ILE A 49 -2.50 5.45 -3.07
C ILE A 49 -2.26 4.60 -1.82
N TRP A 50 -2.17 3.27 -1.98
CA TRP A 50 -2.13 2.36 -0.84
C TRP A 50 -1.10 2.88 0.18
N PHE A 51 0.09 3.22 -0.31
CA PHE A 51 1.19 3.79 0.46
C PHE A 51 0.81 5.14 1.04
N GLN A 52 0.38 6.08 0.20
CA GLN A 52 0.05 7.42 0.68
C GLN A 52 -0.87 7.35 1.90
N ASN A 53 -1.90 6.51 1.76
CA ASN A 53 -2.86 6.16 2.79
C ASN A 53 -2.14 5.58 4.01
N ARG A 54 -1.38 4.51 3.78
CA ARG A 54 -0.72 3.70 4.81
C ARG A 54 -0.05 4.49 5.94
N ARG A 55 0.62 5.61 5.60
CA ARG A 55 1.26 6.50 6.59
C ARG A 55 0.26 7.05 7.63
N MET A 56 -0.97 7.32 7.17
CA MET A 56 -2.08 7.86 7.94
C MET A 56 -3.21 6.82 7.90
N LYS A 57 -2.89 5.63 8.38
CA LYS A 57 -3.83 4.54 8.48
C LYS A 57 -3.40 3.66 9.66
N SER A 58 -2.73 2.54 9.42
CA SER A 58 -2.40 1.57 10.44
C SER A 58 -1.12 1.98 11.17
N LYS A 59 -1.19 3.16 11.78
CA LYS A 59 -0.35 3.61 12.88
C LYS A 59 -1.05 4.80 13.57
N LYS A 60 -1.69 5.65 12.77
CA LYS A 60 -2.74 6.56 13.18
C LYS A 60 -4.10 5.83 13.24
N ASP A 61 -4.05 4.63 13.82
CA ASP A 61 -5.11 3.72 14.20
C ASP A 61 -5.28 3.80 15.72
N ARG A 62 -4.13 3.78 16.41
CA ARG A 62 -3.92 4.13 17.80
C ARG A 62 -2.40 4.05 18.04
N THR A 63 -1.71 5.20 18.15
CA THR A 63 -0.25 5.23 18.20
C THR A 63 0.31 5.00 19.61
N LEU A 64 1.60 5.29 19.77
CA LEU A 64 2.35 5.25 21.00
C LEU A 64 3.28 6.48 20.99
N ASP A 65 3.76 6.89 22.17
CA ASP A 65 4.56 8.08 22.43
C ASP A 65 3.79 9.29 21.92
N SER A 66 2.67 9.52 22.60
CA SER A 66 1.73 10.53 22.16
C SER A 66 2.26 11.93 22.51
N SER A 67 3.25 12.40 21.74
CA SER A 67 3.73 13.77 21.75
C SER A 67 4.16 14.20 20.33
N PRO A 68 5.27 13.69 19.79
CA PRO A 68 5.69 13.92 18.41
C PRO A 68 4.82 13.08 17.44
N GLU A 69 3.52 13.39 17.38
CA GLU A 69 2.53 12.41 16.90
C GLU A 69 2.61 12.04 15.40
N HIS A 70 3.14 12.95 14.56
CA HIS A 70 3.37 12.82 13.12
C HIS A 70 2.34 11.98 12.36
N MET A 1 -1.05 6.02 -24.67
CA MET A 1 -0.01 5.18 -24.06
C MET A 1 -0.50 4.96 -22.64
N ASP A 2 -0.93 3.73 -22.34
CA ASP A 2 -1.83 3.48 -21.24
C ASP A 2 -1.47 2.18 -20.52
N SER A 3 -2.38 1.74 -19.64
CA SER A 3 -2.23 0.64 -18.69
C SER A 3 -3.64 0.43 -18.14
N LYS A 4 -3.86 -0.64 -17.37
CA LYS A 4 -5.17 -0.98 -16.85
C LYS A 4 -5.53 -0.09 -15.65
N ARG A 5 -5.61 1.22 -15.90
CA ARG A 5 -6.00 2.28 -14.99
C ARG A 5 -5.55 2.01 -13.54
N THR A 6 -6.47 1.59 -12.67
CA THR A 6 -6.24 1.23 -11.28
C THR A 6 -7.33 0.23 -10.88
N ARG A 7 -6.99 -1.06 -10.84
CA ARG A 7 -7.88 -2.14 -10.41
C ARG A 7 -8.12 -2.05 -8.90
N GLN A 8 -8.84 -1.00 -8.46
CA GLN A 8 -9.03 -0.69 -7.03
C GLN A 8 -9.53 -1.92 -6.26
N THR A 9 -9.34 -1.94 -4.95
CA THR A 9 -9.31 -3.07 -4.08
C THR A 9 -8.01 -3.86 -4.28
N TYR A 10 -7.58 -4.56 -3.24
CA TYR A 10 -6.33 -5.32 -3.20
C TYR A 10 -6.69 -6.66 -2.57
N THR A 11 -5.97 -7.72 -2.92
CA THR A 11 -6.10 -8.96 -2.18
C THR A 11 -5.54 -8.80 -0.76
N ARG A 12 -5.89 -9.75 0.13
CA ARG A 12 -5.29 -9.87 1.44
C ARG A 12 -3.77 -9.99 1.29
N TYR A 13 -3.34 -10.94 0.46
CA TYR A 13 -1.92 -11.14 0.18
C TYR A 13 -1.30 -9.84 -0.32
N GLN A 14 -1.94 -9.19 -1.30
CA GLN A 14 -1.43 -7.97 -1.89
C GLN A 14 -1.22 -6.96 -0.78
N THR A 15 -2.25 -6.66 0.01
CA THR A 15 -2.13 -5.74 1.14
C THR A 15 -0.96 -6.12 2.07
N LEU A 16 -0.84 -7.39 2.47
CA LEU A 16 0.24 -7.83 3.33
C LEU A 16 1.59 -7.53 2.66
N GLU A 17 1.72 -7.88 1.38
CA GLU A 17 2.93 -7.67 0.61
C GLU A 17 3.25 -6.18 0.51
N LEU A 18 2.23 -5.35 0.28
CA LEU A 18 2.33 -3.91 0.28
C LEU A 18 2.83 -3.38 1.63
N GLU A 19 2.39 -3.99 2.75
CA GLU A 19 2.91 -3.61 4.05
C GLU A 19 4.38 -4.05 4.14
N LYS A 20 4.70 -5.24 3.66
CA LYS A 20 6.09 -5.70 3.59
C LYS A 20 6.94 -4.76 2.72
N GLU A 21 6.37 -4.19 1.65
CA GLU A 21 6.97 -3.17 0.80
C GLU A 21 7.23 -1.89 1.60
N PHE A 22 6.26 -1.55 2.46
CA PHE A 22 6.39 -0.38 3.33
C PHE A 22 7.57 -0.63 4.27
N HIS A 23 7.65 -1.83 4.87
CA HIS A 23 8.81 -2.28 5.64
C HIS A 23 10.09 -2.24 4.80
N PHE A 24 10.01 -2.64 3.53
CA PHE A 24 11.15 -2.71 2.61
C PHE A 24 11.71 -1.30 2.41
N ASN A 25 10.80 -0.33 2.34
CA ASN A 25 11.08 1.07 2.07
C ASN A 25 9.76 1.85 2.13
N ARG A 26 9.66 2.83 3.04
CA ARG A 26 8.47 3.65 3.17
C ARG A 26 8.16 4.33 1.84
N TYR A 27 9.18 4.80 1.12
CA TYR A 27 9.07 5.36 -0.22
C TYR A 27 9.90 4.50 -1.18
N ILE A 28 9.24 3.62 -1.92
CA ILE A 28 9.88 2.79 -2.94
C ILE A 28 10.45 3.67 -4.05
N THR A 29 11.60 3.26 -4.57
CA THR A 29 12.06 3.73 -5.88
C THR A 29 11.01 3.40 -6.94
N ARG A 30 10.95 4.19 -8.01
CA ARG A 30 10.06 3.85 -9.10
C ARG A 30 10.36 2.44 -9.62
N ARG A 31 11.64 2.06 -9.74
CA ARG A 31 12.00 0.73 -10.19
C ARG A 31 11.39 -0.34 -9.30
N ARG A 32 11.56 -0.23 -7.98
CA ARG A 32 10.97 -1.23 -7.08
C ARG A 32 9.45 -1.24 -7.25
N ARG A 33 8.86 -0.06 -7.41
CA ARG A 33 7.42 0.07 -7.55
C ARG A 33 6.93 -0.60 -8.83
N ILE A 34 7.62 -0.41 -9.96
CA ILE A 34 7.33 -1.12 -11.21
C ILE A 34 7.46 -2.63 -10.99
N ASP A 35 8.58 -3.03 -10.39
CA ASP A 35 8.97 -4.41 -10.13
C ASP A 35 7.84 -5.13 -9.39
N ILE A 36 7.53 -4.65 -8.20
CA ILE A 36 6.40 -5.09 -7.42
C ILE A 36 5.10 -4.99 -8.22
N ALA A 37 4.74 -3.83 -8.75
CA ALA A 37 3.52 -3.69 -9.54
C ALA A 37 3.41 -4.83 -10.56
N ASN A 38 4.52 -5.13 -11.23
CA ASN A 38 4.58 -6.15 -12.27
C ASN A 38 4.34 -7.54 -11.69
N ALA A 39 5.20 -7.96 -10.75
CA ALA A 39 5.19 -9.31 -10.22
C ALA A 39 3.99 -9.53 -9.27
N LEU A 40 3.87 -8.63 -8.31
CA LEU A 40 2.90 -8.62 -7.23
C LEU A 40 1.50 -8.36 -7.81
N SER A 41 1.45 -7.89 -9.05
CA SER A 41 0.26 -7.85 -9.88
C SER A 41 -0.69 -6.74 -9.46
N LEU A 42 -0.17 -5.52 -9.35
CA LEU A 42 -0.98 -4.35 -9.08
C LEU A 42 -0.47 -3.16 -9.86
N SER A 43 -1.11 -2.00 -9.69
CA SER A 43 -0.77 -0.83 -10.50
C SER A 43 -0.04 0.20 -9.66
N GLU A 44 1.03 0.78 -10.21
CA GLU A 44 1.85 1.83 -9.60
C GLU A 44 0.98 2.93 -8.95
N ARG A 45 -0.01 3.49 -9.67
CA ARG A 45 -0.86 4.53 -9.15
C ARG A 45 -1.72 4.03 -8.00
N GLN A 46 -2.26 2.81 -8.12
CA GLN A 46 -3.04 2.18 -7.08
C GLN A 46 -2.21 2.01 -5.81
N ILE A 47 -0.99 1.55 -6.02
CA ILE A 47 0.04 1.44 -5.02
C ILE A 47 0.32 2.82 -4.42
N LYS A 48 0.47 3.87 -5.25
CA LYS A 48 0.70 5.23 -4.76
C LYS A 48 -0.39 5.58 -3.76
N ILE A 49 -1.66 5.43 -4.17
CA ILE A 49 -2.80 5.74 -3.31
C ILE A 49 -2.77 4.89 -2.03
N TRP A 50 -2.45 3.60 -2.15
CA TRP A 50 -2.30 2.71 -1.01
C TRP A 50 -1.28 3.29 -0.02
N PHE A 51 -0.06 3.55 -0.52
CA PHE A 51 1.06 4.08 0.25
C PHE A 51 0.66 5.40 0.92
N GLN A 52 0.06 6.30 0.14
CA GLN A 52 -0.38 7.61 0.59
C GLN A 52 -1.36 7.43 1.76
N ASN A 53 -2.32 6.52 1.60
CA ASN A 53 -3.33 6.26 2.60
C ASN A 53 -2.62 5.75 3.85
N ARG A 54 -1.91 4.63 3.69
CA ARG A 54 -1.28 3.88 4.75
C ARG A 54 -0.42 4.79 5.63
N ARG A 55 0.39 5.66 5.00
CA ARG A 55 1.22 6.68 5.62
C ARG A 55 0.75 7.14 7.01
N MET A 56 -0.49 7.62 7.06
CA MET A 56 -1.12 8.08 8.30
C MET A 56 -2.57 7.61 8.32
N LYS A 57 -2.78 6.34 7.97
CA LYS A 57 -4.02 5.65 8.25
C LYS A 57 -3.66 4.50 9.17
N SER A 58 -3.64 3.26 8.68
CA SER A 58 -3.25 2.12 9.50
C SER A 58 -1.72 2.01 9.50
N LYS A 59 -1.10 3.04 10.08
CA LYS A 59 0.28 3.06 10.53
C LYS A 59 0.37 4.02 11.73
N LYS A 60 -0.20 5.23 11.62
CA LYS A 60 -0.44 6.12 12.76
C LYS A 60 -1.66 5.61 13.55
N ASP A 61 -1.67 4.31 13.89
CA ASP A 61 -2.84 3.53 14.28
C ASP A 61 -2.46 2.35 15.19
N ARG A 62 -1.84 1.33 14.60
CA ARG A 62 -1.83 0.00 15.19
C ARG A 62 -1.04 -0.01 16.51
N THR A 63 -1.76 -0.26 17.61
CA THR A 63 -1.28 -0.15 18.97
C THR A 63 -0.50 1.15 19.19
N LEU A 64 -1.05 2.25 18.66
CA LEU A 64 -0.53 3.59 18.79
C LEU A 64 -1.69 4.49 19.23
N ASP A 65 -1.38 5.58 19.93
CA ASP A 65 -2.26 6.73 20.04
C ASP A 65 -1.62 7.77 19.13
N SER A 66 -2.36 8.81 18.79
CA SER A 66 -1.81 9.97 18.14
C SER A 66 -2.84 11.09 18.24
N SER A 67 -3.13 11.53 19.47
CA SER A 67 -3.88 12.75 19.70
C SER A 67 -3.14 13.84 18.92
N PRO A 68 -3.75 14.43 17.89
CA PRO A 68 -3.02 15.11 16.83
C PRO A 68 -2.32 16.41 17.26
N GLU A 69 -1.03 16.30 17.59
CA GLU A 69 -0.12 17.42 17.59
C GLU A 69 0.20 17.77 16.12
N HIS A 70 0.08 16.74 15.28
CA HIS A 70 -0.11 16.72 13.84
C HIS A 70 -0.82 15.39 13.56
N MET A 1 -6.31 -10.68 -15.93
CA MET A 1 -7.39 -9.69 -16.14
C MET A 1 -7.22 -8.63 -15.06
N ASP A 2 -8.18 -7.71 -14.91
CA ASP A 2 -8.07 -6.51 -14.10
C ASP A 2 -9.47 -5.94 -13.91
N SER A 3 -9.65 -4.94 -13.04
CA SER A 3 -10.86 -4.16 -12.93
C SER A 3 -11.04 -3.23 -14.14
N LYS A 4 -10.95 -3.76 -15.37
CA LYS A 4 -11.05 -3.04 -16.63
C LYS A 4 -10.48 -1.62 -16.58
N ARG A 5 -9.28 -1.46 -16.01
CA ARG A 5 -8.54 -0.24 -15.89
C ARG A 5 -9.29 0.86 -15.12
N THR A 6 -9.98 0.50 -14.03
CA THR A 6 -10.58 1.44 -13.11
C THR A 6 -10.64 0.69 -11.77
N ARG A 7 -9.83 1.14 -10.82
CA ARG A 7 -9.78 0.69 -9.44
C ARG A 7 -9.52 -0.82 -9.35
N GLN A 8 -8.24 -1.20 -9.49
CA GLN A 8 -7.79 -2.52 -9.18
C GLN A 8 -8.03 -2.83 -7.70
N THR A 9 -8.14 -4.10 -7.37
CA THR A 9 -8.52 -4.58 -6.06
C THR A 9 -7.35 -4.61 -5.06
N TYR A 10 -7.65 -5.17 -3.89
CA TYR A 10 -6.71 -5.68 -2.90
C TYR A 10 -7.22 -7.06 -2.51
N THR A 11 -6.36 -7.81 -1.83
CA THR A 11 -6.64 -9.10 -1.22
C THR A 11 -5.80 -9.13 0.06
N ARG A 12 -6.04 -10.12 0.93
CA ARG A 12 -5.22 -10.31 2.12
C ARG A 12 -3.76 -10.42 1.68
N TYR A 13 -3.47 -11.33 0.76
CA TYR A 13 -2.15 -11.47 0.13
C TYR A 13 -1.64 -10.11 -0.34
N GLN A 14 -2.42 -9.43 -1.17
CA GLN A 14 -1.99 -8.18 -1.80
C GLN A 14 -1.55 -7.18 -0.73
N THR A 15 -2.44 -6.89 0.23
CA THR A 15 -2.12 -6.03 1.34
C THR A 15 -0.89 -6.54 2.10
N LEU A 16 -0.77 -7.83 2.39
CA LEU A 16 0.39 -8.39 3.08
C LEU A 16 1.67 -8.02 2.33
N GLU A 17 1.70 -8.28 1.03
CA GLU A 17 2.85 -7.99 0.18
C GLU A 17 3.20 -6.49 0.31
N LEU A 18 2.19 -5.65 0.09
CA LEU A 18 2.33 -4.21 0.19
C LEU A 18 2.79 -3.75 1.58
N GLU A 19 2.35 -4.41 2.64
CA GLU A 19 2.76 -4.08 4.00
C GLU A 19 4.22 -4.48 4.21
N LYS A 20 4.65 -5.62 3.67
CA LYS A 20 6.07 -5.95 3.65
C LYS A 20 6.86 -4.86 2.93
N GLU A 21 6.40 -4.42 1.75
CA GLU A 21 7.07 -3.33 1.06
C GLU A 21 7.12 -2.07 1.93
N PHE A 22 6.01 -1.82 2.63
CA PHE A 22 5.94 -0.68 3.51
C PHE A 22 6.94 -0.82 4.67
N HIS A 23 7.12 -2.04 5.17
CA HIS A 23 8.18 -2.36 6.11
C HIS A 23 9.57 -2.20 5.46
N PHE A 24 9.68 -2.35 4.14
CA PHE A 24 10.91 -2.11 3.41
C PHE A 24 11.27 -0.63 3.54
N ASN A 25 10.32 0.25 3.22
CA ASN A 25 10.56 1.68 3.10
C ASN A 25 9.22 2.43 2.99
N ARG A 26 9.27 3.75 3.17
CA ARG A 26 8.12 4.65 3.09
C ARG A 26 7.98 5.28 1.71
N TYR A 27 8.84 4.92 0.74
CA TYR A 27 9.01 5.59 -0.54
C TYR A 27 9.94 4.73 -1.41
N ILE A 28 9.37 3.79 -2.17
CA ILE A 28 10.13 2.81 -2.94
C ILE A 28 10.40 3.40 -4.33
N THR A 29 11.59 3.18 -4.89
CA THR A 29 12.00 3.79 -6.16
C THR A 29 10.99 3.47 -7.26
N ARG A 30 10.84 4.34 -8.26
CA ARG A 30 9.90 4.08 -9.35
C ARG A 30 10.16 2.70 -9.96
N ARG A 31 11.41 2.38 -10.31
CA ARG A 31 11.71 1.08 -10.93
C ARG A 31 11.26 -0.05 -10.00
N ARG A 32 11.59 0.08 -8.71
CA ARG A 32 11.28 -0.92 -7.71
C ARG A 32 9.75 -1.04 -7.52
N ARG A 33 9.03 0.08 -7.69
CA ARG A 33 7.58 0.14 -7.58
C ARG A 33 6.90 -0.41 -8.83
N ILE A 34 7.48 -0.20 -10.03
CA ILE A 34 7.04 -0.87 -11.26
C ILE A 34 7.24 -2.38 -11.09
N ASP A 35 8.41 -2.77 -10.58
CA ASP A 35 8.82 -4.13 -10.31
C ASP A 35 7.77 -4.81 -9.43
N ILE A 36 7.58 -4.30 -8.22
CA ILE A 36 6.57 -4.78 -7.32
C ILE A 36 5.20 -4.78 -7.99
N ALA A 37 4.75 -3.66 -8.57
CA ALA A 37 3.49 -3.62 -9.29
C ALA A 37 3.39 -4.80 -10.27
N ASN A 38 4.49 -5.10 -10.94
CA ASN A 38 4.53 -6.13 -11.98
C ASN A 38 4.37 -7.52 -11.36
N ALA A 39 5.23 -7.86 -10.40
CA ALA A 39 5.27 -9.17 -9.80
C ALA A 39 4.04 -9.41 -8.90
N LEU A 40 3.71 -8.42 -8.09
CA LEU A 40 2.65 -8.45 -7.09
C LEU A 40 1.30 -8.55 -7.81
N SER A 41 1.18 -7.77 -8.90
CA SER A 41 0.07 -7.70 -9.84
C SER A 41 -0.87 -6.55 -9.45
N LEU A 42 -0.41 -5.31 -9.68
CA LEU A 42 -1.17 -4.08 -9.45
C LEU A 42 -0.54 -2.97 -10.30
N SER A 43 -0.79 -1.68 -10.03
CA SER A 43 -0.17 -0.59 -10.83
C SER A 43 0.40 0.51 -9.94
N GLU A 44 1.37 1.26 -10.49
CA GLU A 44 2.15 2.28 -9.78
C GLU A 44 1.24 3.40 -9.24
N ARG A 45 0.16 3.75 -9.93
CA ARG A 45 -0.83 4.68 -9.41
C ARG A 45 -1.50 4.10 -8.16
N GLN A 46 -2.00 2.88 -8.30
CA GLN A 46 -2.80 2.19 -7.30
C GLN A 46 -1.96 1.99 -6.03
N ILE A 47 -0.77 1.44 -6.20
CA ILE A 47 0.20 1.26 -5.14
C ILE A 47 0.57 2.60 -4.51
N LYS A 48 0.86 3.63 -5.32
CA LYS A 48 1.18 4.94 -4.80
C LYS A 48 0.06 5.47 -3.89
N ILE A 49 -1.21 5.35 -4.30
CA ILE A 49 -2.32 5.68 -3.40
C ILE A 49 -2.18 4.85 -2.14
N TRP A 50 -2.14 3.51 -2.26
CA TRP A 50 -2.13 2.63 -1.10
C TRP A 50 -1.06 3.10 -0.11
N PHE A 51 0.15 3.38 -0.59
CA PHE A 51 1.23 3.92 0.22
C PHE A 51 0.81 5.24 0.85
N GLN A 52 0.45 6.23 0.03
CA GLN A 52 0.10 7.59 0.47
C GLN A 52 -0.90 7.53 1.64
N ASN A 53 -1.90 6.65 1.49
CA ASN A 53 -2.87 6.31 2.50
C ASN A 53 -2.17 5.71 3.73
N ARG A 54 -1.56 4.54 3.54
CA ARG A 54 -0.94 3.71 4.55
C ARG A 54 0.06 4.43 5.45
N ARG A 55 0.85 5.33 4.85
CA ARG A 55 2.00 5.95 5.49
C ARG A 55 1.64 6.97 6.56
N MET A 56 0.37 7.40 6.59
CA MET A 56 -0.12 8.41 7.51
C MET A 56 -1.61 8.17 7.68
N LYS A 57 -1.94 6.93 8.06
CA LYS A 57 -3.31 6.45 7.97
C LYS A 57 -4.23 6.81 9.14
N SER A 58 -4.02 6.17 10.28
CA SER A 58 -4.75 6.43 11.52
C SER A 58 -3.85 6.07 12.67
N LYS A 59 -2.57 6.42 12.53
CA LYS A 59 -1.51 5.92 13.38
C LYS A 59 -0.21 6.69 13.16
N LYS A 60 0.02 7.32 12.01
CA LYS A 60 1.13 8.20 11.81
C LYS A 60 0.69 9.62 11.44
N ASP A 61 -0.44 10.03 12.00
CA ASP A 61 -1.22 11.16 11.54
C ASP A 61 -2.09 11.66 12.70
N ARG A 62 -2.89 10.78 13.27
CA ARG A 62 -3.54 10.88 14.57
C ARG A 62 -3.21 9.58 15.28
N THR A 63 -3.44 9.50 16.60
CA THR A 63 -3.11 8.35 17.41
C THR A 63 -1.67 7.91 17.12
N LEU A 64 -0.74 8.88 17.20
CA LEU A 64 0.67 8.68 16.90
C LEU A 64 1.22 7.62 17.85
N ASP A 65 1.55 6.43 17.32
CA ASP A 65 2.01 5.31 18.08
C ASP A 65 2.88 4.54 17.12
N SER A 66 3.93 3.93 17.64
CA SER A 66 4.58 2.81 17.01
C SER A 66 5.71 2.31 17.91
N SER A 67 5.83 1.00 18.09
CA SER A 67 7.07 0.41 18.56
C SER A 67 8.24 0.81 17.65
N PRO A 68 8.24 0.39 16.38
CA PRO A 68 9.19 0.85 15.38
C PRO A 68 8.80 2.26 14.92
N GLU A 69 8.95 3.25 15.81
CA GLU A 69 8.95 4.66 15.45
C GLU A 69 10.42 5.09 15.35
N HIS A 70 10.78 6.25 15.91
CA HIS A 70 12.12 6.79 15.98
C HIS A 70 12.04 7.95 16.97
N MET A 1 -14.33 -14.61 0.27
CA MET A 1 -14.63 -13.61 1.30
C MET A 1 -13.29 -13.23 1.93
N ASP A 2 -13.19 -12.04 2.53
CA ASP A 2 -12.05 -11.60 3.33
C ASP A 2 -12.55 -10.44 4.19
N SER A 3 -11.92 -10.25 5.34
CA SER A 3 -12.16 -9.15 6.26
C SER A 3 -13.65 -8.92 6.50
N LYS A 4 -14.24 -9.76 7.36
CA LYS A 4 -15.64 -9.71 7.78
C LYS A 4 -16.60 -10.24 6.70
N ARG A 5 -16.43 -9.81 5.45
CA ARG A 5 -17.20 -10.19 4.29
C ARG A 5 -16.36 -9.99 3.03
N THR A 6 -16.32 -8.76 2.53
CA THR A 6 -15.51 -8.36 1.39
C THR A 6 -15.33 -6.84 1.45
N ARG A 7 -14.13 -6.43 1.80
CA ARG A 7 -13.76 -5.05 2.09
C ARG A 7 -13.72 -4.23 0.79
N GLN A 8 -13.00 -4.75 -0.21
CA GLN A 8 -12.59 -4.08 -1.42
C GLN A 8 -11.90 -5.16 -2.27
N THR A 9 -11.32 -4.73 -3.38
CA THR A 9 -10.41 -5.51 -4.20
C THR A 9 -9.05 -5.63 -3.48
N TYR A 10 -8.08 -6.22 -4.17
CA TYR A 10 -6.76 -6.59 -3.75
C TYR A 10 -6.81 -7.81 -2.83
N THR A 11 -5.86 -8.71 -2.96
CA THR A 11 -5.78 -9.89 -2.11
C THR A 11 -5.26 -9.55 -0.70
N ARG A 12 -5.53 -10.45 0.24
CA ARG A 12 -4.96 -10.38 1.58
C ARG A 12 -3.43 -10.38 1.46
N TYR A 13 -2.89 -11.36 0.71
CA TYR A 13 -1.47 -11.42 0.39
C TYR A 13 -0.99 -10.09 -0.16
N GLN A 14 -1.71 -9.51 -1.13
CA GLN A 14 -1.33 -8.24 -1.74
C GLN A 14 -1.12 -7.21 -0.64
N THR A 15 -2.15 -7.00 0.19
CA THR A 15 -2.12 -6.04 1.27
C THR A 15 -0.95 -6.31 2.23
N LEU A 16 -0.76 -7.56 2.65
CA LEU A 16 0.30 -7.93 3.57
C LEU A 16 1.67 -7.65 2.92
N GLU A 17 1.86 -8.08 1.67
CA GLU A 17 3.06 -7.86 0.88
C GLU A 17 3.35 -6.37 0.83
N LEU A 18 2.31 -5.57 0.63
CA LEU A 18 2.37 -4.13 0.54
C LEU A 18 2.77 -3.47 1.88
N GLU A 19 2.21 -3.94 3.00
CA GLU A 19 2.52 -3.38 4.31
C GLU A 19 3.96 -3.81 4.68
N LYS A 20 4.35 -5.03 4.31
CA LYS A 20 5.74 -5.48 4.40
C LYS A 20 6.65 -4.57 3.57
N GLU A 21 6.30 -4.29 2.31
CA GLU A 21 7.02 -3.36 1.46
C GLU A 21 7.14 -1.98 2.10
N PHE A 22 6.08 -1.59 2.81
CA PHE A 22 6.09 -0.33 3.53
C PHE A 22 7.16 -0.40 4.62
N HIS A 23 7.27 -1.53 5.33
CA HIS A 23 8.37 -1.78 6.24
C HIS A 23 9.72 -1.78 5.52
N PHE A 24 9.76 -2.07 4.22
CA PHE A 24 11.00 -2.00 3.44
C PHE A 24 11.45 -0.54 3.42
N ASN A 25 10.58 0.33 2.90
CA ASN A 25 10.81 1.75 2.76
C ASN A 25 9.46 2.41 2.65
N ARG A 26 9.23 3.53 3.36
CA ARG A 26 8.01 4.32 3.19
C ARG A 26 7.87 4.84 1.74
N TYR A 27 8.99 4.88 1.01
CA TYR A 27 9.06 5.11 -0.43
C TYR A 27 10.01 4.08 -1.07
N ILE A 28 9.47 2.99 -1.63
CA ILE A 28 10.21 2.11 -2.53
C ILE A 28 10.59 2.89 -3.80
N THR A 29 11.67 2.47 -4.51
CA THR A 29 12.15 3.14 -5.71
C THR A 29 11.10 3.06 -6.82
N ARG A 30 11.08 4.02 -7.75
CA ARG A 30 10.18 3.95 -8.89
C ARG A 30 10.45 2.68 -9.70
N ARG A 31 11.72 2.47 -10.08
CA ARG A 31 12.20 1.27 -10.75
C ARG A 31 11.57 0.03 -10.13
N ARG A 32 11.70 -0.15 -8.81
CA ARG A 32 11.13 -1.32 -8.18
C ARG A 32 9.61 -1.23 -8.17
N ARG A 33 9.03 -0.05 -7.95
CA ARG A 33 7.58 0.08 -7.79
C ARG A 33 6.83 -0.41 -9.01
N ILE A 34 7.23 0.02 -10.21
CA ILE A 34 6.63 -0.50 -11.45
C ILE A 34 6.67 -2.04 -11.41
N ASP A 35 7.88 -2.54 -11.25
CA ASP A 35 8.30 -3.93 -11.33
C ASP A 35 7.43 -4.77 -10.37
N ILE A 36 7.54 -4.48 -9.09
CA ILE A 36 6.74 -5.01 -8.01
C ILE A 36 5.27 -4.91 -8.39
N ALA A 37 4.74 -3.72 -8.67
CA ALA A 37 3.32 -3.53 -8.91
C ALA A 37 2.83 -4.46 -10.00
N ASN A 38 3.67 -4.64 -11.03
CA ASN A 38 3.36 -5.57 -12.10
C ASN A 38 3.25 -6.98 -11.52
N ALA A 39 4.33 -7.47 -10.92
CA ALA A 39 4.39 -8.81 -10.35
C ALA A 39 3.35 -9.06 -9.25
N LEU A 40 2.95 -8.01 -8.52
CA LEU A 40 2.12 -8.09 -7.33
C LEU A 40 0.64 -7.93 -7.73
N SER A 41 0.36 -7.67 -9.01
CA SER A 41 -0.97 -7.50 -9.57
C SER A 41 -1.67 -6.25 -9.03
N LEU A 42 -0.93 -5.15 -8.88
CA LEU A 42 -1.50 -3.84 -8.59
C LEU A 42 -1.07 -2.88 -9.72
N SER A 43 -0.72 -1.61 -9.45
CA SER A 43 -0.12 -0.73 -10.46
C SER A 43 0.78 0.28 -9.76
N GLU A 44 1.60 1.01 -10.53
CA GLU A 44 2.50 2.01 -9.99
C GLU A 44 1.69 3.17 -9.37
N ARG A 45 0.60 3.54 -10.03
CA ARG A 45 -0.37 4.47 -9.52
C ARG A 45 -0.97 3.91 -8.24
N GLN A 46 -1.60 2.73 -8.34
CA GLN A 46 -2.37 2.17 -7.25
C GLN A 46 -1.49 1.90 -6.01
N ILE A 47 -0.25 1.42 -6.20
CA ILE A 47 0.71 1.24 -5.12
C ILE A 47 0.99 2.60 -4.50
N LYS A 48 1.40 3.59 -5.28
CA LYS A 48 1.70 4.92 -4.74
C LYS A 48 0.54 5.42 -3.88
N ILE A 49 -0.68 5.35 -4.41
CA ILE A 49 -1.88 5.80 -3.71
C ILE A 49 -2.12 4.98 -2.44
N TRP A 50 -1.94 3.65 -2.51
CA TRP A 50 -2.05 2.76 -1.37
C TRP A 50 -1.04 3.16 -0.29
N PHE A 51 0.22 3.35 -0.68
CA PHE A 51 1.29 3.76 0.22
C PHE A 51 0.88 5.08 0.87
N GLN A 52 0.52 6.08 0.06
CA GLN A 52 0.07 7.36 0.57
C GLN A 52 -0.98 7.15 1.67
N ASN A 53 -2.02 6.38 1.35
CA ASN A 53 -3.15 6.12 2.21
C ASN A 53 -2.66 5.49 3.50
N ARG A 54 -1.78 4.50 3.36
CA ARG A 54 -1.25 3.67 4.45
C ARG A 54 -0.08 4.37 5.17
N ARG A 55 0.41 5.52 4.69
CA ARG A 55 1.18 6.43 5.50
C ARG A 55 0.19 7.18 6.36
N MET A 56 -0.61 8.01 5.71
CA MET A 56 -1.47 8.97 6.36
C MET A 56 -2.75 8.27 6.82
N LYS A 57 -2.62 7.08 7.41
CA LYS A 57 -3.78 6.29 7.80
C LYS A 57 -4.33 6.73 9.16
N SER A 58 -4.00 7.96 9.53
CA SER A 58 -3.99 8.48 10.88
C SER A 58 -3.61 7.41 11.89
N LYS A 59 -2.50 6.71 11.64
CA LYS A 59 -2.01 5.74 12.61
C LYS A 59 -0.57 5.32 12.34
N LYS A 60 -0.16 5.20 11.07
CA LYS A 60 1.22 5.23 10.67
C LYS A 60 1.70 6.67 10.42
N ASP A 61 1.12 7.56 11.24
CA ASP A 61 0.98 8.99 11.09
C ASP A 61 0.23 9.45 12.37
N ARG A 62 -0.99 9.96 12.27
CA ARG A 62 -1.58 10.80 13.32
C ARG A 62 -2.44 9.99 14.29
N THR A 63 -1.84 8.95 14.88
CA THR A 63 -2.27 8.30 16.13
C THR A 63 -3.79 8.29 16.40
N LEU A 64 -4.56 7.64 15.53
CA LEU A 64 -6.01 7.56 15.64
C LEU A 64 -6.49 6.13 15.34
N ASP A 65 -7.53 5.96 14.53
CA ASP A 65 -8.36 4.78 14.41
C ASP A 65 -8.03 4.02 13.12
N SER A 66 -9.04 3.36 12.53
CA SER A 66 -8.98 2.87 11.16
C SER A 66 -10.40 2.58 10.68
N SER A 67 -11.28 3.58 10.78
CA SER A 67 -12.73 3.48 10.82
C SER A 67 -13.07 3.33 12.31
N PRO A 68 -14.18 3.92 12.80
CA PRO A 68 -14.54 3.88 14.21
C PRO A 68 -15.01 2.48 14.61
N GLU A 69 -14.07 1.54 14.69
CA GLU A 69 -14.21 0.24 15.27
C GLU A 69 -13.81 0.32 16.74
N HIS A 70 -13.98 -0.81 17.42
CA HIS A 70 -13.56 -1.02 18.79
C HIS A 70 -12.15 -1.64 18.82
N MET A 1 -25.37 -6.98 7.99
CA MET A 1 -26.49 -6.49 8.81
C MET A 1 -27.75 -6.65 7.98
N ASP A 2 -28.50 -5.58 7.70
CA ASP A 2 -29.52 -5.54 6.65
C ASP A 2 -28.82 -5.62 5.29
N SER A 3 -28.27 -6.80 4.99
CA SER A 3 -27.22 -6.94 3.99
C SER A 3 -26.09 -5.98 4.36
N LYS A 4 -25.74 -5.03 3.49
CA LYS A 4 -24.82 -3.92 3.77
C LYS A 4 -23.52 -4.40 4.42
N ARG A 5 -22.74 -5.19 3.69
CA ARG A 5 -21.38 -5.56 4.05
C ARG A 5 -20.63 -5.80 2.74
N THR A 6 -19.34 -5.47 2.69
CA THR A 6 -18.55 -5.44 1.46
C THR A 6 -17.08 -5.67 1.82
N ARG A 7 -16.61 -6.91 1.69
CA ARG A 7 -15.19 -7.20 1.67
C ARG A 7 -14.63 -6.50 0.42
N GLN A 8 -13.69 -5.55 0.60
CA GLN A 8 -13.10 -4.80 -0.51
C GLN A 8 -12.33 -5.73 -1.46
N THR A 9 -11.70 -5.19 -2.48
CA THR A 9 -10.85 -5.87 -3.45
C THR A 9 -9.48 -6.23 -2.82
N TYR A 10 -8.58 -6.75 -3.65
CA TYR A 10 -7.18 -7.10 -3.40
C TYR A 10 -7.02 -8.34 -2.52
N THR A 11 -6.03 -9.17 -2.85
CA THR A 11 -5.78 -10.40 -2.13
C THR A 11 -5.17 -10.09 -0.76
N ARG A 12 -5.31 -11.03 0.18
CA ARG A 12 -4.63 -10.97 1.46
C ARG A 12 -3.14 -10.81 1.19
N TYR A 13 -2.57 -11.71 0.36
CA TYR A 13 -1.17 -11.64 -0.02
C TYR A 13 -0.83 -10.26 -0.55
N GLN A 14 -1.66 -9.70 -1.44
CA GLN A 14 -1.41 -8.40 -2.04
C GLN A 14 -1.20 -7.34 -0.95
N THR A 15 -2.18 -7.19 -0.06
CA THR A 15 -2.10 -6.23 1.02
C THR A 15 -0.91 -6.52 1.94
N LEU A 16 -0.71 -7.79 2.34
CA LEU A 16 0.40 -8.16 3.20
C LEU A 16 1.71 -7.75 2.54
N GLU A 17 1.89 -8.06 1.26
CA GLU A 17 3.06 -7.75 0.47
C GLU A 17 3.32 -6.25 0.56
N LEU A 18 2.29 -5.47 0.25
CA LEU A 18 2.35 -4.01 0.30
C LEU A 18 2.67 -3.49 1.71
N GLU A 19 2.20 -4.16 2.76
CA GLU A 19 2.49 -3.79 4.12
C GLU A 19 3.98 -4.06 4.39
N LYS A 20 4.50 -5.24 4.05
CA LYS A 20 5.93 -5.51 4.20
C LYS A 20 6.78 -4.59 3.32
N GLU A 21 6.32 -4.24 2.12
CA GLU A 21 6.95 -3.22 1.26
C GLU A 21 7.10 -1.92 2.06
N PHE A 22 6.01 -1.50 2.71
CA PHE A 22 5.99 -0.28 3.52
C PHE A 22 6.94 -0.42 4.71
N HIS A 23 6.94 -1.58 5.36
CA HIS A 23 7.86 -1.88 6.45
C HIS A 23 9.32 -1.88 5.96
N PHE A 24 9.53 -2.24 4.68
CA PHE A 24 10.85 -2.31 4.08
C PHE A 24 11.43 -0.90 4.04
N ASN A 25 10.66 0.05 3.53
CA ASN A 25 11.00 1.45 3.49
C ASN A 25 9.74 2.23 3.08
N ARG A 26 9.72 3.53 3.33
CA ARG A 26 8.51 4.32 3.15
C ARG A 26 8.32 4.86 1.73
N TYR A 27 9.15 4.50 0.75
CA TYR A 27 9.04 4.95 -0.64
C TYR A 27 10.23 4.37 -1.42
N ILE A 28 9.96 3.33 -2.22
CA ILE A 28 10.97 2.41 -2.73
C ILE A 28 11.53 2.94 -4.07
N THR A 29 12.56 2.31 -4.65
CA THR A 29 13.10 2.81 -5.91
C THR A 29 12.02 2.72 -6.98
N ARG A 30 11.96 3.68 -7.91
CA ARG A 30 10.95 3.60 -8.97
C ARG A 30 11.10 2.28 -9.73
N ARG A 31 12.33 1.88 -10.08
CA ARG A 31 12.58 0.59 -10.73
C ARG A 31 11.88 -0.53 -9.96
N ARG A 32 12.11 -0.60 -8.65
CA ARG A 32 11.57 -1.68 -7.83
C ARG A 32 10.04 -1.51 -7.64
N ARG A 33 9.53 -0.28 -7.53
CA ARG A 33 8.11 -0.07 -7.29
C ARG A 33 7.32 -0.38 -8.56
N ILE A 34 7.88 -0.10 -9.74
CA ILE A 34 7.36 -0.63 -11.00
C ILE A 34 7.41 -2.16 -10.92
N ASP A 35 8.60 -2.69 -10.59
CA ASP A 35 8.95 -4.10 -10.70
C ASP A 35 7.86 -4.87 -9.95
N ILE A 36 7.80 -4.60 -8.63
CA ILE A 36 6.87 -5.16 -7.69
C ILE A 36 5.48 -5.08 -8.27
N ALA A 37 4.96 -3.88 -8.57
CA ALA A 37 3.61 -3.70 -9.07
C ALA A 37 3.35 -4.64 -10.24
N ASN A 38 4.34 -4.71 -11.13
CA ASN A 38 4.22 -5.48 -12.36
C ASN A 38 4.02 -6.96 -12.05
N ALA A 39 4.69 -7.46 -11.00
CA ALA A 39 4.54 -8.83 -10.52
C ALA A 39 3.31 -9.01 -9.61
N LEU A 40 2.97 -8.00 -8.81
CA LEU A 40 2.09 -8.13 -7.66
C LEU A 40 0.64 -8.03 -8.13
N SER A 41 0.44 -7.29 -9.23
CA SER A 41 -0.84 -7.14 -9.92
C SER A 41 -1.75 -6.14 -9.22
N LEU A 42 -1.16 -5.03 -8.76
CA LEU A 42 -1.88 -3.82 -8.38
C LEU A 42 -1.31 -2.71 -9.24
N SER A 43 -2.03 -1.59 -9.41
CA SER A 43 -1.59 -0.61 -10.40
C SER A 43 -0.57 0.33 -9.79
N GLU A 44 0.15 1.04 -10.67
CA GLU A 44 1.07 2.07 -10.21
C GLU A 44 0.31 3.09 -9.39
N ARG A 45 -0.75 3.62 -9.98
CA ARG A 45 -1.58 4.66 -9.41
C ARG A 45 -2.17 4.16 -8.08
N GLN A 46 -2.70 2.93 -8.08
CA GLN A 46 -3.29 2.39 -6.88
C GLN A 46 -2.24 2.21 -5.79
N ILE A 47 -1.06 1.66 -6.10
CA ILE A 47 0.02 1.53 -5.11
C ILE A 47 0.40 2.91 -4.57
N LYS A 48 0.64 3.90 -5.44
CA LYS A 48 0.85 5.27 -5.00
C LYS A 48 -0.22 5.69 -3.98
N ILE A 49 -1.51 5.58 -4.33
CA ILE A 49 -2.60 5.96 -3.44
C ILE A 49 -2.59 5.15 -2.14
N TRP A 50 -2.30 3.84 -2.22
CA TRP A 50 -2.23 2.95 -1.06
C TRP A 50 -1.16 3.49 -0.10
N PHE A 51 0.04 3.72 -0.62
CA PHE A 51 1.14 4.27 0.17
C PHE A 51 0.76 5.62 0.75
N GLN A 52 0.23 6.51 -0.09
CA GLN A 52 -0.23 7.83 0.31
C GLN A 52 -1.26 7.73 1.44
N ASN A 53 -2.13 6.71 1.41
CA ASN A 53 -3.13 6.47 2.42
C ASN A 53 -2.46 6.01 3.71
N ARG A 54 -1.47 5.12 3.59
CA ARG A 54 -0.75 4.55 4.72
C ARG A 54 0.03 5.66 5.44
N ARG A 55 0.84 6.41 4.69
CA ARG A 55 1.86 7.30 5.21
C ARG A 55 1.35 8.56 5.88
N MET A 56 0.05 8.74 6.00
CA MET A 56 -0.54 9.76 6.84
C MET A 56 -1.80 9.22 7.52
N LYS A 57 -1.81 7.92 7.80
CA LYS A 57 -2.91 7.33 8.54
C LYS A 57 -2.98 7.84 9.98
N SER A 58 -2.02 8.68 10.39
CA SER A 58 -2.07 9.48 11.60
C SER A 58 -2.18 8.59 12.83
N LYS A 59 -1.56 7.42 12.69
CA LYS A 59 -1.13 6.56 13.77
C LYS A 59 0.15 5.89 13.26
N LYS A 60 0.13 5.40 12.01
CA LYS A 60 1.32 4.83 11.37
C LYS A 60 2.18 5.95 10.76
N ASP A 61 2.28 7.09 11.46
CA ASP A 61 2.88 8.32 10.95
C ASP A 61 3.24 9.25 12.10
N ARG A 62 2.27 10.01 12.62
CA ARG A 62 2.34 10.59 13.97
C ARG A 62 1.53 9.66 14.87
N THR A 63 1.53 9.89 16.18
CA THR A 63 0.65 9.21 17.11
C THR A 63 0.52 10.10 18.35
N LEU A 64 -0.70 10.59 18.62
CA LEU A 64 -1.06 11.22 19.89
C LEU A 64 -1.84 10.24 20.79
N ASP A 65 -1.99 8.99 20.32
CA ASP A 65 -2.65 7.85 20.91
C ASP A 65 -3.83 8.31 21.74
N SER A 66 -4.81 8.91 21.03
CA SER A 66 -5.75 9.80 21.67
C SER A 66 -6.60 9.03 22.69
N SER A 67 -6.64 9.53 23.93
CA SER A 67 -7.28 8.88 25.07
C SER A 67 -6.52 7.60 25.45
N PRO A 68 -5.29 7.72 25.98
CA PRO A 68 -4.54 6.60 26.50
C PRO A 68 -5.06 6.26 27.91
N GLU A 69 -4.35 5.38 28.63
CA GLU A 69 -4.50 5.17 30.05
C GLU A 69 -3.45 6.05 30.72
N HIS A 70 -3.68 6.31 32.00
CA HIS A 70 -2.85 7.16 32.86
C HIS A 70 -1.57 6.41 33.28
N MET A 1 -4.37 14.91 -15.48
CA MET A 1 -5.73 15.08 -14.95
C MET A 1 -6.31 13.71 -14.62
N ASP A 2 -6.32 13.37 -13.32
CA ASP A 2 -6.53 12.01 -12.86
C ASP A 2 -8.02 11.74 -12.67
N SER A 3 -8.82 12.04 -13.69
CA SER A 3 -10.25 11.76 -13.74
C SER A 3 -10.51 10.27 -13.95
N LYS A 4 -9.94 9.42 -13.09
CA LYS A 4 -9.93 7.97 -13.23
C LYS A 4 -10.16 7.37 -11.84
N ARG A 5 -11.39 7.51 -11.34
CA ARG A 5 -11.81 6.96 -10.06
C ARG A 5 -11.66 5.43 -10.03
N THR A 6 -11.68 4.86 -8.81
CA THR A 6 -11.59 3.44 -8.52
C THR A 6 -10.46 2.75 -9.29
N ARG A 7 -9.28 2.65 -8.65
CA ARG A 7 -8.13 1.99 -9.25
C ARG A 7 -8.22 0.47 -9.00
N GLN A 8 -7.10 -0.21 -8.80
CA GLN A 8 -7.05 -1.66 -8.69
C GLN A 8 -7.46 -2.16 -7.31
N THR A 9 -7.77 -3.45 -7.23
CA THR A 9 -8.30 -4.16 -6.09
C THR A 9 -7.19 -4.65 -5.15
N TYR A 10 -7.58 -5.41 -4.12
CA TYR A 10 -6.71 -6.01 -3.12
C TYR A 10 -7.16 -7.44 -2.84
N THR A 11 -6.28 -8.18 -2.18
CA THR A 11 -6.48 -9.49 -1.59
C THR A 11 -5.78 -9.46 -0.23
N ARG A 12 -6.07 -10.40 0.66
CA ARG A 12 -5.37 -10.51 1.94
C ARG A 12 -3.86 -10.59 1.68
N TYR A 13 -3.47 -11.52 0.79
CA TYR A 13 -2.10 -11.67 0.33
C TYR A 13 -1.55 -10.32 -0.14
N GLN A 14 -2.25 -9.65 -1.06
CA GLN A 14 -1.81 -8.38 -1.60
C GLN A 14 -1.54 -7.38 -0.49
N THR A 15 -2.53 -7.12 0.36
CA THR A 15 -2.38 -6.23 1.50
C THR A 15 -1.19 -6.64 2.37
N LEU A 16 -0.98 -7.94 2.62
CA LEU A 16 0.16 -8.41 3.39
C LEU A 16 1.46 -7.99 2.68
N GLU A 17 1.57 -8.28 1.38
CA GLU A 17 2.78 -7.93 0.63
C GLU A 17 3.03 -6.42 0.73
N LEU A 18 1.97 -5.63 0.54
CA LEU A 18 2.02 -4.18 0.60
C LEU A 18 2.41 -3.67 1.99
N GLU A 19 1.88 -4.27 3.06
CA GLU A 19 2.31 -4.01 4.41
C GLU A 19 3.82 -4.24 4.52
N LYS A 20 4.30 -5.43 4.13
CA LYS A 20 5.73 -5.73 4.14
C LYS A 20 6.52 -4.71 3.30
N GLU A 21 5.97 -4.28 2.16
CA GLU A 21 6.54 -3.28 1.28
C GLU A 21 6.85 -1.99 2.04
N PHE A 22 6.00 -1.65 3.01
CA PHE A 22 6.19 -0.47 3.84
C PHE A 22 7.48 -0.59 4.66
N HIS A 23 7.93 -1.81 4.95
CA HIS A 23 9.22 -2.08 5.57
C HIS A 23 10.35 -2.13 4.53
N PHE A 24 10.02 -2.35 3.24
CA PHE A 24 10.99 -2.35 2.14
C PHE A 24 11.58 -0.95 2.02
N ASN A 25 10.74 0.07 2.22
CA ASN A 25 11.04 1.44 2.52
C ASN A 25 9.73 2.22 2.49
N ARG A 26 9.76 3.49 2.87
CA ARG A 26 8.55 4.27 3.09
C ARG A 26 7.80 4.63 1.80
N TYR A 27 8.42 4.47 0.63
CA TYR A 27 7.83 4.89 -0.64
C TYR A 27 8.78 4.45 -1.75
N ILE A 28 8.40 3.46 -2.54
CA ILE A 28 9.37 2.86 -3.44
C ILE A 28 9.73 3.73 -4.63
N THR A 29 10.99 3.59 -5.02
CA THR A 29 11.54 4.10 -6.26
C THR A 29 10.73 3.54 -7.43
N ARG A 30 10.54 4.35 -8.47
CA ARG A 30 9.61 3.98 -9.51
C ARG A 30 10.02 2.69 -10.20
N ARG A 31 11.32 2.43 -10.34
CA ARG A 31 11.77 1.17 -10.92
C ARG A 31 11.31 -0.01 -10.05
N ARG A 32 11.52 0.09 -8.73
CA ARG A 32 11.23 -1.03 -7.85
C ARG A 32 9.71 -1.20 -7.75
N ARG A 33 9.02 -0.07 -7.77
CA ARG A 33 7.58 -0.03 -7.64
C ARG A 33 6.92 -0.56 -8.91
N ILE A 34 7.50 -0.27 -10.09
CA ILE A 34 7.10 -0.93 -11.33
C ILE A 34 7.37 -2.43 -11.25
N ASP A 35 8.54 -2.84 -10.74
CA ASP A 35 8.88 -4.24 -10.55
C ASP A 35 7.78 -4.93 -9.74
N ILE A 36 7.61 -4.49 -8.50
CA ILE A 36 6.60 -5.01 -7.61
C ILE A 36 5.23 -4.95 -8.27
N ALA A 37 4.81 -3.80 -8.79
CA ALA A 37 3.55 -3.69 -9.51
C ALA A 37 3.45 -4.79 -10.56
N ASN A 38 4.55 -5.12 -11.24
CA ASN A 38 4.54 -6.18 -12.24
C ASN A 38 4.27 -7.54 -11.58
N ALA A 39 5.13 -7.94 -10.64
CA ALA A 39 5.04 -9.26 -10.01
C ALA A 39 3.76 -9.43 -9.17
N LEU A 40 3.54 -8.49 -8.26
CA LEU A 40 2.42 -8.41 -7.32
C LEU A 40 1.12 -8.24 -8.13
N SER A 41 1.27 -7.80 -9.39
CA SER A 41 0.26 -7.71 -10.41
C SER A 41 -0.71 -6.56 -10.14
N LEU A 42 -0.15 -5.44 -9.66
CA LEU A 42 -0.86 -4.23 -9.27
C LEU A 42 -0.37 -3.05 -10.13
N SER A 43 -0.58 -1.80 -9.70
CA SER A 43 -0.15 -0.65 -10.50
C SER A 43 0.64 0.37 -9.65
N GLU A 44 1.72 0.91 -10.23
CA GLU A 44 2.65 1.86 -9.63
C GLU A 44 1.92 3.05 -8.96
N ARG A 45 0.95 3.61 -9.68
CA ARG A 45 0.02 4.60 -9.18
C ARG A 45 -0.71 4.08 -7.94
N GLN A 46 -1.27 2.88 -8.05
CA GLN A 46 -2.05 2.27 -6.99
C GLN A 46 -1.20 2.15 -5.73
N ILE A 47 0.05 1.71 -5.88
CA ILE A 47 0.97 1.63 -4.77
C ILE A 47 1.21 3.03 -4.19
N LYS A 48 1.51 4.02 -5.05
CA LYS A 48 1.67 5.40 -4.59
C LYS A 48 0.50 5.79 -3.67
N ILE A 49 -0.75 5.62 -4.15
CA ILE A 49 -1.91 5.89 -3.32
C ILE A 49 -1.84 5.07 -2.04
N TRP A 50 -1.74 3.75 -2.14
CA TRP A 50 -1.85 2.87 -0.98
C TRP A 50 -0.92 3.34 0.13
N PHE A 51 0.34 3.64 -0.21
CA PHE A 51 1.31 4.15 0.76
C PHE A 51 0.88 5.51 1.32
N GLN A 52 0.48 6.43 0.44
CA GLN A 52 0.07 7.77 0.83
C GLN A 52 -1.08 7.71 1.85
N ASN A 53 -2.05 6.84 1.56
CA ASN A 53 -3.18 6.51 2.41
C ASN A 53 -2.68 5.93 3.73
N ARG A 54 -1.95 4.82 3.63
CA ARG A 54 -1.46 4.03 4.75
C ARG A 54 -0.77 4.91 5.79
N ARG A 55 0.04 5.88 5.33
CA ARG A 55 0.61 6.93 6.15
C ARG A 55 -0.28 7.41 7.30
N MET A 56 -1.56 7.63 7.02
CA MET A 56 -2.54 8.09 8.00
C MET A 56 -3.92 7.84 7.43
N LYS A 57 -4.54 6.69 7.75
CA LYS A 57 -5.94 6.46 7.43
C LYS A 57 -6.73 5.96 8.64
N SER A 58 -7.13 4.69 8.73
CA SER A 58 -8.18 4.28 9.66
C SER A 58 -7.64 3.58 10.91
N LYS A 59 -6.34 3.75 11.13
CA LYS A 59 -5.57 3.22 12.22
C LYS A 59 -5.02 4.43 12.97
N LYS A 60 -4.38 5.36 12.24
CA LYS A 60 -3.99 6.66 12.77
C LYS A 60 -5.20 7.60 12.72
N ASP A 61 -6.33 7.12 13.25
CA ASP A 61 -7.60 7.81 13.33
C ASP A 61 -8.20 7.43 14.67
N ARG A 62 -8.64 6.16 14.73
CA ARG A 62 -9.62 5.64 15.67
C ARG A 62 -10.31 6.62 16.61
N THR A 63 -11.01 7.56 16.00
CA THR A 63 -12.09 8.32 16.61
C THR A 63 -13.40 7.78 16.02
N LEU A 64 -14.52 8.38 16.41
CA LEU A 64 -15.87 7.97 16.04
C LEU A 64 -16.83 9.16 16.20
N ASP A 65 -16.33 10.38 16.02
CA ASP A 65 -17.04 11.63 16.21
C ASP A 65 -17.87 11.95 14.98
N SER A 66 -18.69 10.98 14.54
CA SER A 66 -19.46 11.07 13.32
C SER A 66 -20.46 12.22 13.42
N SER A 67 -20.18 13.37 12.81
CA SER A 67 -20.95 14.59 13.04
C SER A 67 -20.85 15.60 11.89
N PRO A 68 -19.71 16.28 11.71
CA PRO A 68 -19.51 17.30 10.68
C PRO A 68 -19.39 16.65 9.29
N GLU A 69 -18.92 17.40 8.30
CA GLU A 69 -18.57 16.88 6.99
C GLU A 69 -17.32 15.98 7.02
N HIS A 70 -16.45 16.21 8.02
CA HIS A 70 -15.20 15.55 8.30
C HIS A 70 -14.12 15.89 7.27
N MET A 1 -15.69 3.56 -16.80
CA MET A 1 -14.99 2.58 -15.96
C MET A 1 -13.59 2.39 -16.57
N ASP A 2 -12.64 1.82 -15.81
CA ASP A 2 -11.32 1.48 -16.34
C ASP A 2 -11.46 0.23 -17.22
N SER A 3 -12.10 0.41 -18.38
CA SER A 3 -12.63 -0.65 -19.22
C SER A 3 -13.29 -1.72 -18.32
N LYS A 4 -12.91 -2.99 -18.45
CA LYS A 4 -13.10 -3.98 -17.41
C LYS A 4 -11.75 -4.44 -16.88
N ARG A 5 -10.71 -3.60 -16.99
CA ARG A 5 -9.48 -3.81 -16.24
C ARG A 5 -9.82 -3.59 -14.76
N THR A 6 -10.54 -2.50 -14.47
CA THR A 6 -11.05 -2.12 -13.16
C THR A 6 -9.98 -2.28 -12.07
N ARG A 7 -9.27 -1.18 -11.82
CA ARG A 7 -7.97 -1.16 -11.18
C ARG A 7 -8.09 -0.52 -9.79
N GLN A 8 -8.82 -1.21 -8.91
CA GLN A 8 -8.85 -0.93 -7.50
C GLN A 8 -8.80 -2.25 -6.72
N THR A 9 -8.91 -2.17 -5.39
CA THR A 9 -8.90 -3.26 -4.47
C THR A 9 -7.57 -4.03 -4.44
N TYR A 10 -7.48 -4.99 -3.52
CA TYR A 10 -6.29 -5.73 -3.18
C TYR A 10 -6.75 -7.10 -2.68
N THR A 11 -5.97 -8.14 -2.89
CA THR A 11 -6.06 -9.36 -2.10
C THR A 11 -5.44 -9.14 -0.72
N ARG A 12 -5.76 -10.03 0.23
CA ARG A 12 -5.10 -10.05 1.53
C ARG A 12 -3.59 -10.18 1.34
N TYR A 13 -3.17 -11.08 0.45
CA TYR A 13 -1.76 -11.27 0.12
C TYR A 13 -1.17 -9.98 -0.45
N GLN A 14 -1.81 -9.40 -1.47
CA GLN A 14 -1.34 -8.18 -2.08
C GLN A 14 -1.14 -7.10 -1.01
N THR A 15 -2.13 -6.95 -0.13
CA THR A 15 -2.04 -6.06 1.02
C THR A 15 -0.83 -6.41 1.89
N LEU A 16 -0.69 -7.68 2.34
CA LEU A 16 0.41 -8.11 3.20
C LEU A 16 1.76 -7.75 2.55
N GLU A 17 1.92 -8.07 1.28
CA GLU A 17 3.12 -7.78 0.52
C GLU A 17 3.39 -6.27 0.53
N LEU A 18 2.37 -5.47 0.21
CA LEU A 18 2.44 -4.02 0.26
C LEU A 18 2.77 -3.50 1.67
N GLU A 19 2.23 -4.17 2.70
CA GLU A 19 2.32 -3.76 4.08
C GLU A 19 3.80 -3.83 4.44
N LYS A 20 4.43 -5.00 4.27
CA LYS A 20 5.88 -5.09 4.47
C LYS A 20 6.65 -4.21 3.48
N GLU A 21 6.16 -4.02 2.25
CA GLU A 21 6.84 -3.16 1.29
C GLU A 21 7.07 -1.75 1.87
N PHE A 22 6.12 -1.32 2.69
CA PHE A 22 6.19 -0.01 3.32
C PHE A 22 7.41 0.04 4.23
N HIS A 23 7.69 -1.06 4.94
CA HIS A 23 8.84 -1.16 5.83
C HIS A 23 10.12 -1.49 5.06
N PHE A 24 10.00 -2.03 3.85
CA PHE A 24 11.12 -2.16 2.92
C PHE A 24 11.57 -0.75 2.55
N ASN A 25 10.62 0.09 2.13
CA ASN A 25 10.88 1.42 1.61
C ASN A 25 9.72 2.34 1.98
N ARG A 26 9.98 3.40 2.74
CA ARG A 26 8.96 4.38 3.09
C ARG A 26 8.26 4.93 1.84
N TYR A 27 9.00 5.07 0.74
CA TYR A 27 8.45 5.15 -0.60
C TYR A 27 9.42 4.36 -1.49
N ILE A 28 8.90 3.43 -2.28
CA ILE A 28 9.68 2.40 -2.97
C ILE A 28 10.12 2.92 -4.33
N THR A 29 11.38 2.63 -4.70
CA THR A 29 12.00 3.18 -5.89
C THR A 29 11.12 2.89 -7.10
N ARG A 30 11.05 3.78 -8.08
CA ARG A 30 10.17 3.53 -9.21
C ARG A 30 10.51 2.19 -9.89
N ARG A 31 11.79 1.82 -9.96
CA ARG A 31 12.15 0.50 -10.46
C ARG A 31 11.47 -0.60 -9.64
N ARG A 32 11.68 -0.56 -8.31
CA ARG A 32 11.10 -1.55 -7.41
C ARG A 32 9.57 -1.54 -7.54
N ARG A 33 8.96 -0.37 -7.67
CA ARG A 33 7.52 -0.21 -7.70
C ARG A 33 6.92 -0.67 -9.03
N ILE A 34 7.62 -0.44 -10.14
CA ILE A 34 7.28 -1.10 -11.41
C ILE A 34 7.35 -2.62 -11.23
N ASP A 35 8.47 -3.11 -10.69
CA ASP A 35 8.74 -4.53 -10.50
C ASP A 35 7.57 -5.14 -9.74
N ILE A 36 7.38 -4.68 -8.52
CA ILE A 36 6.37 -5.13 -7.62
C ILE A 36 4.99 -4.98 -8.26
N ALA A 37 4.63 -3.81 -8.77
CA ALA A 37 3.35 -3.63 -9.45
C ALA A 37 3.14 -4.74 -10.47
N ASN A 38 4.19 -5.01 -11.25
CA ASN A 38 4.13 -5.97 -12.34
C ASN A 38 3.93 -7.40 -11.81
N ALA A 39 4.88 -7.87 -10.99
CA ALA A 39 4.87 -9.26 -10.52
C ALA A 39 3.73 -9.53 -9.55
N LEU A 40 3.46 -8.57 -8.67
CA LEU A 40 2.54 -8.67 -7.54
C LEU A 40 1.11 -8.40 -8.02
N SER A 41 0.95 -7.68 -9.13
CA SER A 41 -0.30 -7.50 -9.85
C SER A 41 -1.12 -6.35 -9.27
N LEU A 42 -0.51 -5.16 -9.19
CA LEU A 42 -1.22 -3.91 -8.94
C LEU A 42 -0.64 -2.85 -9.89
N SER A 43 -0.86 -1.55 -9.70
CA SER A 43 -0.17 -0.52 -10.50
C SER A 43 0.51 0.49 -9.59
N GLU A 44 1.63 1.07 -10.04
CA GLU A 44 2.47 1.88 -9.17
C GLU A 44 1.73 3.11 -8.61
N ARG A 45 0.71 3.59 -9.33
CA ARG A 45 -0.22 4.63 -8.92
C ARG A 45 -1.14 4.11 -7.81
N GLN A 46 -1.75 2.95 -8.03
CA GLN A 46 -2.68 2.37 -7.07
C GLN A 46 -1.91 2.06 -5.78
N ILE A 47 -0.68 1.57 -5.93
CA ILE A 47 0.32 1.42 -4.90
C ILE A 47 0.61 2.76 -4.21
N LYS A 48 0.95 3.79 -4.98
CA LYS A 48 1.25 5.13 -4.46
C LYS A 48 0.10 5.64 -3.58
N ILE A 49 -1.14 5.52 -4.07
CA ILE A 49 -2.32 5.77 -3.26
C ILE A 49 -2.26 4.89 -2.01
N TRP A 50 -2.15 3.57 -2.17
CA TRP A 50 -2.16 2.65 -1.05
C TRP A 50 -1.20 3.12 0.04
N PHE A 51 0.01 3.49 -0.34
CA PHE A 51 1.05 4.02 0.54
C PHE A 51 0.63 5.34 1.20
N GLN A 52 0.13 6.28 0.41
CA GLN A 52 -0.37 7.58 0.87
C GLN A 52 -1.43 7.35 1.97
N ASN A 53 -2.40 6.51 1.66
CA ASN A 53 -3.47 6.07 2.53
C ASN A 53 -2.88 5.48 3.81
N ARG A 54 -2.12 4.40 3.66
CA ARG A 54 -1.48 3.65 4.72
C ARG A 54 -0.85 4.57 5.77
N ARG A 55 0.02 5.50 5.38
CA ARG A 55 0.71 6.35 6.36
C ARG A 55 -0.20 7.27 7.18
N MET A 56 -1.51 7.34 6.88
CA MET A 56 -2.49 7.99 7.73
C MET A 56 -3.67 7.07 8.09
N LYS A 57 -3.64 5.78 7.69
CA LYS A 57 -4.85 4.96 7.72
C LYS A 57 -5.06 4.39 9.12
N SER A 58 -4.14 3.51 9.54
CA SER A 58 -4.18 2.88 10.85
C SER A 58 -3.57 3.83 11.84
N LYS A 59 -3.87 5.12 11.76
CA LYS A 59 -3.09 6.19 12.31
C LYS A 59 -1.57 6.08 12.08
N LYS A 60 -1.13 5.17 11.20
CA LYS A 60 0.25 4.70 11.16
C LYS A 60 0.68 4.32 12.59
N ASP A 61 -0.22 3.66 13.33
CA ASP A 61 -0.17 3.60 14.78
C ASP A 61 -1.24 2.66 15.31
N ARG A 62 -2.52 3.04 15.15
CA ARG A 62 -3.64 2.16 15.49
C ARG A 62 -3.72 1.01 14.48
N THR A 63 -2.79 0.07 14.60
CA THR A 63 -2.53 -1.01 13.67
C THR A 63 -3.55 -2.15 13.87
N LEU A 64 -4.85 -1.81 13.72
CA LEU A 64 -5.94 -2.68 14.11
C LEU A 64 -6.21 -3.80 13.09
N ASP A 65 -5.39 -3.88 12.04
CA ASP A 65 -5.33 -5.01 11.11
C ASP A 65 -4.08 -5.88 11.39
N SER A 66 -3.44 -5.67 12.54
CA SER A 66 -2.16 -6.27 12.87
C SER A 66 -1.17 -6.08 11.71
N SER A 67 -0.25 -7.03 11.53
CA SER A 67 0.46 -7.26 10.28
C SER A 67 0.68 -8.77 10.17
N PRO A 68 -0.10 -9.51 9.36
CA PRO A 68 0.08 -10.94 9.18
C PRO A 68 1.32 -11.14 8.29
N GLU A 69 2.49 -10.88 8.88
CA GLU A 69 3.76 -10.70 8.20
C GLU A 69 4.65 -11.90 8.53
N HIS A 70 4.10 -13.10 8.32
CA HIS A 70 4.56 -14.40 8.76
C HIS A 70 3.42 -15.37 8.46
N MET A 1 -15.73 -0.80 -14.58
CA MET A 1 -15.09 -0.67 -13.26
C MET A 1 -15.27 0.76 -12.76
N ASP A 2 -16.53 1.14 -12.70
CA ASP A 2 -17.06 2.50 -12.70
C ASP A 2 -16.98 3.08 -11.29
N SER A 3 -15.75 3.12 -10.80
CA SER A 3 -15.37 3.42 -9.44
C SER A 3 -14.85 4.86 -9.43
N LYS A 4 -15.35 5.70 -8.51
CA LYS A 4 -14.88 7.07 -8.39
C LYS A 4 -13.44 7.08 -7.83
N ARG A 5 -13.21 6.31 -6.75
CA ARG A 5 -11.92 6.11 -6.11
C ARG A 5 -11.61 4.61 -6.13
N THR A 6 -10.35 4.22 -5.90
CA THR A 6 -9.87 2.86 -5.76
C THR A 6 -10.20 2.02 -7.00
N ARG A 7 -9.26 1.94 -7.94
CA ARG A 7 -9.52 1.55 -9.31
C ARG A 7 -9.37 0.05 -9.52
N GLN A 8 -8.33 -0.55 -8.94
CA GLN A 8 -8.12 -1.99 -8.91
C GLN A 8 -8.51 -2.46 -7.51
N THR A 9 -8.88 -3.73 -7.39
CA THR A 9 -9.13 -4.39 -6.13
C THR A 9 -7.79 -4.76 -5.50
N TYR A 10 -7.73 -4.84 -4.17
CA TYR A 10 -6.59 -5.42 -3.47
C TYR A 10 -7.10 -6.69 -2.78
N THR A 11 -6.36 -7.78 -2.89
CA THR A 11 -6.53 -8.93 -2.00
C THR A 11 -5.81 -8.67 -0.68
N ARG A 12 -6.08 -9.50 0.34
CA ARG A 12 -5.28 -9.41 1.55
C ARG A 12 -3.84 -9.79 1.24
N TYR A 13 -3.59 -10.87 0.49
CA TYR A 13 -2.23 -11.22 0.05
C TYR A 13 -1.53 -9.98 -0.49
N GLN A 14 -2.16 -9.31 -1.46
CA GLN A 14 -1.62 -8.11 -2.07
C GLN A 14 -1.30 -7.08 -0.97
N THR A 15 -2.31 -6.72 -0.18
CA THR A 15 -2.18 -5.77 0.91
C THR A 15 -1.05 -6.17 1.87
N LEU A 16 -0.89 -7.46 2.17
CA LEU A 16 0.13 -7.98 3.06
C LEU A 16 1.47 -7.70 2.42
N GLU A 17 1.62 -8.04 1.13
CA GLU A 17 2.84 -7.78 0.39
C GLU A 17 3.18 -6.29 0.45
N LEU A 18 2.20 -5.44 0.14
CA LEU A 18 2.30 -3.99 0.27
C LEU A 18 2.68 -3.56 1.70
N GLU A 19 2.14 -4.20 2.73
CA GLU A 19 2.43 -3.92 4.13
C GLU A 19 3.91 -4.19 4.41
N LYS A 20 4.41 -5.39 4.08
CA LYS A 20 5.84 -5.64 4.21
C LYS A 20 6.66 -4.70 3.31
N GLU A 21 6.15 -4.30 2.15
CA GLU A 21 6.80 -3.27 1.33
C GLU A 21 6.87 -1.94 2.11
N PHE A 22 5.84 -1.62 2.90
CA PHE A 22 5.87 -0.47 3.78
C PHE A 22 6.95 -0.60 4.88
N HIS A 23 7.48 -1.81 5.08
CA HIS A 23 8.63 -2.08 5.92
C HIS A 23 9.93 -2.11 5.11
N PHE A 24 9.89 -2.24 3.78
CA PHE A 24 11.05 -2.12 2.93
C PHE A 24 11.49 -0.65 3.01
N ASN A 25 10.52 0.25 2.88
CA ASN A 25 10.66 1.69 2.76
C ASN A 25 9.25 2.28 2.80
N ARG A 26 9.11 3.59 2.63
CA ARG A 26 7.84 4.24 2.40
C ARG A 26 7.98 5.35 1.35
N TYR A 27 8.88 5.08 0.39
CA TYR A 27 9.35 5.94 -0.69
C TYR A 27 10.28 5.06 -1.53
N ILE A 28 9.73 4.35 -2.52
CA ILE A 28 10.42 3.32 -3.28
C ILE A 28 10.78 3.81 -4.67
N THR A 29 11.89 3.30 -5.24
CA THR A 29 12.34 3.69 -6.57
C THR A 29 11.31 3.26 -7.61
N ARG A 30 11.17 4.02 -8.69
CA ARG A 30 10.25 3.61 -9.75
C ARG A 30 10.71 2.27 -10.35
N ARG A 31 12.01 2.07 -10.49
CA ARG A 31 12.58 0.82 -10.96
C ARG A 31 12.04 -0.35 -10.13
N ARG A 32 12.08 -0.21 -8.80
CA ARG A 32 11.57 -1.25 -7.92
C ARG A 32 10.04 -1.30 -7.96
N ARG A 33 9.36 -0.16 -8.05
CA ARG A 33 7.90 -0.15 -7.96
C ARG A 33 7.26 -0.75 -9.20
N ILE A 34 7.78 -0.48 -10.39
CA ILE A 34 7.30 -1.14 -11.61
C ILE A 34 7.46 -2.66 -11.46
N ASP A 35 8.64 -3.08 -11.01
CA ASP A 35 9.02 -4.47 -10.76
C ASP A 35 7.97 -5.10 -9.84
N ILE A 36 7.87 -4.58 -8.62
CA ILE A 36 6.97 -5.08 -7.61
C ILE A 36 5.53 -5.01 -8.11
N ALA A 37 5.12 -3.88 -8.68
CA ALA A 37 3.79 -3.72 -9.28
C ALA A 37 3.50 -4.90 -10.19
N ASN A 38 4.49 -5.24 -11.02
CA ASN A 38 4.34 -6.29 -12.02
C ASN A 38 4.19 -7.65 -11.32
N ALA A 39 5.18 -8.03 -10.52
CA ALA A 39 5.21 -9.34 -9.88
C ALA A 39 4.04 -9.54 -8.90
N LEU A 40 3.81 -8.53 -8.05
CA LEU A 40 2.83 -8.48 -6.99
C LEU A 40 1.43 -8.45 -7.61
N SER A 41 1.30 -7.67 -8.69
CA SER A 41 0.15 -7.56 -9.59
C SER A 41 -0.78 -6.43 -9.15
N LEU A 42 -0.21 -5.27 -8.78
CA LEU A 42 -1.00 -4.08 -8.45
C LEU A 42 -0.34 -2.89 -9.09
N SER A 43 -1.15 -1.93 -9.54
CA SER A 43 -0.72 -0.84 -10.40
C SER A 43 -0.01 0.26 -9.61
N GLU A 44 1.02 0.91 -10.18
CA GLU A 44 1.75 1.99 -9.51
C GLU A 44 0.82 3.03 -8.90
N ARG A 45 -0.16 3.50 -9.68
CA ARG A 45 -1.14 4.48 -9.23
C ARG A 45 -1.82 3.97 -7.95
N GLN A 46 -2.16 2.68 -7.94
CA GLN A 46 -2.80 2.03 -6.82
C GLN A 46 -1.83 2.06 -5.64
N ILE A 47 -0.62 1.56 -5.85
CA ILE A 47 0.42 1.45 -4.83
C ILE A 47 0.64 2.82 -4.20
N LYS A 48 0.72 3.89 -5.00
CA LYS A 48 0.89 5.23 -4.49
C LYS A 48 -0.25 5.59 -3.52
N ILE A 49 -1.51 5.45 -3.95
CA ILE A 49 -2.65 5.76 -3.10
C ILE A 49 -2.65 4.88 -1.85
N TRP A 50 -2.38 3.59 -2.02
CA TRP A 50 -2.30 2.60 -0.95
C TRP A 50 -1.26 3.06 0.07
N PHE A 51 -0.07 3.46 -0.38
CA PHE A 51 0.98 3.93 0.51
C PHE A 51 0.56 5.21 1.21
N GLN A 52 0.05 6.19 0.46
CA GLN A 52 -0.42 7.45 1.03
C GLN A 52 -1.37 7.16 2.20
N ASN A 53 -2.28 6.19 1.97
CA ASN A 53 -3.27 5.77 2.96
C ASN A 53 -2.52 5.15 4.14
N ARG A 54 -1.76 4.09 3.84
CA ARG A 54 -1.02 3.25 4.77
C ARG A 54 -0.14 4.06 5.73
N ARG A 55 0.47 5.13 5.22
CA ARG A 55 1.30 6.03 6.01
C ARG A 55 0.57 6.51 7.25
N MET A 56 -0.76 6.63 7.18
CA MET A 56 -1.57 7.14 8.28
C MET A 56 -2.99 6.61 8.18
N LYS A 57 -3.19 5.29 8.17
CA LYS A 57 -4.53 4.77 7.90
C LYS A 57 -5.52 5.01 9.06
N SER A 58 -5.06 5.49 10.23
CA SER A 58 -5.80 5.42 11.48
C SER A 58 -6.23 3.97 11.71
N LYS A 59 -5.26 3.08 11.58
CA LYS A 59 -5.39 1.66 11.88
C LYS A 59 -4.01 1.01 12.01
N LYS A 60 -3.11 1.32 11.06
CA LYS A 60 -1.77 0.81 10.92
C LYS A 60 -0.65 1.78 11.32
N ASP A 61 -0.96 2.60 12.31
CA ASP A 61 -0.25 3.81 12.67
C ASP A 61 -0.70 4.25 14.06
N ARG A 62 -2.01 4.35 14.27
CA ARG A 62 -2.67 4.62 15.54
C ARG A 62 -3.80 3.60 15.70
N THR A 63 -4.10 3.27 16.96
CA THR A 63 -5.10 2.28 17.39
C THR A 63 -4.93 0.92 16.69
N LEU A 64 -5.93 0.03 16.81
CA LEU A 64 -5.83 -1.38 16.43
C LEU A 64 -7.23 -2.01 16.34
N ASP A 65 -8.26 -1.23 16.06
CA ASP A 65 -9.66 -1.64 15.94
C ASP A 65 -9.89 -2.35 14.61
N SER A 66 -9.09 -3.38 14.30
CA SER A 66 -8.93 -3.91 12.96
C SER A 66 -10.05 -4.84 12.49
N SER A 67 -11.28 -4.35 12.51
CA SER A 67 -12.35 -4.91 11.69
C SER A 67 -12.23 -4.49 10.21
N PRO A 68 -12.17 -3.18 9.90
CA PRO A 68 -12.06 -2.67 8.55
C PRO A 68 -10.60 -2.70 8.10
N GLU A 69 -9.97 -3.88 8.20
CA GLU A 69 -8.75 -4.19 7.49
C GLU A 69 -9.17 -4.70 6.11
N HIS A 70 -8.21 -5.12 5.31
CA HIS A 70 -8.44 -5.74 4.01
C HIS A 70 -7.74 -7.08 4.00
N MET A 1 -2.70 -12.78 -18.25
CA MET A 1 -1.69 -12.15 -17.39
C MET A 1 -1.86 -10.64 -17.52
N ASP A 2 -3.00 -10.11 -17.02
CA ASP A 2 -3.47 -8.81 -17.48
C ASP A 2 -4.00 -7.93 -16.35
N SER A 3 -3.16 -7.76 -15.34
CA SER A 3 -3.30 -6.79 -14.27
C SER A 3 -2.99 -5.37 -14.73
N LYS A 4 -2.31 -5.21 -15.89
CA LYS A 4 -1.84 -3.92 -16.38
C LYS A 4 -2.95 -2.88 -16.52
N ARG A 5 -4.19 -3.30 -16.77
CA ARG A 5 -5.36 -2.41 -16.83
C ARG A 5 -5.79 -1.96 -15.43
N THR A 6 -4.83 -1.52 -14.61
CA THR A 6 -4.97 -1.20 -13.20
C THR A 6 -5.79 -2.23 -12.44
N ARG A 7 -5.11 -3.21 -11.84
CA ARG A 7 -5.76 -4.21 -11.01
C ARG A 7 -6.18 -3.55 -9.68
N GLN A 8 -7.35 -2.90 -9.71
CA GLN A 8 -8.08 -2.56 -8.50
C GLN A 8 -8.58 -3.86 -7.83
N THR A 9 -9.09 -3.74 -6.60
CA THR A 9 -9.44 -4.78 -5.68
C THR A 9 -8.26 -5.68 -5.32
N TYR A 10 -7.95 -5.82 -4.02
CA TYR A 10 -6.68 -6.38 -3.57
C TYR A 10 -6.92 -7.74 -2.93
N THR A 11 -6.03 -8.68 -3.17
CA THR A 11 -6.00 -9.91 -2.40
C THR A 11 -5.44 -9.68 -1.00
N ARG A 12 -5.76 -10.58 -0.07
CA ARG A 12 -5.15 -10.58 1.25
C ARG A 12 -3.63 -10.66 1.10
N TYR A 13 -3.15 -11.60 0.29
CA TYR A 13 -1.75 -11.74 -0.02
C TYR A 13 -1.17 -10.42 -0.51
N GLN A 14 -1.83 -9.78 -1.49
CA GLN A 14 -1.37 -8.52 -2.05
C GLN A 14 -1.16 -7.52 -0.92
N THR A 15 -2.22 -7.31 -0.14
CA THR A 15 -2.20 -6.38 0.98
C THR A 15 -1.08 -6.72 1.95
N LEU A 16 -0.90 -7.98 2.34
CA LEU A 16 0.15 -8.40 3.24
C LEU A 16 1.51 -8.05 2.65
N GLU A 17 1.75 -8.43 1.39
CA GLU A 17 3.01 -8.15 0.69
C GLU A 17 3.30 -6.65 0.75
N LEU A 18 2.27 -5.84 0.49
CA LEU A 18 2.34 -4.39 0.51
C LEU A 18 2.62 -3.83 1.92
N GLU A 19 1.92 -4.35 2.93
CA GLU A 19 2.14 -4.06 4.34
C GLU A 19 3.63 -4.22 4.66
N LYS A 20 4.19 -5.36 4.25
CA LYS A 20 5.61 -5.70 4.34
C LYS A 20 6.48 -4.73 3.53
N GLU A 21 6.15 -4.47 2.26
CA GLU A 21 6.85 -3.57 1.34
C GLU A 21 7.00 -2.18 2.00
N PHE A 22 6.03 -1.77 2.80
CA PHE A 22 6.12 -0.48 3.45
C PHE A 22 7.32 -0.44 4.43
N HIS A 23 7.71 -1.58 4.98
CA HIS A 23 8.94 -1.68 5.78
C HIS A 23 10.18 -1.56 4.89
N PHE A 24 10.07 -1.88 3.60
CA PHE A 24 11.13 -1.67 2.61
C PHE A 24 11.36 -0.17 2.47
N ASN A 25 10.28 0.61 2.34
CA ASN A 25 10.35 2.02 2.00
C ASN A 25 8.99 2.70 2.17
N ARG A 26 9.00 3.98 2.57
CA ARG A 26 7.78 4.75 2.81
C ARG A 26 7.14 5.23 1.50
N TYR A 27 7.91 5.28 0.40
CA TYR A 27 7.44 5.39 -0.97
C TYR A 27 8.44 4.58 -1.81
N ILE A 28 7.99 3.86 -2.84
CA ILE A 28 8.85 2.99 -3.62
C ILE A 28 9.59 3.71 -4.75
N THR A 29 10.79 3.21 -5.03
CA THR A 29 11.64 3.63 -6.13
C THR A 29 11.03 3.15 -7.44
N ARG A 30 11.19 3.85 -8.58
CA ARG A 30 10.60 3.35 -9.83
C ARG A 30 11.03 1.90 -10.12
N ARG A 31 12.33 1.60 -9.97
CA ARG A 31 12.87 0.27 -10.23
C ARG A 31 12.13 -0.79 -9.40
N ARG A 32 11.94 -0.54 -8.10
CA ARG A 32 11.24 -1.46 -7.24
C ARG A 32 9.73 -1.42 -7.52
N ARG A 33 9.20 -0.25 -7.88
CA ARG A 33 7.77 -0.03 -8.02
C ARG A 33 7.26 -0.81 -9.22
N ILE A 34 7.97 -0.76 -10.35
CA ILE A 34 7.61 -1.58 -11.51
C ILE A 34 7.59 -3.06 -11.11
N ASP A 35 8.67 -3.50 -10.44
CA ASP A 35 8.88 -4.88 -10.03
C ASP A 35 7.66 -5.33 -9.24
N ILE A 36 7.43 -4.67 -8.12
CA ILE A 36 6.27 -4.87 -7.27
C ILE A 36 4.98 -4.81 -8.07
N ALA A 37 4.69 -3.68 -8.70
CA ALA A 37 3.46 -3.48 -9.45
C ALA A 37 3.21 -4.64 -10.39
N ASN A 38 4.27 -5.19 -10.99
CA ASN A 38 4.19 -6.33 -11.87
C ASN A 38 3.91 -7.61 -11.07
N ALA A 39 4.87 -8.03 -10.23
CA ALA A 39 4.84 -9.36 -9.62
C ALA A 39 3.66 -9.48 -8.65
N LEU A 40 3.40 -8.39 -7.96
CA LEU A 40 2.35 -8.20 -6.98
C LEU A 40 1.06 -7.77 -7.69
N SER A 41 1.12 -7.55 -9.02
CA SER A 41 0.00 -7.26 -9.89
C SER A 41 -0.95 -6.22 -9.31
N LEU A 42 -0.41 -5.02 -9.09
CA LEU A 42 -1.15 -3.81 -8.73
C LEU A 42 -0.77 -2.75 -9.78
N SER A 43 -0.80 -1.44 -9.50
CA SER A 43 -0.34 -0.45 -10.47
C SER A 43 0.18 0.82 -9.79
N GLU A 44 1.09 1.54 -10.45
CA GLU A 44 1.83 2.66 -9.87
C GLU A 44 0.93 3.69 -9.18
N ARG A 45 -0.12 4.13 -9.86
CA ARG A 45 -1.07 5.09 -9.29
C ARG A 45 -1.64 4.53 -7.99
N GLN A 46 -2.11 3.29 -8.04
CA GLN A 46 -2.66 2.60 -6.90
C GLN A 46 -1.61 2.61 -5.78
N ILE A 47 -0.39 2.18 -6.10
CA ILE A 47 0.70 2.09 -5.16
C ILE A 47 0.90 3.44 -4.48
N LYS A 48 1.12 4.51 -5.24
CA LYS A 48 1.33 5.82 -4.66
C LYS A 48 0.25 6.10 -3.58
N ILE A 49 -1.02 5.97 -3.96
CA ILE A 49 -2.12 6.23 -3.03
C ILE A 49 -2.10 5.24 -1.85
N TRP A 50 -1.77 3.97 -2.08
CA TRP A 50 -1.71 2.96 -1.02
C TRP A 50 -0.65 3.35 0.00
N PHE A 51 0.57 3.61 -0.45
CA PHE A 51 1.66 3.99 0.45
C PHE A 51 1.26 5.27 1.19
N GLN A 52 0.72 6.26 0.46
CA GLN A 52 0.20 7.47 1.09
C GLN A 52 -0.75 7.11 2.24
N ASN A 53 -1.74 6.25 1.95
CA ASN A 53 -2.78 5.85 2.88
C ASN A 53 -2.11 5.22 4.09
N ARG A 54 -1.14 4.34 3.87
CA ARG A 54 -0.36 3.67 4.89
C ARG A 54 0.23 4.69 5.88
N ARG A 55 0.90 5.73 5.36
CA ARG A 55 1.45 6.81 6.19
C ARG A 55 0.39 7.81 6.65
N MET A 56 -0.89 7.62 6.31
CA MET A 56 -1.99 8.46 6.73
C MET A 56 -3.13 7.58 7.25
N LYS A 57 -2.78 6.52 7.97
CA LYS A 57 -3.76 5.58 8.50
C LYS A 57 -4.19 5.96 9.93
N SER A 58 -3.96 7.22 10.33
CA SER A 58 -4.26 7.79 11.64
C SER A 58 -3.91 6.85 12.80
N LYS A 59 -2.78 6.17 12.61
CA LYS A 59 -2.15 5.25 13.52
C LYS A 59 -0.65 5.34 13.25
N LYS A 60 -0.25 5.10 12.00
CA LYS A 60 1.13 5.28 11.55
C LYS A 60 1.19 6.61 10.82
N ASP A 61 0.76 7.67 11.51
CA ASP A 61 0.33 8.91 10.89
C ASP A 61 0.30 10.00 11.96
N ARG A 62 -0.76 10.02 12.78
CA ARG A 62 -0.94 11.10 13.73
C ARG A 62 0.06 10.98 14.88
N THR A 63 0.36 12.11 15.51
CA THR A 63 1.21 12.25 16.68
C THR A 63 2.55 11.53 16.51
N LEU A 64 3.55 12.32 16.10
CA LEU A 64 4.83 11.81 15.60
C LEU A 64 5.54 10.86 16.56
N ASP A 65 6.53 10.14 16.00
CA ASP A 65 7.14 8.95 16.53
C ASP A 65 6.06 7.92 16.88
N SER A 66 5.03 7.88 16.02
CA SER A 66 3.96 6.92 16.05
C SER A 66 3.33 6.81 17.43
N SER A 67 3.19 7.91 18.17
CA SER A 67 2.92 7.85 19.59
C SER A 67 1.45 7.47 19.84
N PRO A 68 1.17 6.63 20.85
CA PRO A 68 -0.14 6.00 21.03
C PRO A 68 -1.15 6.98 21.66
N GLU A 69 -1.47 8.06 20.96
CA GLU A 69 -2.46 9.02 21.42
C GLU A 69 -3.87 8.45 21.21
N HIS A 70 -4.26 7.45 22.00
CA HIS A 70 -5.54 6.78 21.94
C HIS A 70 -5.61 5.81 23.11
N MET A 1 -14.15 -8.25 -3.47
CA MET A 1 -13.83 -9.45 -4.25
C MET A 1 -15.09 -10.05 -4.86
N ASP A 2 -16.06 -10.39 -4.01
CA ASP A 2 -17.34 -10.92 -4.48
C ASP A 2 -18.14 -9.81 -5.17
N SER A 3 -19.02 -10.24 -6.07
CA SER A 3 -19.95 -9.44 -6.84
C SER A 3 -21.18 -9.15 -5.96
N LYS A 4 -22.38 -8.98 -6.55
CA LYS A 4 -23.66 -8.74 -5.88
C LYS A 4 -23.71 -7.46 -5.03
N ARG A 5 -22.90 -7.37 -3.97
CA ARG A 5 -22.61 -6.17 -3.19
C ARG A 5 -21.27 -5.55 -3.60
N THR A 6 -20.55 -6.18 -4.56
CA THR A 6 -19.44 -5.64 -5.31
C THR A 6 -18.44 -4.91 -4.41
N ARG A 7 -17.42 -5.61 -3.94
CA ARG A 7 -16.37 -5.06 -3.08
C ARG A 7 -15.02 -5.19 -3.77
N GLN A 8 -14.04 -4.39 -3.32
CA GLN A 8 -12.72 -4.18 -3.92
C GLN A 8 -11.94 -5.48 -4.19
N THR A 9 -10.94 -5.36 -5.07
CA THR A 9 -9.80 -6.26 -5.21
C THR A 9 -8.84 -6.04 -4.03
N TYR A 10 -7.69 -6.72 -4.09
CA TYR A 10 -6.75 -7.03 -3.07
C TYR A 10 -7.32 -8.19 -2.24
N THR A 11 -6.44 -8.84 -1.49
CA THR A 11 -6.68 -10.05 -0.74
C THR A 11 -5.84 -9.91 0.52
N ARG A 12 -6.08 -10.68 1.59
CA ARG A 12 -5.22 -10.54 2.76
C ARG A 12 -3.77 -10.81 2.38
N TYR A 13 -3.52 -11.80 1.51
CA TYR A 13 -2.20 -12.01 0.90
C TYR A 13 -1.73 -10.73 0.23
N GLN A 14 -2.47 -10.25 -0.77
CA GLN A 14 -2.03 -9.11 -1.57
C GLN A 14 -1.68 -7.93 -0.67
N THR A 15 -2.59 -7.62 0.25
CA THR A 15 -2.40 -6.56 1.21
C THR A 15 -1.24 -6.88 2.17
N LEU A 16 -0.93 -8.15 2.49
CA LEU A 16 0.25 -8.51 3.27
C LEU A 16 1.49 -8.15 2.46
N GLU A 17 1.47 -8.48 1.16
CA GLU A 17 2.53 -8.17 0.22
C GLU A 17 2.77 -6.65 0.33
N LEU A 18 1.68 -5.89 0.19
CA LEU A 18 1.67 -4.44 0.25
C LEU A 18 2.15 -3.91 1.61
N GLU A 19 1.69 -4.49 2.70
CA GLU A 19 2.16 -4.22 4.04
C GLU A 19 3.70 -4.37 4.12
N LYS A 20 4.27 -5.49 3.65
CA LYS A 20 5.72 -5.63 3.66
C LYS A 20 6.39 -4.61 2.72
N GLU A 21 5.77 -4.27 1.59
CA GLU A 21 6.17 -3.17 0.74
C GLU A 21 6.27 -1.87 1.56
N PHE A 22 5.31 -1.64 2.44
CA PHE A 22 5.36 -0.48 3.33
C PHE A 22 6.57 -0.58 4.26
N HIS A 23 6.76 -1.76 4.86
CA HIS A 23 7.94 -2.03 5.69
C HIS A 23 9.24 -1.90 4.87
N PHE A 24 9.18 -2.14 3.56
CA PHE A 24 10.32 -2.15 2.66
C PHE A 24 10.92 -0.76 2.61
N ASN A 25 10.18 0.22 2.08
CA ASN A 25 10.63 1.60 1.96
C ASN A 25 9.40 2.50 1.83
N ARG A 26 9.33 3.58 2.63
CA ARG A 26 8.24 4.54 2.60
C ARG A 26 8.05 5.16 1.20
N TYR A 27 9.14 5.27 0.43
CA TYR A 27 9.13 5.66 -0.97
C TYR A 27 9.99 4.64 -1.72
N ILE A 28 9.41 3.94 -2.70
CA ILE A 28 10.15 3.01 -3.56
C ILE A 28 10.58 3.76 -4.81
N THR A 29 11.70 3.31 -5.37
CA THR A 29 12.24 3.79 -6.64
C THR A 29 11.25 3.41 -7.74
N ARG A 30 11.12 4.17 -8.83
CA ARG A 30 10.16 3.75 -9.85
C ARG A 30 10.52 2.38 -10.42
N ARG A 31 11.81 2.09 -10.62
CA ARG A 31 12.23 0.76 -11.06
C ARG A 31 11.70 -0.30 -10.10
N ARG A 32 11.95 -0.14 -8.80
CA ARG A 32 11.55 -1.16 -7.84
C ARG A 32 10.02 -1.22 -7.73
N ARG A 33 9.36 -0.06 -7.75
CA ARG A 33 7.91 0.02 -7.60
C ARG A 33 7.26 -0.65 -8.82
N ILE A 34 7.76 -0.41 -10.04
CA ILE A 34 7.31 -1.12 -11.25
C ILE A 34 7.58 -2.61 -11.09
N ASP A 35 8.78 -2.98 -10.67
CA ASP A 35 9.19 -4.38 -10.50
C ASP A 35 8.14 -5.07 -9.61
N ILE A 36 8.04 -4.61 -8.37
CA ILE A 36 7.10 -5.10 -7.41
C ILE A 36 5.70 -5.13 -8.01
N ALA A 37 5.20 -3.98 -8.48
CA ALA A 37 3.87 -3.86 -9.05
C ALA A 37 3.66 -4.90 -10.15
N ASN A 38 4.69 -5.15 -10.96
CA ASN A 38 4.61 -6.07 -12.07
C ASN A 38 4.44 -7.50 -11.55
N ALA A 39 5.27 -7.88 -10.58
CA ALA A 39 5.19 -9.18 -9.94
C ALA A 39 3.86 -9.37 -9.18
N LEU A 40 3.40 -8.30 -8.52
CA LEU A 40 2.27 -8.33 -7.59
C LEU A 40 0.96 -8.26 -8.38
N SER A 41 1.00 -7.59 -9.53
CA SER A 41 -0.09 -7.34 -10.47
C SER A 41 -0.89 -6.10 -10.04
N LEU A 42 -0.18 -4.98 -9.86
CA LEU A 42 -0.68 -3.71 -9.34
C LEU A 42 -0.02 -2.55 -10.11
N SER A 43 0.00 -1.31 -9.60
CA SER A 43 0.63 -0.19 -10.32
C SER A 43 1.27 0.82 -9.37
N GLU A 44 2.13 1.69 -9.92
CA GLU A 44 2.64 2.84 -9.18
C GLU A 44 1.49 3.76 -8.76
N ARG A 45 0.47 3.90 -9.61
CA ARG A 45 -0.70 4.70 -9.30
C ARG A 45 -1.36 4.16 -8.04
N GLN A 46 -1.69 2.86 -8.03
CA GLN A 46 -2.21 2.25 -6.82
C GLN A 46 -1.26 2.48 -5.65
N ILE A 47 -0.02 2.04 -5.80
CA ILE A 47 0.94 2.06 -4.70
C ILE A 47 1.06 3.47 -4.13
N LYS A 48 1.16 4.50 -4.99
CA LYS A 48 1.22 5.88 -4.56
C LYS A 48 0.09 6.14 -3.54
N ILE A 49 -1.16 5.91 -3.97
CA ILE A 49 -2.34 6.17 -3.15
C ILE A 49 -2.36 5.28 -1.89
N TRP A 50 -2.06 3.99 -2.02
CA TRP A 50 -2.04 3.07 -0.89
C TRP A 50 -1.05 3.59 0.15
N PHE A 51 0.18 3.95 -0.25
CA PHE A 51 1.21 4.44 0.66
C PHE A 51 0.82 5.78 1.27
N GLN A 52 0.16 6.64 0.48
CA GLN A 52 -0.42 7.87 1.01
C GLN A 52 -1.32 7.51 2.20
N ASN A 53 -2.28 6.61 1.93
CA ASN A 53 -3.29 6.19 2.85
C ASN A 53 -2.62 5.57 4.09
N ARG A 54 -1.60 4.74 3.88
CA ARG A 54 -1.00 3.94 4.92
C ARG A 54 -0.08 4.78 5.79
N ARG A 55 0.64 5.76 5.23
CA ARG A 55 1.41 6.64 6.07
C ARG A 55 0.46 7.54 6.86
N MET A 56 -0.45 8.24 6.17
CA MET A 56 -1.45 9.06 6.84
C MET A 56 -2.66 8.20 7.17
N LYS A 57 -2.44 7.13 7.94
CA LYS A 57 -3.46 6.18 8.30
C LYS A 57 -4.44 6.73 9.36
N SER A 58 -4.24 7.95 9.85
CA SER A 58 -5.00 8.51 10.96
C SER A 58 -5.06 7.53 12.14
N LYS A 59 -3.90 6.94 12.44
CA LYS A 59 -3.67 6.10 13.59
C LYS A 59 -2.18 6.17 13.87
N LYS A 60 -1.36 5.83 12.87
CA LYS A 60 0.09 5.97 12.97
C LYS A 60 0.45 7.37 12.48
N ASP A 61 -0.31 8.38 12.90
CA ASP A 61 -0.38 9.63 12.17
C ASP A 61 -1.07 10.74 12.99
N ARG A 62 -2.40 10.81 12.96
CA ARG A 62 -3.14 11.85 13.68
C ARG A 62 -3.23 11.45 15.15
N THR A 63 -2.45 12.13 16.00
CA THR A 63 -2.32 11.87 17.43
C THR A 63 -1.99 10.40 17.73
N LEU A 64 -2.18 9.99 18.98
CA LEU A 64 -1.89 8.65 19.47
C LEU A 64 -3.12 8.12 20.22
N ASP A 65 -3.86 7.22 19.59
CA ASP A 65 -5.09 6.63 20.06
C ASP A 65 -4.81 5.35 20.88
N SER A 66 -3.57 5.17 21.34
CA SER A 66 -3.12 3.95 21.99
C SER A 66 -3.49 2.72 21.13
N SER A 67 -4.04 1.66 21.74
CA SER A 67 -4.64 0.55 21.02
C SER A 67 -5.75 0.01 21.93
N PRO A 68 -6.82 -0.59 21.37
CA PRO A 68 -7.79 -1.33 22.15
C PRO A 68 -7.16 -2.65 22.61
N GLU A 69 -7.79 -3.27 23.60
CA GLU A 69 -7.45 -4.58 24.11
C GLU A 69 -8.76 -5.24 24.60
N HIS A 70 -8.76 -5.83 25.79
CA HIS A 70 -9.92 -6.42 26.44
C HIS A 70 -9.82 -6.05 27.92
N MET A 1 -7.61 2.95 -20.15
CA MET A 1 -7.76 4.40 -19.99
C MET A 1 -8.24 4.67 -18.56
N ASP A 2 -8.06 5.89 -18.05
CA ASP A 2 -8.38 6.24 -16.67
C ASP A 2 -9.90 6.26 -16.45
N SER A 3 -10.49 5.07 -16.32
CA SER A 3 -11.92 4.86 -16.10
C SER A 3 -12.48 5.74 -15.00
N LYS A 4 -13.72 6.21 -15.17
CA LYS A 4 -14.45 6.91 -14.15
C LYS A 4 -14.75 6.00 -12.94
N ARG A 5 -14.79 4.67 -13.14
CA ARG A 5 -15.19 3.70 -12.14
C ARG A 5 -14.18 2.57 -12.02
N THR A 6 -14.33 1.75 -10.97
CA THR A 6 -13.65 0.48 -10.73
C THR A 6 -12.15 0.52 -11.00
N ARG A 7 -11.37 0.80 -9.96
CA ARG A 7 -9.94 0.95 -10.01
C ARG A 7 -9.30 -0.15 -9.15
N GLN A 8 -9.54 -1.41 -9.55
CA GLN A 8 -9.08 -2.64 -8.94
C GLN A 8 -9.49 -2.76 -7.46
N THR A 9 -9.23 -3.93 -6.90
CA THR A 9 -9.48 -4.32 -5.54
C THR A 9 -8.31 -5.21 -5.10
N TYR A 10 -7.74 -4.92 -3.94
CA TYR A 10 -6.63 -5.66 -3.36
C TYR A 10 -7.13 -6.96 -2.72
N THR A 11 -6.18 -7.75 -2.19
CA THR A 11 -6.44 -9.01 -1.51
C THR A 11 -5.76 -9.00 -0.14
N ARG A 12 -6.05 -10.00 0.70
CA ARG A 12 -5.35 -10.18 1.97
C ARG A 12 -3.86 -10.34 1.71
N TYR A 13 -3.50 -11.24 0.77
CA TYR A 13 -2.12 -11.47 0.38
C TYR A 13 -1.52 -10.14 -0.09
N GLN A 14 -2.19 -9.47 -1.04
CA GLN A 14 -1.71 -8.23 -1.61
C GLN A 14 -1.41 -7.22 -0.50
N THR A 15 -2.36 -7.05 0.42
CA THR A 15 -2.20 -6.15 1.55
C THR A 15 -1.02 -6.57 2.41
N LEU A 16 -0.82 -7.87 2.66
CA LEU A 16 0.37 -8.34 3.35
C LEU A 16 1.61 -7.88 2.59
N GLU A 17 1.68 -8.16 1.28
CA GLU A 17 2.81 -7.78 0.46
C GLU A 17 3.08 -6.28 0.55
N LEU A 18 2.00 -5.48 0.54
CA LEU A 18 2.07 -4.03 0.59
C LEU A 18 2.48 -3.49 1.98
N GLU A 19 1.98 -4.06 3.08
CA GLU A 19 2.53 -3.83 4.40
C GLU A 19 4.04 -4.12 4.40
N LYS A 20 4.42 -5.29 3.89
CA LYS A 20 5.80 -5.69 3.69
C LYS A 20 6.56 -4.68 2.80
N GLU A 21 5.91 -4.09 1.82
CA GLU A 21 6.45 -3.01 1.00
C GLU A 21 6.75 -1.77 1.85
N PHE A 22 5.86 -1.43 2.78
CA PHE A 22 6.08 -0.31 3.68
C PHE A 22 7.30 -0.59 4.55
N HIS A 23 7.45 -1.84 5.00
CA HIS A 23 8.67 -2.32 5.63
C HIS A 23 9.88 -2.22 4.67
N PHE A 24 9.67 -2.48 3.38
CA PHE A 24 10.71 -2.43 2.35
C PHE A 24 11.24 -1.00 2.24
N ASN A 25 10.33 -0.02 2.34
CA ASN A 25 10.58 1.37 2.67
C ASN A 25 9.28 2.16 2.49
N ARG A 26 9.26 3.39 3.00
CA ARG A 26 8.04 4.19 3.10
C ARG A 26 7.49 4.64 1.74
N TYR A 27 8.28 4.58 0.66
CA TYR A 27 7.87 5.00 -0.67
C TYR A 27 8.95 4.57 -1.67
N ILE A 28 8.70 3.51 -2.45
CA ILE A 28 9.73 2.92 -3.29
C ILE A 28 10.24 3.85 -4.40
N THR A 29 11.33 3.45 -5.04
CA THR A 29 11.80 3.99 -6.31
C THR A 29 10.87 3.48 -7.42
N ARG A 30 10.64 4.26 -8.48
CA ARG A 30 9.74 3.80 -9.52
C ARG A 30 10.23 2.48 -10.14
N ARG A 31 11.54 2.28 -10.31
CA ARG A 31 12.04 0.99 -10.79
C ARG A 31 11.52 -0.15 -9.89
N ARG A 32 11.71 -0.02 -8.58
CA ARG A 32 11.31 -1.09 -7.68
C ARG A 32 9.78 -1.24 -7.65
N ARG A 33 9.09 -0.14 -7.85
CA ARG A 33 7.64 -0.08 -7.72
C ARG A 33 6.96 -0.60 -8.99
N ILE A 34 7.55 -0.36 -10.15
CA ILE A 34 7.22 -1.07 -11.39
C ILE A 34 7.47 -2.56 -11.18
N ASP A 35 8.64 -2.91 -10.65
CA ASP A 35 9.08 -4.28 -10.42
C ASP A 35 8.02 -5.00 -9.59
N ILE A 36 7.80 -4.52 -8.37
CA ILE A 36 6.77 -5.03 -7.51
C ILE A 36 5.42 -5.00 -8.21
N ALA A 37 4.97 -3.86 -8.73
CA ALA A 37 3.70 -3.79 -9.45
C ALA A 37 3.57 -4.90 -10.48
N ASN A 38 4.69 -5.28 -11.12
CA ASN A 38 4.68 -6.37 -12.07
C ASN A 38 4.43 -7.68 -11.33
N ALA A 39 5.37 -8.08 -10.47
CA ALA A 39 5.32 -9.35 -9.76
C ALA A 39 4.05 -9.52 -8.90
N LEU A 40 3.53 -8.42 -8.38
CA LEU A 40 2.40 -8.34 -7.45
C LEU A 40 1.09 -8.14 -8.24
N SER A 41 1.17 -7.97 -9.57
CA SER A 41 0.05 -7.68 -10.45
C SER A 41 -0.81 -6.50 -9.98
N LEU A 42 -0.16 -5.35 -9.76
CA LEU A 42 -0.80 -4.08 -9.43
C LEU A 42 -0.22 -2.96 -10.31
N SER A 43 -0.22 -1.68 -9.89
CA SER A 43 0.38 -0.59 -10.65
C SER A 43 0.89 0.51 -9.73
N GLU A 44 1.78 1.36 -10.24
CA GLU A 44 2.38 2.42 -9.45
C GLU A 44 1.34 3.42 -8.96
N ARG A 45 0.31 3.68 -9.77
CA ARG A 45 -0.80 4.53 -9.37
C ARG A 45 -1.40 3.97 -8.07
N GLN A 46 -1.78 2.70 -8.12
CA GLN A 46 -2.40 1.99 -7.02
C GLN A 46 -1.48 2.03 -5.79
N ILE A 47 -0.22 1.59 -5.96
CA ILE A 47 0.75 1.54 -4.89
C ILE A 47 0.98 2.94 -4.31
N LYS A 48 1.04 3.97 -5.17
CA LYS A 48 1.24 5.33 -4.70
C LYS A 48 0.13 5.68 -3.70
N ILE A 49 -1.12 5.45 -4.10
CA ILE A 49 -2.31 5.72 -3.30
C ILE A 49 -2.29 4.88 -2.02
N TRP A 50 -2.03 3.57 -2.13
CA TRP A 50 -1.95 2.70 -0.96
C TRP A 50 -0.91 3.25 0.03
N PHE A 51 0.25 3.67 -0.47
CA PHE A 51 1.27 4.25 0.39
C PHE A 51 0.76 5.48 1.11
N GLN A 52 0.00 6.32 0.39
CA GLN A 52 -0.62 7.50 0.96
C GLN A 52 -1.63 7.11 2.05
N ASN A 53 -2.47 6.10 1.77
CA ASN A 53 -3.37 5.46 2.72
C ASN A 53 -2.68 5.21 4.06
N ARG A 54 -1.47 4.64 3.97
CA ARG A 54 -0.82 4.04 5.12
C ARG A 54 -0.04 5.08 5.92
N ARG A 55 0.93 5.78 5.29
CA ARG A 55 1.75 6.86 5.79
C ARG A 55 1.94 6.95 7.30
N MET A 56 2.17 5.80 7.94
CA MET A 56 2.17 5.67 9.38
C MET A 56 0.97 6.40 9.99
N LYS A 57 -0.23 5.87 9.73
CA LYS A 57 -1.57 6.43 9.95
C LYS A 57 -1.92 6.91 11.38
N SER A 58 -0.96 7.02 12.30
CA SER A 58 -1.11 7.20 13.74
C SER A 58 -2.00 6.13 14.39
N LYS A 59 -2.27 5.05 13.64
CA LYS A 59 -2.88 3.82 14.08
C LYS A 59 -2.61 2.75 13.01
N LYS A 60 -1.39 2.78 12.46
CA LYS A 60 -0.68 1.70 11.76
C LYS A 60 0.77 2.16 11.58
N ASP A 61 1.30 2.70 12.66
CA ASP A 61 2.58 3.36 12.83
C ASP A 61 3.37 2.60 13.91
N ARG A 62 2.74 2.36 15.06
CA ARG A 62 3.29 1.44 16.07
C ARG A 62 3.39 0.05 15.43
N THR A 63 4.56 -0.57 15.47
CA THR A 63 4.68 -1.98 15.13
C THR A 63 3.99 -2.83 16.18
N LEU A 64 3.50 -4.00 15.79
CA LEU A 64 3.19 -5.09 16.70
C LEU A 64 4.48 -5.85 16.98
N ASP A 65 4.37 -6.91 17.80
CA ASP A 65 5.45 -7.77 18.25
C ASP A 65 6.57 -6.91 18.83
N SER A 66 6.24 -6.27 19.94
CA SER A 66 6.93 -5.09 20.45
C SER A 66 8.28 -5.43 21.09
N SER A 67 9.24 -5.88 20.29
CA SER A 67 10.62 -6.12 20.70
C SER A 67 10.73 -7.18 21.81
N PRO A 68 10.38 -8.44 21.51
CA PRO A 68 10.61 -9.54 22.44
C PRO A 68 12.11 -9.84 22.56
N GLU A 69 12.45 -10.79 23.42
CA GLU A 69 13.77 -11.39 23.56
C GLU A 69 13.53 -12.89 23.76
N HIS A 70 14.54 -13.73 23.51
CA HIS A 70 14.44 -15.18 23.60
C HIS A 70 15.57 -15.72 24.50
N MET A 1 -7.85 0.29 -17.19
CA MET A 1 -7.39 1.47 -17.98
C MET A 1 -7.88 2.73 -17.29
N ASP A 2 -9.21 2.80 -17.20
CA ASP A 2 -10.05 3.56 -16.30
C ASP A 2 -9.46 3.75 -14.90
N SER A 3 -10.10 4.62 -14.11
CA SER A 3 -9.92 4.73 -12.68
C SER A 3 -8.59 5.36 -12.26
N LYS A 4 -8.62 6.67 -12.02
CA LYS A 4 -7.52 7.38 -11.40
C LYS A 4 -7.38 6.97 -9.92
N ARG A 5 -8.50 6.62 -9.26
CA ARG A 5 -8.58 6.38 -7.82
C ARG A 5 -9.15 4.99 -7.53
N THR A 6 -8.27 4.02 -7.27
CA THR A 6 -8.55 2.77 -6.56
C THR A 6 -9.86 2.09 -6.96
N ARG A 7 -9.79 1.16 -7.91
CA ARG A 7 -10.96 0.51 -8.50
C ARG A 7 -10.68 -0.94 -8.89
N GLN A 8 -9.43 -1.30 -9.20
CA GLN A 8 -9.00 -2.68 -9.17
C GLN A 8 -8.99 -3.12 -7.72
N THR A 9 -9.38 -4.37 -7.43
CA THR A 9 -9.34 -4.95 -6.10
C THR A 9 -7.89 -5.27 -5.71
N TYR A 10 -7.68 -5.65 -4.45
CA TYR A 10 -6.39 -6.06 -3.90
C TYR A 10 -6.66 -7.33 -3.10
N THR A 11 -5.81 -8.35 -3.27
CA THR A 11 -5.93 -9.59 -2.51
C THR A 11 -5.37 -9.43 -1.08
N ARG A 12 -5.71 -10.40 -0.22
CA ARG A 12 -5.16 -10.50 1.13
C ARG A 12 -3.63 -10.59 1.02
N TYR A 13 -3.14 -11.55 0.22
CA TYR A 13 -1.73 -11.70 -0.09
C TYR A 13 -1.14 -10.36 -0.53
N GLN A 14 -1.76 -9.75 -1.55
CA GLN A 14 -1.26 -8.53 -2.15
C GLN A 14 -1.07 -7.47 -1.07
N THR A 15 -2.12 -7.25 -0.28
CA THR A 15 -2.06 -6.32 0.84
C THR A 15 -0.95 -6.70 1.80
N LEU A 16 -0.84 -7.97 2.23
CA LEU A 16 0.19 -8.41 3.16
C LEU A 16 1.58 -8.05 2.64
N GLU A 17 1.86 -8.39 1.38
CA GLU A 17 3.13 -8.11 0.74
C GLU A 17 3.40 -6.61 0.82
N LEU A 18 2.40 -5.80 0.44
CA LEU A 18 2.49 -4.35 0.48
C LEU A 18 2.72 -3.81 1.91
N GLU A 19 2.04 -4.37 2.91
CA GLU A 19 2.30 -4.14 4.31
C GLU A 19 3.78 -4.43 4.66
N LYS A 20 4.34 -5.54 4.18
CA LYS A 20 5.79 -5.76 4.28
C LYS A 20 6.51 -4.55 3.65
N GLU A 21 6.12 -4.20 2.42
CA GLU A 21 6.81 -3.21 1.62
C GLU A 21 6.87 -1.88 2.37
N PHE A 22 5.83 -1.59 3.14
CA PHE A 22 5.73 -0.36 3.92
C PHE A 22 6.84 -0.29 4.98
N HIS A 23 7.38 -1.43 5.40
CA HIS A 23 8.53 -1.51 6.28
C HIS A 23 9.84 -1.40 5.49
N PHE A 24 9.84 -1.69 4.19
CA PHE A 24 11.02 -1.74 3.34
C PHE A 24 11.28 -0.29 2.88
N ASN A 25 10.27 0.34 2.27
CA ASN A 25 10.36 1.65 1.65
C ASN A 25 9.11 2.46 2.00
N ARG A 26 9.28 3.73 2.37
CA ARG A 26 8.13 4.59 2.63
C ARG A 26 7.44 4.99 1.32
N TYR A 27 8.22 5.27 0.26
CA TYR A 27 7.79 5.35 -1.13
C TYR A 27 8.77 4.44 -1.88
N ILE A 28 8.32 3.43 -2.64
CA ILE A 28 9.26 2.60 -3.39
C ILE A 28 9.87 3.36 -4.57
N THR A 29 11.12 2.98 -4.88
CA THR A 29 11.86 3.44 -6.04
C THR A 29 11.09 3.05 -7.29
N ARG A 30 11.11 3.87 -8.35
CA ARG A 30 10.34 3.54 -9.55
C ARG A 30 10.66 2.15 -10.06
N ARG A 31 11.94 1.75 -10.08
CA ARG A 31 12.30 0.43 -10.59
C ARG A 31 11.62 -0.64 -9.73
N ARG A 32 11.86 -0.60 -8.41
CA ARG A 32 11.29 -1.58 -7.50
C ARG A 32 9.77 -1.54 -7.57
N ARG A 33 9.19 -0.36 -7.76
CA ARG A 33 7.75 -0.18 -7.79
C ARG A 33 7.14 -0.75 -9.07
N ILE A 34 7.78 -0.57 -10.23
CA ILE A 34 7.34 -1.22 -11.46
C ILE A 34 7.43 -2.74 -11.27
N ASP A 35 8.55 -3.21 -10.71
CA ASP A 35 8.81 -4.61 -10.42
C ASP A 35 7.65 -5.16 -9.60
N ILE A 36 7.46 -4.61 -8.40
CA ILE A 36 6.40 -5.00 -7.50
C ILE A 36 5.04 -4.86 -8.18
N ALA A 37 4.70 -3.70 -8.75
CA ALA A 37 3.45 -3.53 -9.48
C ALA A 37 3.22 -4.68 -10.44
N ASN A 38 4.30 -5.15 -11.10
CA ASN A 38 4.22 -6.28 -12.00
C ASN A 38 3.99 -7.59 -11.22
N ALA A 39 5.00 -8.06 -10.48
CA ALA A 39 5.00 -9.37 -9.84
C ALA A 39 3.91 -9.52 -8.78
N LEU A 40 3.63 -8.43 -8.07
CA LEU A 40 2.64 -8.28 -7.01
C LEU A 40 1.28 -7.92 -7.62
N SER A 41 1.21 -7.72 -8.95
CA SER A 41 -0.01 -7.50 -9.72
C SER A 41 -0.89 -6.38 -9.16
N LEU A 42 -0.38 -5.14 -9.16
CA LEU A 42 -1.12 -3.91 -8.85
C LEU A 42 -0.69 -2.80 -9.82
N SER A 43 -1.19 -1.56 -9.65
CA SER A 43 -0.78 -0.43 -10.49
C SER A 43 0.05 0.58 -9.71
N GLU A 44 0.77 1.42 -10.45
CA GLU A 44 1.46 2.56 -9.84
C GLU A 44 0.42 3.49 -9.20
N ARG A 45 -0.70 3.77 -9.88
CA ARG A 45 -1.78 4.57 -9.36
C ARG A 45 -2.14 4.11 -7.95
N GLN A 46 -2.50 2.83 -7.83
CA GLN A 46 -2.88 2.24 -6.57
C GLN A 46 -1.75 2.38 -5.60
N ILE A 47 -0.59 1.81 -5.90
CA ILE A 47 0.50 1.69 -4.94
C ILE A 47 0.92 3.07 -4.43
N LYS A 48 1.09 4.03 -5.35
CA LYS A 48 1.46 5.40 -5.04
C LYS A 48 0.48 5.96 -4.00
N ILE A 49 -0.84 5.86 -4.26
CA ILE A 49 -1.81 6.29 -3.26
C ILE A 49 -1.62 5.50 -1.97
N TRP A 50 -1.58 4.17 -2.08
CA TRP A 50 -1.60 3.27 -0.95
C TRP A 50 -0.53 3.68 0.06
N PHE A 51 0.73 3.83 -0.36
CA PHE A 51 1.78 4.25 0.57
C PHE A 51 1.46 5.60 1.20
N GLN A 52 0.89 6.52 0.41
CA GLN A 52 0.53 7.83 0.93
C GLN A 52 -0.49 7.66 2.07
N ASN A 53 -1.50 6.84 1.81
CA ASN A 53 -2.60 6.52 2.72
C ASN A 53 -2.09 5.85 4.00
N ARG A 54 -1.34 4.78 3.81
CA ARG A 54 -0.88 3.85 4.83
C ARG A 54 -0.03 4.53 5.91
N ARG A 55 0.60 5.66 5.59
CA ARG A 55 1.22 6.52 6.60
C ARG A 55 0.25 6.81 7.75
N MET A 56 -1.03 7.01 7.44
CA MET A 56 -2.09 7.16 8.42
C MET A 56 -2.97 5.90 8.40
N LYS A 57 -2.37 4.71 8.54
CA LYS A 57 -3.06 3.41 8.59
C LYS A 57 -3.98 3.23 9.82
N SER A 58 -4.35 4.30 10.53
CA SER A 58 -5.20 4.28 11.72
C SER A 58 -4.79 3.18 12.71
N LYS A 59 -3.47 3.01 12.86
CA LYS A 59 -2.86 2.03 13.75
C LYS A 59 -1.40 2.45 13.95
N LYS A 60 -0.71 2.77 12.84
CA LYS A 60 0.62 3.36 12.88
C LYS A 60 0.51 4.89 12.81
N ASP A 61 -0.55 5.42 13.40
CA ASP A 61 -0.78 6.82 13.66
C ASP A 61 -0.33 7.09 15.10
N ARG A 62 -1.08 6.55 16.06
CA ARG A 62 -1.18 6.94 17.48
C ARG A 62 -0.49 8.25 17.84
N THR A 63 -0.88 9.30 17.10
CA THR A 63 -0.66 10.72 17.25
C THR A 63 -1.25 11.34 15.98
N LEU A 64 -1.22 12.67 15.87
CA LEU A 64 -1.60 13.40 14.67
C LEU A 64 -0.93 14.75 14.80
N ASP A 65 -0.25 15.23 13.75
CA ASP A 65 0.46 16.49 13.78
C ASP A 65 -0.56 17.60 13.57
N SER A 66 -1.42 17.78 14.58
CA SER A 66 -2.54 18.69 14.51
C SER A 66 -2.06 20.12 14.74
N SER A 67 -1.08 20.58 13.95
CA SER A 67 -0.40 21.85 14.13
C SER A 67 -0.58 22.74 12.89
N PRO A 68 -1.79 23.19 12.57
CA PRO A 68 -2.06 24.01 11.40
C PRO A 68 -1.58 25.46 11.65
N GLU A 69 -0.27 25.65 11.77
CA GLU A 69 0.35 26.95 11.95
C GLU A 69 0.39 27.66 10.59
N HIS A 70 -0.80 27.96 10.05
CA HIS A 70 -0.99 28.51 8.72
C HIS A 70 -2.39 29.13 8.65
#